data_3HFF
# 
_entry.id   3HFF 
# 
_audit_conform.dict_name       mmcif_pdbx.dic 
_audit_conform.dict_version    5.392 
_audit_conform.dict_location   http://mmcif.pdb.org/dictionaries/ascii/mmcif_pdbx.dic 
# 
loop_
_database_2.database_id 
_database_2.database_code 
_database_2.pdbx_database_accession 
_database_2.pdbx_DOI 
PDB   3HFF         pdb_00003hff 10.2210/pdb3hff/pdb 
RCSB  RCSB053068   ?            ?                   
WWPDB D_1000053068 ?            ?                   
# 
loop_
_pdbx_audit_revision_history.ordinal 
_pdbx_audit_revision_history.data_content_type 
_pdbx_audit_revision_history.major_revision 
_pdbx_audit_revision_history.minor_revision 
_pdbx_audit_revision_history.revision_date 
1 'Structure model' 1 0 2009-06-16 
2 'Structure model' 1 1 2011-07-13 
3 'Structure model' 1 2 2017-11-01 
4 'Structure model' 1 3 2021-11-10 
5 'Structure model' 1 4 2024-05-29 
# 
_pdbx_audit_revision_details.ordinal             1 
_pdbx_audit_revision_details.revision_ordinal    1 
_pdbx_audit_revision_details.data_content_type   'Structure model' 
_pdbx_audit_revision_details.provider            repository 
_pdbx_audit_revision_details.type                'Initial release' 
_pdbx_audit_revision_details.description         ? 
_pdbx_audit_revision_details.details             ? 
# 
loop_
_pdbx_audit_revision_group.ordinal 
_pdbx_audit_revision_group.revision_ordinal 
_pdbx_audit_revision_group.data_content_type 
_pdbx_audit_revision_group.group 
1 2 'Structure model' Advisory                    
2 2 'Structure model' 'Refinement description'    
3 2 'Structure model' 'Version format compliance' 
4 3 'Structure model' 'Data collection'           
5 3 'Structure model' 'Refinement description'    
6 4 'Structure model' 'Database references'       
7 4 'Structure model' 'Derived calculations'      
8 5 'Structure model' 'Data collection'           
# 
loop_
_pdbx_audit_revision_category.ordinal 
_pdbx_audit_revision_category.revision_ordinal 
_pdbx_audit_revision_category.data_content_type 
_pdbx_audit_revision_category.category 
1 3 'Structure model' diffrn_source      
2 3 'Structure model' software           
3 4 'Structure model' database_2         
4 4 'Structure model' struct_ref_seq_dif 
5 4 'Structure model' struct_site        
6 5 'Structure model' chem_comp_atom     
7 5 'Structure model' chem_comp_bond     
# 
loop_
_pdbx_audit_revision_item.ordinal 
_pdbx_audit_revision_item.revision_ordinal 
_pdbx_audit_revision_item.data_content_type 
_pdbx_audit_revision_item.item 
1 3 'Structure model' '_diffrn_source.pdbx_synchrotron_site' 
2 3 'Structure model' '_software.name'                       
3 4 'Structure model' '_database_2.pdbx_DOI'                 
4 4 'Structure model' '_database_2.pdbx_database_accession'  
5 4 'Structure model' '_struct_ref_seq_dif.details'          
6 4 'Structure model' '_struct_site.pdbx_auth_asym_id'       
7 4 'Structure model' '_struct_site.pdbx_auth_comp_id'       
8 4 'Structure model' '_struct_site.pdbx_auth_seq_id'        
# 
_pdbx_database_status.status_code                     REL 
_pdbx_database_status.entry_id                        3HFF 
_pdbx_database_status.recvd_initial_deposition_date   2009-05-11 
_pdbx_database_status.deposit_site                    RCSB 
_pdbx_database_status.process_site                    PDBJ 
_pdbx_database_status.status_code_sf                  REL 
_pdbx_database_status.status_code_mr                  ? 
_pdbx_database_status.SG_entry                        ? 
_pdbx_database_status.pdb_format_compatible           Y 
_pdbx_database_status.status_code_cs                  ? 
_pdbx_database_status.methods_development_category    ? 
_pdbx_database_status.status_code_nmr_data            ? 
# 
loop_
_audit_author.name 
_audit_author.pdbx_ordinal 
'Saraboji, K.'   1 
'Nordlund, A.'   2 
'Leinartait, L.' 3 
'Oliveberg, M.'  4 
'Logan, D.T.'    5 
# 
_citation.id                        primary 
_citation.title                     'Functional features cause misfolding of the ALS-provoking enzyme SOD1.' 
_citation.journal_abbrev            Proc.Natl.Acad.Sci.USA 
_citation.journal_volume            106 
_citation.page_first                9667 
_citation.page_last                 9672 
_citation.year                      2009 
_citation.journal_id_ASTM           PNASA6 
_citation.country                   US 
_citation.journal_id_ISSN           0027-8424 
_citation.journal_id_CSD            0040 
_citation.book_publisher            ? 
_citation.pdbx_database_id_PubMed   19497878 
_citation.pdbx_database_id_DOI      10.1073/pnas.0812046106 
# 
loop_
_citation_author.citation_id 
_citation_author.name 
_citation_author.ordinal 
_citation_author.identifier_ORCID 
primary 'Nordlund, A.'    1 ? 
primary 'Leinartaite, L.' 2 ? 
primary 'Saraboji, K.'    3 ? 
primary 'Aisenbrey, C.'   4 ? 
primary 'Grobner, G.'     5 ? 
primary 'Zetterstrom, P.' 6 ? 
primary 'Danielsson, J.'  7 ? 
primary 'Logan, D.T.'     8 ? 
primary 'Oliveberg, M.'   9 ? 
# 
loop_
_entity.id 
_entity.type 
_entity.src_method 
_entity.pdbx_description 
_entity.formula_weight 
_entity.pdbx_number_of_molecules 
_entity.pdbx_ec 
_entity.pdbx_mutation 
_entity.pdbx_fragment 
_entity.details 
1 polymer     man 'Superoxide dismutase [Cu-Zn]' 15636.213 1  1.15.1.1 'C6A, C111A, F50E, G51E, H63S, H71S, H80S, D83S' ? ? 
2 non-polymer syn 'ZINC ION'                     65.409    5  ?        ?                                                ? ? 
3 water       nat water                          18.015    28 ?        ?                                                ? ? 
# 
_entity_name_com.entity_id   1 
_entity_name_com.name        'CU/ZN SUPEROXIDE DISMUTASE' 
# 
_entity_poly.entity_id                      1 
_entity_poly.type                           'polypeptide(L)' 
_entity_poly.nstd_linkage                   no 
_entity_poly.nstd_monomer                   no 
_entity_poly.pdbx_seq_one_letter_code       
;ATKAVAVLKGDGPVQGIINFEQKESNGPVKVWGSIKGLTEGLHGFHVHEEEDNTAGCTSAGPSFNPLSRKSGGPKDEERS
VGSLGNVTADKDGVADVSIEDSVISLSGDHAIIGRTLVVHEKADDLGKGGNEESTKTGNAGSRLACGVIGIAQ
;
_entity_poly.pdbx_seq_one_letter_code_can   
;ATKAVAVLKGDGPVQGIINFEQKESNGPVKVWGSIKGLTEGLHGFHVHEEEDNTAGCTSAGPSFNPLSRKSGGPKDEERS
VGSLGNVTADKDGVADVSIEDSVISLSGDHAIIGRTLVVHEKADDLGKGGNEESTKTGNAGSRLACGVIGIAQ
;
_entity_poly.pdbx_strand_id                 A 
_entity_poly.pdbx_target_identifier         ? 
# 
loop_
_pdbx_entity_nonpoly.entity_id 
_pdbx_entity_nonpoly.name 
_pdbx_entity_nonpoly.comp_id 
2 'ZINC ION' ZN  
3 water      HOH 
# 
loop_
_entity_poly_seq.entity_id 
_entity_poly_seq.num 
_entity_poly_seq.mon_id 
_entity_poly_seq.hetero 
1 1   ALA n 
1 2   THR n 
1 3   LYS n 
1 4   ALA n 
1 5   VAL n 
1 6   ALA n 
1 7   VAL n 
1 8   LEU n 
1 9   LYS n 
1 10  GLY n 
1 11  ASP n 
1 12  GLY n 
1 13  PRO n 
1 14  VAL n 
1 15  GLN n 
1 16  GLY n 
1 17  ILE n 
1 18  ILE n 
1 19  ASN n 
1 20  PHE n 
1 21  GLU n 
1 22  GLN n 
1 23  LYS n 
1 24  GLU n 
1 25  SER n 
1 26  ASN n 
1 27  GLY n 
1 28  PRO n 
1 29  VAL n 
1 30  LYS n 
1 31  VAL n 
1 32  TRP n 
1 33  GLY n 
1 34  SER n 
1 35  ILE n 
1 36  LYS n 
1 37  GLY n 
1 38  LEU n 
1 39  THR n 
1 40  GLU n 
1 41  GLY n 
1 42  LEU n 
1 43  HIS n 
1 44  GLY n 
1 45  PHE n 
1 46  HIS n 
1 47  VAL n 
1 48  HIS n 
1 49  GLU n 
1 50  GLU n 
1 51  GLU n 
1 52  ASP n 
1 53  ASN n 
1 54  THR n 
1 55  ALA n 
1 56  GLY n 
1 57  CYS n 
1 58  THR n 
1 59  SER n 
1 60  ALA n 
1 61  GLY n 
1 62  PRO n 
1 63  SER n 
1 64  PHE n 
1 65  ASN n 
1 66  PRO n 
1 67  LEU n 
1 68  SER n 
1 69  ARG n 
1 70  LYS n 
1 71  SER n 
1 72  GLY n 
1 73  GLY n 
1 74  PRO n 
1 75  LYS n 
1 76  ASP n 
1 77  GLU n 
1 78  GLU n 
1 79  ARG n 
1 80  SER n 
1 81  VAL n 
1 82  GLY n 
1 83  SER n 
1 84  LEU n 
1 85  GLY n 
1 86  ASN n 
1 87  VAL n 
1 88  THR n 
1 89  ALA n 
1 90  ASP n 
1 91  LYS n 
1 92  ASP n 
1 93  GLY n 
1 94  VAL n 
1 95  ALA n 
1 96  ASP n 
1 97  VAL n 
1 98  SER n 
1 99  ILE n 
1 100 GLU n 
1 101 ASP n 
1 102 SER n 
1 103 VAL n 
1 104 ILE n 
1 105 SER n 
1 106 LEU n 
1 107 SER n 
1 108 GLY n 
1 109 ASP n 
1 110 HIS n 
1 111 ALA n 
1 112 ILE n 
1 113 ILE n 
1 114 GLY n 
1 115 ARG n 
1 116 THR n 
1 117 LEU n 
1 118 VAL n 
1 119 VAL n 
1 120 HIS n 
1 121 GLU n 
1 122 LYS n 
1 123 ALA n 
1 124 ASP n 
1 125 ASP n 
1 126 LEU n 
1 127 GLY n 
1 128 LYS n 
1 129 GLY n 
1 130 GLY n 
1 131 ASN n 
1 132 GLU n 
1 133 GLU n 
1 134 SER n 
1 135 THR n 
1 136 LYS n 
1 137 THR n 
1 138 GLY n 
1 139 ASN n 
1 140 ALA n 
1 141 GLY n 
1 142 SER n 
1 143 ARG n 
1 144 LEU n 
1 145 ALA n 
1 146 CYS n 
1 147 GLY n 
1 148 VAL n 
1 149 ILE n 
1 150 GLY n 
1 151 ILE n 
1 152 ALA n 
1 153 GLN n 
# 
_entity_src_gen.entity_id                          1 
_entity_src_gen.pdbx_src_id                        1 
_entity_src_gen.pdbx_alt_source_flag               sample 
_entity_src_gen.pdbx_seq_type                      ? 
_entity_src_gen.pdbx_beg_seq_num                   ? 
_entity_src_gen.pdbx_end_seq_num                   ? 
_entity_src_gen.gene_src_common_name               human 
_entity_src_gen.gene_src_genus                     ? 
_entity_src_gen.pdbx_gene_src_gene                 SOD1 
_entity_src_gen.gene_src_species                   ? 
_entity_src_gen.gene_src_strain                    ? 
_entity_src_gen.gene_src_tissue                    ? 
_entity_src_gen.gene_src_tissue_fraction           ? 
_entity_src_gen.gene_src_details                   ? 
_entity_src_gen.pdbx_gene_src_fragment             ? 
_entity_src_gen.pdbx_gene_src_scientific_name      'Homo sapiens' 
_entity_src_gen.pdbx_gene_src_ncbi_taxonomy_id     9606 
_entity_src_gen.pdbx_gene_src_variant              ? 
_entity_src_gen.pdbx_gene_src_cell_line            ? 
_entity_src_gen.pdbx_gene_src_atcc                 ? 
_entity_src_gen.pdbx_gene_src_organ                ? 
_entity_src_gen.pdbx_gene_src_organelle            ? 
_entity_src_gen.pdbx_gene_src_cell                 ? 
_entity_src_gen.pdbx_gene_src_cellular_location    ? 
_entity_src_gen.host_org_common_name               ? 
_entity_src_gen.pdbx_host_org_scientific_name      'Escherichia coli' 
_entity_src_gen.pdbx_host_org_ncbi_taxonomy_id     562 
_entity_src_gen.host_org_genus                     ? 
_entity_src_gen.pdbx_host_org_gene                 ? 
_entity_src_gen.pdbx_host_org_organ                ? 
_entity_src_gen.host_org_species                   ? 
_entity_src_gen.pdbx_host_org_tissue               ? 
_entity_src_gen.pdbx_host_org_tissue_fraction      ? 
_entity_src_gen.pdbx_host_org_strain               BL21/DE3 
_entity_src_gen.pdbx_host_org_variant              ? 
_entity_src_gen.pdbx_host_org_cell_line            ? 
_entity_src_gen.pdbx_host_org_atcc                 ? 
_entity_src_gen.pdbx_host_org_culture_collection   ? 
_entity_src_gen.pdbx_host_org_cell                 ? 
_entity_src_gen.pdbx_host_org_organelle            ? 
_entity_src_gen.pdbx_host_org_cellular_location    ? 
_entity_src_gen.pdbx_host_org_vector_type          ? 
_entity_src_gen.pdbx_host_org_vector               ? 
_entity_src_gen.host_org_details                   ? 
_entity_src_gen.expression_system_id               ? 
_entity_src_gen.plasmid_name                       ? 
_entity_src_gen.plasmid_details                    ? 
_entity_src_gen.pdbx_description                   ? 
# 
loop_
_chem_comp.id 
_chem_comp.type 
_chem_comp.mon_nstd_flag 
_chem_comp.name 
_chem_comp.pdbx_synonyms 
_chem_comp.formula 
_chem_comp.formula_weight 
ALA 'L-peptide linking' y ALANINE         ? 'C3 H7 N O2'     89.093  
ARG 'L-peptide linking' y ARGININE        ? 'C6 H15 N4 O2 1' 175.209 
ASN 'L-peptide linking' y ASPARAGINE      ? 'C4 H8 N2 O3'    132.118 
ASP 'L-peptide linking' y 'ASPARTIC ACID' ? 'C4 H7 N O4'     133.103 
CYS 'L-peptide linking' y CYSTEINE        ? 'C3 H7 N O2 S'   121.158 
GLN 'L-peptide linking' y GLUTAMINE       ? 'C5 H10 N2 O3'   146.144 
GLU 'L-peptide linking' y 'GLUTAMIC ACID' ? 'C5 H9 N O4'     147.129 
GLY 'peptide linking'   y GLYCINE         ? 'C2 H5 N O2'     75.067  
HIS 'L-peptide linking' y HISTIDINE       ? 'C6 H10 N3 O2 1' 156.162 
HOH non-polymer         . WATER           ? 'H2 O'           18.015  
ILE 'L-peptide linking' y ISOLEUCINE      ? 'C6 H13 N O2'    131.173 
LEU 'L-peptide linking' y LEUCINE         ? 'C6 H13 N O2'    131.173 
LYS 'L-peptide linking' y LYSINE          ? 'C6 H15 N2 O2 1' 147.195 
PHE 'L-peptide linking' y PHENYLALANINE   ? 'C9 H11 N O2'    165.189 
PRO 'L-peptide linking' y PROLINE         ? 'C5 H9 N O2'     115.130 
SER 'L-peptide linking' y SERINE          ? 'C3 H7 N O3'     105.093 
THR 'L-peptide linking' y THREONINE       ? 'C4 H9 N O3'     119.119 
TRP 'L-peptide linking' y TRYPTOPHAN      ? 'C11 H12 N2 O2'  204.225 
VAL 'L-peptide linking' y VALINE          ? 'C5 H11 N O2'    117.146 
ZN  non-polymer         . 'ZINC ION'      ? 'Zn 2'           65.409  
# 
loop_
_pdbx_poly_seq_scheme.asym_id 
_pdbx_poly_seq_scheme.entity_id 
_pdbx_poly_seq_scheme.seq_id 
_pdbx_poly_seq_scheme.mon_id 
_pdbx_poly_seq_scheme.ndb_seq_num 
_pdbx_poly_seq_scheme.pdb_seq_num 
_pdbx_poly_seq_scheme.auth_seq_num 
_pdbx_poly_seq_scheme.pdb_mon_id 
_pdbx_poly_seq_scheme.auth_mon_id 
_pdbx_poly_seq_scheme.pdb_strand_id 
_pdbx_poly_seq_scheme.pdb_ins_code 
_pdbx_poly_seq_scheme.hetero 
A 1 1   ALA 1   1   1   ALA ALA A . n 
A 1 2   THR 2   2   2   THR THR A . n 
A 1 3   LYS 3   3   3   LYS LYS A . n 
A 1 4   ALA 4   4   4   ALA ALA A . n 
A 1 5   VAL 5   5   5   VAL VAL A . n 
A 1 6   ALA 6   6   6   ALA ALA A . n 
A 1 7   VAL 7   7   7   VAL VAL A . n 
A 1 8   LEU 8   8   8   LEU LEU A . n 
A 1 9   LYS 9   9   9   LYS LYS A . n 
A 1 10  GLY 10  10  10  GLY GLY A . n 
A 1 11  ASP 11  11  11  ASP ASP A . n 
A 1 12  GLY 12  12  12  GLY GLY A . n 
A 1 13  PRO 13  13  13  PRO PRO A . n 
A 1 14  VAL 14  14  14  VAL VAL A . n 
A 1 15  GLN 15  15  15  GLN GLN A . n 
A 1 16  GLY 16  16  16  GLY GLY A . n 
A 1 17  ILE 17  17  17  ILE ILE A . n 
A 1 18  ILE 18  18  18  ILE ILE A . n 
A 1 19  ASN 19  19  19  ASN ASN A . n 
A 1 20  PHE 20  20  20  PHE PHE A . n 
A 1 21  GLU 21  21  21  GLU GLU A . n 
A 1 22  GLN 22  22  22  GLN GLN A . n 
A 1 23  LYS 23  23  23  LYS LYS A . n 
A 1 24  GLU 24  24  24  GLU GLU A . n 
A 1 25  SER 25  25  25  SER SER A . n 
A 1 26  ASN 26  26  26  ASN ASN A . n 
A 1 27  GLY 27  27  27  GLY GLY A . n 
A 1 28  PRO 28  28  28  PRO PRO A . n 
A 1 29  VAL 29  29  29  VAL VAL A . n 
A 1 30  LYS 30  30  30  LYS LYS A . n 
A 1 31  VAL 31  31  31  VAL VAL A . n 
A 1 32  TRP 32  32  32  TRP TRP A . n 
A 1 33  GLY 33  33  33  GLY GLY A . n 
A 1 34  SER 34  34  34  SER SER A . n 
A 1 35  ILE 35  35  35  ILE ILE A . n 
A 1 36  LYS 36  36  36  LYS LYS A . n 
A 1 37  GLY 37  37  37  GLY GLY A . n 
A 1 38  LEU 38  38  38  LEU LEU A . n 
A 1 39  THR 39  39  39  THR THR A . n 
A 1 40  GLU 40  40  40  GLU GLU A . n 
A 1 41  GLY 41  41  41  GLY GLY A . n 
A 1 42  LEU 42  42  42  LEU LEU A . n 
A 1 43  HIS 43  43  43  HIS HIS A . n 
A 1 44  GLY 44  44  44  GLY GLY A . n 
A 1 45  PHE 45  45  45  PHE PHE A . n 
A 1 46  HIS 46  46  46  HIS HIS A . n 
A 1 47  VAL 47  47  47  VAL VAL A . n 
A 1 48  HIS 48  48  48  HIS HIS A . n 
A 1 49  GLU 49  49  49  GLU GLU A . n 
A 1 50  GLU 50  50  50  GLU GLU A . n 
A 1 51  GLU 51  51  ?   ?   ?   A . n 
A 1 52  ASP 52  52  ?   ?   ?   A . n 
A 1 53  ASN 53  53  ?   ?   ?   A . n 
A 1 54  THR 54  54  ?   ?   ?   A . n 
A 1 55  ALA 55  55  ?   ?   ?   A . n 
A 1 56  GLY 56  56  ?   ?   ?   A . n 
A 1 57  CYS 57  57  ?   ?   ?   A . n 
A 1 58  THR 58  58  ?   ?   ?   A . n 
A 1 59  SER 59  59  ?   ?   ?   A . n 
A 1 60  ALA 60  60  ?   ?   ?   A . n 
A 1 61  GLY 61  61  ?   ?   ?   A . n 
A 1 62  PRO 62  62  ?   ?   ?   A . n 
A 1 63  SER 63  63  ?   ?   ?   A . n 
A 1 64  PHE 64  64  ?   ?   ?   A . n 
A 1 65  ASN 65  65  ?   ?   ?   A . n 
A 1 66  PRO 66  66  ?   ?   ?   A . n 
A 1 67  LEU 67  67  ?   ?   ?   A . n 
A 1 68  SER 68  68  ?   ?   ?   A . n 
A 1 69  ARG 69  69  ?   ?   ?   A . n 
A 1 70  LYS 70  70  ?   ?   ?   A . n 
A 1 71  SER 71  71  ?   ?   ?   A . n 
A 1 72  GLY 72  72  ?   ?   ?   A . n 
A 1 73  GLY 73  73  ?   ?   ?   A . n 
A 1 74  PRO 74  74  ?   ?   ?   A . n 
A 1 75  LYS 75  75  ?   ?   ?   A . n 
A 1 76  ASP 76  76  ?   ?   ?   A . n 
A 1 77  GLU 77  77  ?   ?   ?   A . n 
A 1 78  GLU 78  78  ?   ?   ?   A . n 
A 1 79  ARG 79  79  ?   ?   ?   A . n 
A 1 80  SER 80  80  ?   ?   ?   A . n 
A 1 81  VAL 81  81  81  VAL VAL A . n 
A 1 82  GLY 82  82  82  GLY GLY A . n 
A 1 83  SER 83  83  83  SER SER A . n 
A 1 84  LEU 84  84  84  LEU LEU A . n 
A 1 85  GLY 85  85  85  GLY GLY A . n 
A 1 86  ASN 86  86  86  ASN ASN A . n 
A 1 87  VAL 87  87  87  VAL VAL A . n 
A 1 88  THR 88  88  88  THR THR A . n 
A 1 89  ALA 89  89  89  ALA ALA A . n 
A 1 90  ASP 90  90  90  ASP ASP A . n 
A 1 91  LYS 91  91  91  LYS LYS A . n 
A 1 92  ASP 92  92  92  ASP ASP A . n 
A 1 93  GLY 93  93  93  GLY GLY A . n 
A 1 94  VAL 94  94  94  VAL VAL A . n 
A 1 95  ALA 95  95  95  ALA ALA A . n 
A 1 96  ASP 96  96  96  ASP ASP A . n 
A 1 97  VAL 97  97  97  VAL VAL A . n 
A 1 98  SER 98  98  98  SER SER A . n 
A 1 99  ILE 99  99  99  ILE ILE A . n 
A 1 100 GLU 100 100 100 GLU GLU A . n 
A 1 101 ASP 101 101 101 ASP ASP A . n 
A 1 102 SER 102 102 102 SER SER A . n 
A 1 103 VAL 103 103 103 VAL VAL A . n 
A 1 104 ILE 104 104 104 ILE ILE A . n 
A 1 105 SER 105 105 105 SER SER A . n 
A 1 106 LEU 106 106 106 LEU LEU A . n 
A 1 107 SER 107 107 107 SER SER A . n 
A 1 108 GLY 108 108 108 GLY GLY A . n 
A 1 109 ASP 109 109 109 ASP ASP A . n 
A 1 110 HIS 110 110 110 HIS HIS A . n 
A 1 111 ALA 111 111 111 ALA ALA A . n 
A 1 112 ILE 112 112 112 ILE ILE A . n 
A 1 113 ILE 113 113 113 ILE ILE A . n 
A 1 114 GLY 114 114 114 GLY GLY A . n 
A 1 115 ARG 115 115 115 ARG ARG A . n 
A 1 116 THR 116 116 116 THR THR A . n 
A 1 117 LEU 117 117 117 LEU LEU A . n 
A 1 118 VAL 118 118 118 VAL VAL A . n 
A 1 119 VAL 119 119 119 VAL VAL A . n 
A 1 120 HIS 120 120 120 HIS HIS A . n 
A 1 121 GLU 121 121 121 GLU GLU A . n 
A 1 122 LYS 122 122 122 LYS LYS A . n 
A 1 123 ALA 123 123 123 ALA ALA A . n 
A 1 124 ASP 124 124 124 ASP ASP A . n 
A 1 125 ASP 125 125 125 ASP ASP A . n 
A 1 126 LEU 126 126 126 LEU LEU A . n 
A 1 127 GLY 127 127 127 GLY GLY A . n 
A 1 128 LYS 128 128 128 LYS LYS A . n 
A 1 129 GLY 129 129 129 GLY GLY A . n 
A 1 130 GLY 130 130 130 GLY GLY A . n 
A 1 131 ASN 131 131 131 ASN ASN A . n 
A 1 132 GLU 132 132 ?   ?   ?   A . n 
A 1 133 GLU 133 133 ?   ?   ?   A . n 
A 1 134 SER 134 134 ?   ?   ?   A . n 
A 1 135 THR 135 135 ?   ?   ?   A . n 
A 1 136 LYS 136 136 ?   ?   ?   A . n 
A 1 137 THR 137 137 ?   ?   ?   A . n 
A 1 138 GLY 138 138 ?   ?   ?   A . n 
A 1 139 ASN 139 139 139 ASN ASN A . n 
A 1 140 ALA 140 140 140 ALA ALA A . n 
A 1 141 GLY 141 141 141 GLY GLY A . n 
A 1 142 SER 142 142 142 SER SER A . n 
A 1 143 ARG 143 143 143 ARG ARG A . n 
A 1 144 LEU 144 144 144 LEU LEU A . n 
A 1 145 ALA 145 145 145 ALA ALA A . n 
A 1 146 CYS 146 146 146 CYS CYS A . n 
A 1 147 GLY 147 147 147 GLY GLY A . n 
A 1 148 VAL 148 148 148 VAL VAL A . n 
A 1 149 ILE 149 149 149 ILE ILE A . n 
A 1 150 GLY 150 150 150 GLY GLY A . n 
A 1 151 ILE 151 151 151 ILE ILE A . n 
A 1 152 ALA 152 152 152 ALA ALA A . n 
A 1 153 GLN 153 153 ?   ?   ?   A . n 
# 
loop_
_pdbx_nonpoly_scheme.asym_id 
_pdbx_nonpoly_scheme.entity_id 
_pdbx_nonpoly_scheme.mon_id 
_pdbx_nonpoly_scheme.ndb_seq_num 
_pdbx_nonpoly_scheme.pdb_seq_num 
_pdbx_nonpoly_scheme.auth_seq_num 
_pdbx_nonpoly_scheme.pdb_mon_id 
_pdbx_nonpoly_scheme.auth_mon_id 
_pdbx_nonpoly_scheme.pdb_strand_id 
_pdbx_nonpoly_scheme.pdb_ins_code 
B 2 ZN  1  154 154 ZN  ZN  A . 
C 2 ZN  1  155 155 ZN  ZN  A . 
D 2 ZN  1  156 156 ZN  ZN  A . 
E 2 ZN  1  158 158 ZN  ZN  A . 
F 2 ZN  1  159 159 ZN  ZN  A . 
G 3 HOH 1  201 201 HOH HOH A . 
G 3 HOH 2  202 202 HOH HOH A . 
G 3 HOH 3  203 203 HOH HOH A . 
G 3 HOH 4  204 204 HOH HOH A . 
G 3 HOH 5  205 205 HOH HOH A . 
G 3 HOH 6  206 206 HOH HOH A . 
G 3 HOH 7  207 207 HOH HOH A . 
G 3 HOH 8  208 208 HOH HOH A . 
G 3 HOH 9  209 209 HOH HOH A . 
G 3 HOH 10 210 210 HOH HOH A . 
G 3 HOH 11 211 211 HOH HOH A . 
G 3 HOH 12 212 212 HOH HOH A . 
G 3 HOH 13 213 213 HOH HOH A . 
G 3 HOH 14 214 214 HOH HOH A . 
G 3 HOH 15 215 215 HOH HOH A . 
G 3 HOH 16 216 216 HOH HOH A . 
G 3 HOH 17 217 217 HOH HOH A . 
G 3 HOH 18 218 218 HOH HOH A . 
G 3 HOH 19 219 219 HOH HOH A . 
G 3 HOH 20 220 220 HOH HOH A . 
G 3 HOH 21 221 221 HOH HOH A . 
G 3 HOH 22 222 222 HOH HOH A . 
G 3 HOH 23 223 223 HOH HOH A . 
G 3 HOH 24 224 224 HOH HOH A . 
G 3 HOH 25 225 225 HOH HOH A . 
G 3 HOH 26 226 226 HOH HOH A . 
G 3 HOH 27 227 227 HOH HOH A . 
G 3 HOH 28 228 228 HOH HOH A . 
# 
loop_
_pdbx_unobs_or_zero_occ_atoms.id 
_pdbx_unobs_or_zero_occ_atoms.PDB_model_num 
_pdbx_unobs_or_zero_occ_atoms.polymer_flag 
_pdbx_unobs_or_zero_occ_atoms.occupancy_flag 
_pdbx_unobs_or_zero_occ_atoms.auth_asym_id 
_pdbx_unobs_or_zero_occ_atoms.auth_comp_id 
_pdbx_unobs_or_zero_occ_atoms.auth_seq_id 
_pdbx_unobs_or_zero_occ_atoms.PDB_ins_code 
_pdbx_unobs_or_zero_occ_atoms.auth_atom_id 
_pdbx_unobs_or_zero_occ_atoms.label_alt_id 
_pdbx_unobs_or_zero_occ_atoms.label_asym_id 
_pdbx_unobs_or_zero_occ_atoms.label_comp_id 
_pdbx_unobs_or_zero_occ_atoms.label_seq_id 
_pdbx_unobs_or_zero_occ_atoms.label_atom_id 
1 1 Y 1 A LYS 122 ? CD ? A LYS 122 CD 
2 1 Y 1 A LYS 122 ? CE ? A LYS 122 CE 
3 1 Y 1 A LYS 122 ? NZ ? A LYS 122 NZ 
# 
loop_
_software.name 
_software.classification 
_software.version 
_software.citation_id 
_software.pdbx_ordinal 
MAR345 'data collection' .        ? 1 
PHASER phasing           .        ? 2 
REFMAC refinement        5.5.0044 ? 3 
XDS    'data reduction'  .        ? 4 
XDS    'data scaling'    .        ? 5 
# 
_cell.entry_id           3HFF 
_cell.length_a           36.670 
_cell.length_b           36.670 
_cell.length_c           144.390 
_cell.angle_alpha        90.00 
_cell.angle_beta         90.00 
_cell.angle_gamma        120.00 
_cell.Z_PDB              6 
_cell.pdbx_unique_axis   ? 
_cell.length_a_esd       ? 
_cell.length_b_esd       ? 
_cell.length_c_esd       ? 
_cell.angle_alpha_esd    ? 
_cell.angle_beta_esd     ? 
_cell.angle_gamma_esd    ? 
# 
_symmetry.entry_id                         3HFF 
_symmetry.space_group_name_H-M             'P 31 2 1' 
_symmetry.pdbx_full_space_group_name_H-M   ? 
_symmetry.cell_setting                     ? 
_symmetry.Int_Tables_number                152 
_symmetry.space_group_name_Hall            ? 
# 
_exptl.entry_id          3HFF 
_exptl.method            'X-RAY DIFFRACTION' 
_exptl.crystals_number   1 
# 
_exptl_crystal.id                    1 
_exptl_crystal.density_meas          ? 
_exptl_crystal.density_Matthews      1.79 
_exptl_crystal.density_percent_sol   31.50 
_exptl_crystal.description           ? 
_exptl_crystal.F_000                 ? 
_exptl_crystal.preparation           ? 
# 
_exptl_crystal_grow.crystal_id      1 
_exptl_crystal_grow.method          'VAPOR DIFFUSION, HANGING DROP' 
_exptl_crystal_grow.temp            293 
_exptl_crystal_grow.temp_details    ? 
_exptl_crystal_grow.pH              8.0 
_exptl_crystal_grow.pdbx_details    
'16% PEG 6000, 10% Jeffamine M-600 (pH 7.0), 0.1M Tris-HCl (pH 8.0), 0.1M ZnCl2, VAPOR DIFFUSION, HANGING DROP, temperature 293K' 
_exptl_crystal_grow.pdbx_pH_range   . 
# 
_diffrn.id                     1 
_diffrn.ambient_temp           100 
_diffrn.ambient_temp_details   ? 
_diffrn.crystal_id             1 
# 
_diffrn_detector.diffrn_id              1 
_diffrn_detector.detector               CCD 
_diffrn_detector.type                   'MAR CCD 165 mm' 
_diffrn_detector.pdbx_collection_date   2008-10-22 
_diffrn_detector.details                ? 
# 
_diffrn_radiation.diffrn_id                        1 
_diffrn_radiation.wavelength_id                    1 
_diffrn_radiation.pdbx_monochromatic_or_laue_m_l   M 
_diffrn_radiation.monochromator                    ? 
_diffrn_radiation.pdbx_diffrn_protocol             'SINGLE WAVELENGTH' 
_diffrn_radiation.pdbx_scattering_type             x-ray 
# 
_diffrn_radiation_wavelength.id           1 
_diffrn_radiation_wavelength.wavelength   0.9083 
_diffrn_radiation_wavelength.wt           1.0 
# 
_diffrn_source.diffrn_id                   1 
_diffrn_source.source                      SYNCHROTRON 
_diffrn_source.type                        'MAX II BEAMLINE I911-5' 
_diffrn_source.pdbx_synchrotron_site       'MAX II' 
_diffrn_source.pdbx_synchrotron_beamline   I911-5 
_diffrn_source.pdbx_wavelength             ? 
_diffrn_source.pdbx_wavelength_list        0.9083 
# 
_reflns.entry_id                     3HFF 
_reflns.observed_criterion_sigma_I   1.0 
_reflns.observed_criterion_sigma_F   1.0 
_reflns.d_resolution_low             20.0 
_reflns.d_resolution_high            2.2 
_reflns.number_obs                   5811 
_reflns.number_all                   5811 
_reflns.percent_possible_obs         93.2 
_reflns.pdbx_Rmerge_I_obs            0.059 
_reflns.pdbx_Rsym_value              ? 
_reflns.pdbx_netI_over_sigmaI        14.35 
_reflns.B_iso_Wilson_estimate        ? 
_reflns.pdbx_redundancy              4.7 
_reflns.R_free_details               ? 
_reflns.limit_h_max                  ? 
_reflns.limit_h_min                  ? 
_reflns.limit_k_max                  ? 
_reflns.limit_k_min                  ? 
_reflns.limit_l_max                  ? 
_reflns.limit_l_min                  ? 
_reflns.observed_criterion_F_max     ? 
_reflns.observed_criterion_F_min     ? 
_reflns.pdbx_chi_squared             ? 
_reflns.pdbx_scaling_rejects         ? 
_reflns.pdbx_ordinal                 1 
_reflns.pdbx_diffrn_id               1 
# 
_reflns_shell.d_res_high             2.2 
_reflns_shell.d_res_low              2.3 
_reflns_shell.percent_possible_all   82.7 
_reflns_shell.Rmerge_I_obs           0.49 
_reflns_shell.pdbx_Rsym_value        ? 
_reflns_shell.meanI_over_sigI_obs    2.17 
_reflns_shell.pdbx_redundancy        3.0 
_reflns_shell.percent_possible_obs   ? 
_reflns_shell.number_unique_all      623 
_reflns_shell.number_measured_all    ? 
_reflns_shell.number_measured_obs    ? 
_reflns_shell.number_unique_obs      ? 
_reflns_shell.pdbx_chi_squared       ? 
_reflns_shell.pdbx_ordinal           1 
_reflns_shell.pdbx_diffrn_id         1 
# 
_refine.entry_id                                 3HFF 
_refine.ls_number_reflns_obs                     5250 
_refine.ls_number_reflns_all                     ? 
_refine.pdbx_ls_sigma_I                          ? 
_refine.pdbx_ls_sigma_F                          0 
_refine.pdbx_data_cutoff_high_absF               ? 
_refine.pdbx_data_cutoff_low_absF                ? 
_refine.pdbx_data_cutoff_high_rms_absF           ? 
_refine.ls_d_res_low                             17.13 
_refine.ls_d_res_high                            2.20 
_refine.ls_percent_reflns_obs                    93.47 
_refine.ls_R_factor_obs                          0.22914 
_refine.ls_R_factor_all                          ? 
_refine.ls_R_factor_R_work                       0.22363 
_refine.ls_R_factor_R_free                       0.28087 
_refine.ls_R_factor_R_free_error                 ? 
_refine.ls_R_factor_R_free_error_details         ? 
_refine.ls_percent_reflns_R_free                 9.6 
_refine.ls_number_reflns_R_free                  559 
_refine.ls_number_parameters                     ? 
_refine.ls_number_restraints                     ? 
_refine.occupancy_min                            ? 
_refine.occupancy_max                            ? 
_refine.correlation_coeff_Fo_to_Fc               0.937 
_refine.correlation_coeff_Fo_to_Fc_free          0.902 
_refine.B_iso_mean                               23.170 
_refine.aniso_B[1][1]                            -0.02 
_refine.aniso_B[2][2]                            -0.02 
_refine.aniso_B[3][3]                            0.03 
_refine.aniso_B[1][2]                            -0.01 
_refine.aniso_B[1][3]                            0.00 
_refine.aniso_B[2][3]                            0.00 
_refine.solvent_model_details                    MASK 
_refine.solvent_model_param_ksol                 ? 
_refine.solvent_model_param_bsol                 ? 
_refine.pdbx_solvent_vdw_probe_radii             1.40 
_refine.pdbx_solvent_ion_probe_radii             0.80 
_refine.pdbx_solvent_shrinkage_radii             0.80 
_refine.pdbx_ls_cross_valid_method               THROUGHOUT 
_refine.details                                  'HYDROGENS HAVE BEEN ADDED IN THE RIDING POSITIONS' 
_refine.pdbx_starting_model                      ? 
_refine.pdbx_method_to_determine_struct          'MOLECULAR REPLACEMENT' 
_refine.pdbx_isotropic_thermal_model             ? 
_refine.pdbx_stereochemistry_target_values       'MAXIMUM LIKELIHOOD' 
_refine.pdbx_stereochem_target_val_spec_case     ? 
_refine.pdbx_R_Free_selection_details            RANDOM 
_refine.pdbx_overall_ESU_R                       0.355 
_refine.pdbx_overall_ESU_R_Free                  0.263 
_refine.overall_SU_ML                            0.217 
_refine.overall_SU_B                             16.876 
_refine.ls_redundancy_reflns_obs                 ? 
_refine.B_iso_min                                ? 
_refine.B_iso_max                                ? 
_refine.overall_SU_R_Cruickshank_DPI             ? 
_refine.overall_SU_R_free                        ? 
_refine.ls_wR_factor_R_free                      ? 
_refine.ls_wR_factor_R_work                      ? 
_refine.overall_FOM_free_R_set                   ? 
_refine.overall_FOM_work_R_set                   ? 
_refine.pdbx_refine_id                           'X-RAY DIFFRACTION' 
_refine.pdbx_overall_phase_error                 ? 
_refine.pdbx_TLS_residual_ADP_flag               'LIKELY RESIDUAL' 
_refine.pdbx_diffrn_id                           1 
_refine.pdbx_overall_SU_R_free_Cruickshank_DPI   ? 
_refine.pdbx_overall_SU_R_Blow_DPI               ? 
_refine.pdbx_overall_SU_R_free_Blow_DPI          ? 
# 
_refine_hist.pdbx_refine_id                   'X-RAY DIFFRACTION' 
_refine_hist.cycle_id                         LAST 
_refine_hist.pdbx_number_atoms_protein        818 
_refine_hist.pdbx_number_atoms_nucleic_acid   0 
_refine_hist.pdbx_number_atoms_ligand         5 
_refine_hist.number_atoms_solvent             28 
_refine_hist.number_atoms_total               851 
_refine_hist.d_res_high                       2.20 
_refine_hist.d_res_low                        17.13 
# 
loop_
_refine_ls_restr.type 
_refine_ls_restr.dev_ideal 
_refine_ls_restr.dev_ideal_target 
_refine_ls_restr.weight 
_refine_ls_restr.number 
_refine_ls_restr.pdbx_refine_id 
_refine_ls_restr.pdbx_restraint_function 
r_bond_refined_d       0.015  0.021  ? 828  'X-RAY DIFFRACTION' ? 
r_bond_other_d         0.001  0.020  ? 529  'X-RAY DIFFRACTION' ? 
r_angle_refined_deg    1.397  1.950  ? 1116 'X-RAY DIFFRACTION' ? 
r_angle_other_deg      1.743  3.000  ? 1310 'X-RAY DIFFRACTION' ? 
r_dihedral_angle_1_deg 6.839  5.000  ? 112  'X-RAY DIFFRACTION' ? 
r_dihedral_angle_2_deg 47.527 26.250 ? 32   'X-RAY DIFFRACTION' ? 
r_dihedral_angle_3_deg 18.798 15.000 ? 136  'X-RAY DIFFRACTION' ? 
r_dihedral_angle_4_deg 21.184 15.000 ? 2    'X-RAY DIFFRACTION' ? 
r_chiral_restr         0.089  0.200  ? 131  'X-RAY DIFFRACTION' ? 
r_gen_planes_refined   0.004  0.020  ? 942  'X-RAY DIFFRACTION' ? 
r_gen_planes_other     0.001  0.020  ? 143  'X-RAY DIFFRACTION' ? 
r_mcbond_it            0.624  1.500  ? 556  'X-RAY DIFFRACTION' ? 
r_mcbond_other         0.126  1.500  ? 246  'X-RAY DIFFRACTION' ? 
r_mcangle_it           1.126  2.000  ? 880  'X-RAY DIFFRACTION' ? 
r_scbond_it            1.698  3.000  ? 272  'X-RAY DIFFRACTION' ? 
r_scangle_it           2.874  4.500  ? 236  'X-RAY DIFFRACTION' ? 
# 
_refine_ls_shell.pdbx_total_number_of_bins_used   20 
_refine_ls_shell.d_res_high                       2.200 
_refine_ls_shell.d_res_low                        2.256 
_refine_ls_shell.number_reflns_R_work             329 
_refine_ls_shell.R_factor_R_work                  0.306 
_refine_ls_shell.percent_reflns_obs               82.05 
_refine_ls_shell.R_factor_R_free                  0.400 
_refine_ls_shell.R_factor_R_free_error            ? 
_refine_ls_shell.percent_reflns_R_free            ? 
_refine_ls_shell.number_reflns_R_free             32 
_refine_ls_shell.number_reflns_all                ? 
_refine_ls_shell.R_factor_all                     ? 
_refine_ls_shell.number_reflns_obs                ? 
_refine_ls_shell.redundancy_reflns_obs            ? 
_refine_ls_shell.pdbx_refine_id                   'X-RAY DIFFRACTION' 
# 
_struct.entry_id                  3HFF 
_struct.title                     'Monomeric human Cu,Zn Superoxide dismutase without Zn ligands' 
_struct.pdbx_model_details        ? 
_struct.pdbx_CASP_flag            ? 
_struct.pdbx_model_type_details   ? 
# 
_struct_keywords.entry_id        3HFF 
_struct_keywords.pdbx_keywords   OXIDOREDUCTASE 
_struct_keywords.text            
;OXIDOREDUCTASE, SOD1, MONOMERIC MUTANT, Amyotrophic lateral sclerosis, Antioxidant, Disease mutation, Disulfide bond, Metal-binding, Neurodegeneration, Phosphoprotein
;
# 
loop_
_struct_asym.id 
_struct_asym.pdbx_blank_PDB_chainid_flag 
_struct_asym.pdbx_modified 
_struct_asym.entity_id 
_struct_asym.details 
A N N 1 ? 
B N N 2 ? 
C N N 2 ? 
D N N 2 ? 
E N N 2 ? 
F N N 2 ? 
G N N 3 ? 
# 
_struct_ref.id                         1 
_struct_ref.db_name                    UNP 
_struct_ref.db_code                    SODC_HUMAN 
_struct_ref.pdbx_db_accession          P00441 
_struct_ref.entity_id                  1 
_struct_ref.pdbx_seq_one_letter_code   
;ATKAVCVLKGDGPVQGIINFEQKESNGPVKVWGSIKGLTEGLHGFHVHEFGDNTAGCTSAGPHFNPLSRKHGGPKDEERH
VGDLGNVTADKDGVADVSIEDSVISLSGDHCIIGRTLVVHEKADDLGKGGNEESTKTGNAGSRLACGVIGIAQ
;
_struct_ref.pdbx_align_begin           2 
_struct_ref.pdbx_db_isoform            ? 
# 
_struct_ref_seq.align_id                      1 
_struct_ref_seq.ref_id                        1 
_struct_ref_seq.pdbx_PDB_id_code              3HFF 
_struct_ref_seq.pdbx_strand_id                A 
_struct_ref_seq.seq_align_beg                 1 
_struct_ref_seq.pdbx_seq_align_beg_ins_code   ? 
_struct_ref_seq.seq_align_end                 153 
_struct_ref_seq.pdbx_seq_align_end_ins_code   ? 
_struct_ref_seq.pdbx_db_accession             P00441 
_struct_ref_seq.db_align_beg                  2 
_struct_ref_seq.pdbx_db_align_beg_ins_code    ? 
_struct_ref_seq.db_align_end                  154 
_struct_ref_seq.pdbx_db_align_end_ins_code    ? 
_struct_ref_seq.pdbx_auth_seq_align_beg       1 
_struct_ref_seq.pdbx_auth_seq_align_end       153 
# 
loop_
_struct_ref_seq_dif.align_id 
_struct_ref_seq_dif.pdbx_pdb_id_code 
_struct_ref_seq_dif.mon_id 
_struct_ref_seq_dif.pdbx_pdb_strand_id 
_struct_ref_seq_dif.seq_num 
_struct_ref_seq_dif.pdbx_pdb_ins_code 
_struct_ref_seq_dif.pdbx_seq_db_name 
_struct_ref_seq_dif.pdbx_seq_db_accession_code 
_struct_ref_seq_dif.db_mon_id 
_struct_ref_seq_dif.pdbx_seq_db_seq_num 
_struct_ref_seq_dif.details 
_struct_ref_seq_dif.pdbx_auth_seq_num 
_struct_ref_seq_dif.pdbx_ordinal 
1 3HFF ALA A 6   ? UNP P00441 CYS 7   'engineered mutation' 6   1 
1 3HFF GLU A 50  ? UNP P00441 PHE 51  'engineered mutation' 50  2 
1 3HFF GLU A 51  ? UNP P00441 GLY 52  'engineered mutation' 51  3 
1 3HFF SER A 63  ? UNP P00441 HIS 64  'engineered mutation' 63  4 
1 3HFF SER A 71  ? UNP P00441 HIS 72  'engineered mutation' 71  5 
1 3HFF SER A 80  ? UNP P00441 HIS 81  'engineered mutation' 80  6 
1 3HFF SER A 83  ? UNP P00441 ASP 84  'engineered mutation' 83  7 
1 3HFF ALA A 111 ? UNP P00441 CYS 112 'engineered mutation' 111 8 
# 
loop_
_pdbx_struct_assembly.id 
_pdbx_struct_assembly.details 
_pdbx_struct_assembly.method_details 
_pdbx_struct_assembly.oligomeric_details 
_pdbx_struct_assembly.oligomeric_count 
1 author_defined_assembly   ?    monomeric 1 
2 software_defined_assembly PISA dimeric   2 
# 
loop_
_pdbx_struct_assembly_prop.biol_id 
_pdbx_struct_assembly_prop.type 
_pdbx_struct_assembly_prop.value 
_pdbx_struct_assembly_prop.details 
2 'ABSA (A^2)' 1130  ? 
2 MORE         -6    ? 
2 'SSA (A^2)'  11820 ? 
# 
loop_
_pdbx_struct_assembly_gen.assembly_id 
_pdbx_struct_assembly_gen.oper_expression 
_pdbx_struct_assembly_gen.asym_id_list 
1 1   A,B,C,D,E,F,G 
2 1,2 A,B,C,D,E,F,G 
# 
loop_
_pdbx_struct_oper_list.id 
_pdbx_struct_oper_list.type 
_pdbx_struct_oper_list.name 
_pdbx_struct_oper_list.symmetry_operation 
_pdbx_struct_oper_list.matrix[1][1] 
_pdbx_struct_oper_list.matrix[1][2] 
_pdbx_struct_oper_list.matrix[1][3] 
_pdbx_struct_oper_list.vector[1] 
_pdbx_struct_oper_list.matrix[2][1] 
_pdbx_struct_oper_list.matrix[2][2] 
_pdbx_struct_oper_list.matrix[2][3] 
_pdbx_struct_oper_list.vector[2] 
_pdbx_struct_oper_list.matrix[3][1] 
_pdbx_struct_oper_list.matrix[3][2] 
_pdbx_struct_oper_list.matrix[3][3] 
_pdbx_struct_oper_list.vector[3] 
1 'identity operation'         1_555 x,y,z          1.0000000000 0.0000000000 0.0000000000  0.0000000000 0.0000000000 1.0000000000  0.0000000000  0.0000000000   0.0000000000  0.0000000000  1.0000000000  0.0000000000  
2 'crystal symmetry operation' 6_555 -x,-x+y,-z+1/3 0.8737626223 0.1490937685 -0.4629362031 7.2278515040 0.1490937685 -0.9881367301 -0.0368354573 -13.1535230440 -0.4629362031 -0.0368354573 -0.8856258922 25.0189326064 
# 
_struct_biol.id        1 
_struct_biol.details   'The oligomeric state predicted by PISA is a putative dimer.' 
# 
loop_
_struct_conn.id 
_struct_conn.conn_type_id 
_struct_conn.pdbx_leaving_atom_flag 
_struct_conn.pdbx_PDB_id 
_struct_conn.ptnr1_label_asym_id 
_struct_conn.ptnr1_label_comp_id 
_struct_conn.ptnr1_label_seq_id 
_struct_conn.ptnr1_label_atom_id 
_struct_conn.pdbx_ptnr1_label_alt_id 
_struct_conn.pdbx_ptnr1_PDB_ins_code 
_struct_conn.pdbx_ptnr1_standard_comp_id 
_struct_conn.ptnr1_symmetry 
_struct_conn.ptnr2_label_asym_id 
_struct_conn.ptnr2_label_comp_id 
_struct_conn.ptnr2_label_seq_id 
_struct_conn.ptnr2_label_atom_id 
_struct_conn.pdbx_ptnr2_label_alt_id 
_struct_conn.pdbx_ptnr2_PDB_ins_code 
_struct_conn.ptnr1_auth_asym_id 
_struct_conn.ptnr1_auth_comp_id 
_struct_conn.ptnr1_auth_seq_id 
_struct_conn.ptnr2_auth_asym_id 
_struct_conn.ptnr2_auth_comp_id 
_struct_conn.ptnr2_auth_seq_id 
_struct_conn.ptnr2_symmetry 
_struct_conn.pdbx_ptnr3_label_atom_id 
_struct_conn.pdbx_ptnr3_label_seq_id 
_struct_conn.pdbx_ptnr3_label_comp_id 
_struct_conn.pdbx_ptnr3_label_asym_id 
_struct_conn.pdbx_ptnr3_label_alt_id 
_struct_conn.pdbx_ptnr3_PDB_ins_code 
_struct_conn.details 
_struct_conn.pdbx_dist_value 
_struct_conn.pdbx_value_order 
_struct_conn.pdbx_role 
metalc1  metalc ? ? A ALA 1   N   ? ? ? 1_555 D ZN  . ZN ? ? A ALA 1   A ZN  156 1_555 ? ? ? ? ? ? ? 2.228 ? ? 
metalc2  metalc ? ? A ALA 1   O   ? ? ? 1_555 D ZN  . ZN ? ? A ALA 1   A ZN  156 1_555 ? ? ? ? ? ? ? 2.231 ? ? 
metalc3  metalc ? ? A HIS 46  ND1 ? ? ? 1_555 B ZN  . ZN ? ? A HIS 46  A ZN  154 1_555 ? ? ? ? ? ? ? 1.982 ? ? 
metalc4  metalc ? ? A ASP 90  OD2 ? ? ? 1_555 C ZN  . ZN ? ? A ASP 90  A ZN  155 1_555 ? ? ? ? ? ? ? 1.813 ? ? 
metalc5  metalc ? ? A HIS 110 NE2 ? ? ? 1_555 E ZN  . ZN ? ? A HIS 110 A ZN  158 1_555 ? ? ? ? ? ? ? 2.057 ? ? 
metalc6  metalc ? ? A HIS 120 NE2 ? ? ? 1_555 B ZN  . ZN ? ? A HIS 120 A ZN  154 1_555 ? ? ? ? ? ? ? 1.954 ? ? 
metalc7  metalc ? ? A ASP 125 OD2 ? ? ? 1_555 F ZN  . ZN ? ? A ASP 125 A ZN  159 1_555 ? ? ? ? ? ? ? 1.993 ? ? 
metalc8  metalc ? ? B ZN  .   ZN  ? ? ? 1_555 G HOH . O  ? ? A ZN  154 A HOH 211 1_555 ? ? ? ? ? ? ? 2.126 ? ? 
metalc9  metalc ? ? C ZN  .   ZN  ? ? ? 1_555 G HOH . O  ? ? A ZN  155 A HOH 208 1_555 ? ? ? ? ? ? ? 2.351 ? ? 
metalc10 metalc ? ? D ZN  .   ZN  ? ? ? 1_555 G HOH . O  ? ? A ZN  156 A HOH 206 1_555 ? ? ? ? ? ? ? 2.151 ? ? 
metalc11 metalc ? ? D ZN  .   ZN  ? ? ? 1_555 G HOH . O  ? ? A ZN  156 A HOH 209 1_555 ? ? ? ? ? ? ? 2.316 ? ? 
metalc12 metalc ? ? F ZN  .   ZN  ? ? ? 1_555 G HOH . O  ? ? A ZN  159 A HOH 219 1_555 ? ? ? ? ? ? ? 1.898 ? ? 
# 
_struct_conn_type.id          metalc 
_struct_conn_type.criteria    ? 
_struct_conn_type.reference   ? 
# 
loop_
_pdbx_struct_conn_angle.id 
_pdbx_struct_conn_angle.ptnr1_label_atom_id 
_pdbx_struct_conn_angle.ptnr1_label_alt_id 
_pdbx_struct_conn_angle.ptnr1_label_asym_id 
_pdbx_struct_conn_angle.ptnr1_label_comp_id 
_pdbx_struct_conn_angle.ptnr1_label_seq_id 
_pdbx_struct_conn_angle.ptnr1_auth_atom_id 
_pdbx_struct_conn_angle.ptnr1_auth_asym_id 
_pdbx_struct_conn_angle.ptnr1_auth_comp_id 
_pdbx_struct_conn_angle.ptnr1_auth_seq_id 
_pdbx_struct_conn_angle.ptnr1_PDB_ins_code 
_pdbx_struct_conn_angle.ptnr1_symmetry 
_pdbx_struct_conn_angle.ptnr2_label_atom_id 
_pdbx_struct_conn_angle.ptnr2_label_alt_id 
_pdbx_struct_conn_angle.ptnr2_label_asym_id 
_pdbx_struct_conn_angle.ptnr2_label_comp_id 
_pdbx_struct_conn_angle.ptnr2_label_seq_id 
_pdbx_struct_conn_angle.ptnr2_auth_atom_id 
_pdbx_struct_conn_angle.ptnr2_auth_asym_id 
_pdbx_struct_conn_angle.ptnr2_auth_comp_id 
_pdbx_struct_conn_angle.ptnr2_auth_seq_id 
_pdbx_struct_conn_angle.ptnr2_PDB_ins_code 
_pdbx_struct_conn_angle.ptnr2_symmetry 
_pdbx_struct_conn_angle.ptnr3_label_atom_id 
_pdbx_struct_conn_angle.ptnr3_label_alt_id 
_pdbx_struct_conn_angle.ptnr3_label_asym_id 
_pdbx_struct_conn_angle.ptnr3_label_comp_id 
_pdbx_struct_conn_angle.ptnr3_label_seq_id 
_pdbx_struct_conn_angle.ptnr3_auth_atom_id 
_pdbx_struct_conn_angle.ptnr3_auth_asym_id 
_pdbx_struct_conn_angle.ptnr3_auth_comp_id 
_pdbx_struct_conn_angle.ptnr3_auth_seq_id 
_pdbx_struct_conn_angle.ptnr3_PDB_ins_code 
_pdbx_struct_conn_angle.ptnr3_symmetry 
_pdbx_struct_conn_angle.value 
_pdbx_struct_conn_angle.value_esd 
1  N   ? A ALA 1   ? A ALA 1   ? 1_555 ZN ? D ZN . ? A ZN 156 ? 1_555 O   ? A ALA 1   ? A ALA 1   ? 1_555 77.7  ? 
2  N   ? A ALA 1   ? A ALA 1   ? 1_555 ZN ? D ZN . ? A ZN 156 ? 1_555 O   ? G HOH .   ? A HOH 206 ? 1_555 87.1  ? 
3  O   ? A ALA 1   ? A ALA 1   ? 1_555 ZN ? D ZN . ? A ZN 156 ? 1_555 O   ? G HOH .   ? A HOH 206 ? 1_555 163.7 ? 
4  N   ? A ALA 1   ? A ALA 1   ? 1_555 ZN ? D ZN . ? A ZN 156 ? 1_555 O   ? G HOH .   ? A HOH 209 ? 1_555 108.8 ? 
5  O   ? A ALA 1   ? A ALA 1   ? 1_555 ZN ? D ZN . ? A ZN 156 ? 1_555 O   ? G HOH .   ? A HOH 209 ? 1_555 94.6  ? 
6  O   ? G HOH .   ? A HOH 206 ? 1_555 ZN ? D ZN . ? A ZN 156 ? 1_555 O   ? G HOH .   ? A HOH 209 ? 1_555 95.9  ? 
7  ND1 ? A HIS 46  ? A HIS 46  ? 1_555 ZN ? B ZN . ? A ZN 154 ? 1_555 NE2 ? A HIS 120 ? A HIS 120 ? 1_555 98.8  ? 
8  ND1 ? A HIS 46  ? A HIS 46  ? 1_555 ZN ? B ZN . ? A ZN 154 ? 1_555 O   ? G HOH .   ? A HOH 211 ? 1_555 95.7  ? 
9  NE2 ? A HIS 120 ? A HIS 120 ? 1_555 ZN ? B ZN . ? A ZN 154 ? 1_555 O   ? G HOH .   ? A HOH 211 ? 1_555 104.8 ? 
10 OD2 ? A ASP 90  ? A ASP 90  ? 1_555 ZN ? C ZN . ? A ZN 155 ? 1_555 O   ? G HOH .   ? A HOH 208 ? 1_555 111.9 ? 
11 OD2 ? A ASP 125 ? A ASP 125 ? 1_555 ZN ? F ZN . ? A ZN 159 ? 1_555 O   ? G HOH .   ? A HOH 219 ? 1_555 114.5 ? 
# 
loop_
_struct_sheet.id 
_struct_sheet.type 
_struct_sheet.number_strands 
_struct_sheet.details 
A ? 8 ? 
B ? 6 ? 
# 
loop_
_struct_sheet_order.sheet_id 
_struct_sheet_order.range_id_1 
_struct_sheet_order.range_id_2 
_struct_sheet_order.offset 
_struct_sheet_order.sense 
A 1 2 ? anti-parallel 
A 2 3 ? anti-parallel 
A 3 4 ? anti-parallel 
A 4 5 ? anti-parallel 
A 5 6 ? anti-parallel 
A 6 7 ? anti-parallel 
A 7 8 ? anti-parallel 
B 1 2 ? anti-parallel 
B 2 3 ? anti-parallel 
B 3 4 ? anti-parallel 
B 4 5 ? anti-parallel 
B 5 6 ? anti-parallel 
# 
loop_
_struct_sheet_range.sheet_id 
_struct_sheet_range.id 
_struct_sheet_range.beg_label_comp_id 
_struct_sheet_range.beg_label_asym_id 
_struct_sheet_range.beg_label_seq_id 
_struct_sheet_range.pdbx_beg_PDB_ins_code 
_struct_sheet_range.end_label_comp_id 
_struct_sheet_range.end_label_asym_id 
_struct_sheet_range.end_label_seq_id 
_struct_sheet_range.pdbx_end_PDB_ins_code 
_struct_sheet_range.beg_auth_comp_id 
_struct_sheet_range.beg_auth_asym_id 
_struct_sheet_range.beg_auth_seq_id 
_struct_sheet_range.end_auth_comp_id 
_struct_sheet_range.end_auth_asym_id 
_struct_sheet_range.end_auth_seq_id 
A 1 GLY A 82  ? ALA A 89  ? GLY A 82  ALA A 89  
A 2 GLY A 41  ? VAL A 47  ? GLY A 41  VAL A 47  
A 3 THR A 116 ? HIS A 120 ? THR A 116 HIS A 120 
A 4 ARG A 143 ? VAL A 148 ? ARG A 143 VAL A 148 
A 5 THR A 2   ? GLY A 10  ? THR A 2   GLY A 10  
A 6 GLN A 15  ? GLN A 22  ? GLN A 15  GLN A 22  
A 7 VAL A 29  ? LYS A 36  ? VAL A 29  LYS A 36  
A 8 ALA A 95  ? ASP A 101 ? ALA A 95  ASP A 101 
B 1 GLY A 82  ? ALA A 89  ? GLY A 82  ALA A 89  
B 2 GLY A 41  ? VAL A 47  ? GLY A 41  VAL A 47  
B 3 THR A 116 ? HIS A 120 ? THR A 116 HIS A 120 
B 4 ARG A 143 ? VAL A 148 ? ARG A 143 VAL A 148 
B 5 THR A 2   ? GLY A 10  ? THR A 2   GLY A 10  
B 6 GLY A 150 ? ILE A 151 ? GLY A 150 ILE A 151 
# 
loop_
_pdbx_struct_sheet_hbond.sheet_id 
_pdbx_struct_sheet_hbond.range_id_1 
_pdbx_struct_sheet_hbond.range_id_2 
_pdbx_struct_sheet_hbond.range_1_label_atom_id 
_pdbx_struct_sheet_hbond.range_1_label_comp_id 
_pdbx_struct_sheet_hbond.range_1_label_asym_id 
_pdbx_struct_sheet_hbond.range_1_label_seq_id 
_pdbx_struct_sheet_hbond.range_1_PDB_ins_code 
_pdbx_struct_sheet_hbond.range_1_auth_atom_id 
_pdbx_struct_sheet_hbond.range_1_auth_comp_id 
_pdbx_struct_sheet_hbond.range_1_auth_asym_id 
_pdbx_struct_sheet_hbond.range_1_auth_seq_id 
_pdbx_struct_sheet_hbond.range_2_label_atom_id 
_pdbx_struct_sheet_hbond.range_2_label_comp_id 
_pdbx_struct_sheet_hbond.range_2_label_asym_id 
_pdbx_struct_sheet_hbond.range_2_label_seq_id 
_pdbx_struct_sheet_hbond.range_2_PDB_ins_code 
_pdbx_struct_sheet_hbond.range_2_auth_atom_id 
_pdbx_struct_sheet_hbond.range_2_auth_comp_id 
_pdbx_struct_sheet_hbond.range_2_auth_asym_id 
_pdbx_struct_sheet_hbond.range_2_auth_seq_id 
A 1 2 O ALA A 89  ? O ALA A 89  N GLY A 41  ? N GLY A 41  
A 2 3 N GLY A 44  ? N GLY A 44  O HIS A 120 ? O HIS A 120 
A 3 4 N LEU A 117 ? N LEU A 117 O GLY A 147 ? O GLY A 147 
A 4 5 O CYS A 146 ? O CYS A 146 N LYS A 9   ? N LYS A 9   
A 5 6 N LEU A 8   ? N LEU A 8   O GLY A 16  ? O GLY A 16  
A 6 7 N ASN A 19  ? N ASN A 19  O TRP A 32  ? O TRP A 32  
A 7 8 N GLY A 33  ? N GLY A 33  O VAL A 97  ? O VAL A 97  
B 1 2 O ALA A 89  ? O ALA A 89  N GLY A 41  ? N GLY A 41  
B 2 3 N GLY A 44  ? N GLY A 44  O HIS A 120 ? O HIS A 120 
B 3 4 N LEU A 117 ? N LEU A 117 O GLY A 147 ? O GLY A 147 
B 4 5 O CYS A 146 ? O CYS A 146 N LYS A 9   ? N LYS A 9   
B 5 6 N VAL A 5   ? N VAL A 5   O GLY A 150 ? O GLY A 150 
# 
loop_
_struct_site.id 
_struct_site.pdbx_evidence_code 
_struct_site.pdbx_auth_asym_id 
_struct_site.pdbx_auth_comp_id 
_struct_site.pdbx_auth_seq_id 
_struct_site.pdbx_auth_ins_code 
_struct_site.pdbx_num_residues 
_struct_site.details 
AC1 Software A ZN 154 ? 4 'BINDING SITE FOR RESIDUE ZN A 154' 
AC2 Software A ZN 155 ? 5 'BINDING SITE FOR RESIDUE ZN A 155' 
AC3 Software A ZN 156 ? 4 'BINDING SITE FOR RESIDUE ZN A 156' 
AC4 Software A ZN 158 ? 4 'BINDING SITE FOR RESIDUE ZN A 158' 
AC5 Software A ZN 159 ? 3 'BINDING SITE FOR RESIDUE ZN A 159' 
# 
loop_
_struct_site_gen.id 
_struct_site_gen.site_id 
_struct_site_gen.pdbx_num_res 
_struct_site_gen.label_comp_id 
_struct_site_gen.label_asym_id 
_struct_site_gen.label_seq_id 
_struct_site_gen.pdbx_auth_ins_code 
_struct_site_gen.auth_comp_id 
_struct_site_gen.auth_asym_id 
_struct_site_gen.auth_seq_id 
_struct_site_gen.label_atom_id 
_struct_site_gen.label_alt_id 
_struct_site_gen.symmetry 
_struct_site_gen.details 
1  AC1 4 HIS A 46  ? HIS A 46  . ? 1_555 ? 
2  AC1 4 HIS A 120 ? HIS A 120 . ? 1_555 ? 
3  AC1 4 HOH G .   ? HOH A 211 . ? 1_555 ? 
4  AC1 4 HOH G .   ? HOH A 212 . ? 1_555 ? 
5  AC2 5 ASP A 90  ? ASP A 90  . ? 1_555 ? 
6  AC2 5 ASP A 92  ? ASP A 92  . ? 1_555 ? 
7  AC2 5 HOH G .   ? HOH A 204 . ? 4_545 ? 
8  AC2 5 HOH G .   ? HOH A 207 . ? 1_555 ? 
9  AC2 5 HOH G .   ? HOH A 208 . ? 1_555 ? 
10 AC3 4 ALA A 1   ? ALA A 1   . ? 1_555 ? 
11 AC3 4 ASP A 96  ? ASP A 96  . ? 4_655 ? 
12 AC3 4 HOH G .   ? HOH A 206 . ? 1_555 ? 
13 AC3 4 HOH G .   ? HOH A 209 . ? 1_555 ? 
14 AC4 4 ASP A 11  ? ASP A 11  . ? 1_565 ? 
15 AC4 4 HIS A 110 ? HIS A 110 . ? 1_555 ? 
16 AC4 4 HOH G .   ? HOH A 220 . ? 1_565 ? 
17 AC4 4 HOH G .   ? HOH A 222 . ? 1_555 ? 
18 AC5 3 ASP A 125 ? ASP A 125 . ? 1_555 ? 
19 AC5 3 HOH G .   ? HOH A 216 . ? 1_555 ? 
20 AC5 3 HOH G .   ? HOH A 219 . ? 1_555 ? 
# 
_pdbx_validate_close_contact.id               1 
_pdbx_validate_close_contact.PDB_model_num    1 
_pdbx_validate_close_contact.auth_atom_id_1   O 
_pdbx_validate_close_contact.auth_asym_id_1   A 
_pdbx_validate_close_contact.auth_comp_id_1   HIS 
_pdbx_validate_close_contact.auth_seq_id_1    110 
_pdbx_validate_close_contact.PDB_ins_code_1   ? 
_pdbx_validate_close_contact.label_alt_id_1   ? 
_pdbx_validate_close_contact.auth_atom_id_2   O 
_pdbx_validate_close_contact.auth_asym_id_2   A 
_pdbx_validate_close_contact.auth_comp_id_2   HOH 
_pdbx_validate_close_contact.auth_seq_id_2    224 
_pdbx_validate_close_contact.PDB_ins_code_2   ? 
_pdbx_validate_close_contact.label_alt_id_2   ? 
_pdbx_validate_close_contact.dist             2.13 
# 
_pdbx_validate_torsion.id              1 
_pdbx_validate_torsion.PDB_model_num   1 
_pdbx_validate_torsion.auth_comp_id    HIS 
_pdbx_validate_torsion.auth_asym_id    A 
_pdbx_validate_torsion.auth_seq_id     110 
_pdbx_validate_torsion.PDB_ins_code    ? 
_pdbx_validate_torsion.label_alt_id    ? 
_pdbx_validate_torsion.phi             -118.07 
_pdbx_validate_torsion.psi             50.16 
# 
_pdbx_refine_tls.pdbx_refine_id   'X-RAY DIFFRACTION' 
_pdbx_refine_tls.id               1 
_pdbx_refine_tls.details          ? 
_pdbx_refine_tls.method           refined 
_pdbx_refine_tls.origin_x         -0.3356 
_pdbx_refine_tls.origin_y         -0.1496 
_pdbx_refine_tls.origin_z         -0.1748 
_pdbx_refine_tls.T[1][1]          0.1033 
_pdbx_refine_tls.T[2][2]          0.0078 
_pdbx_refine_tls.T[3][3]          0.0861 
_pdbx_refine_tls.T[1][2]          0.0128 
_pdbx_refine_tls.T[1][3]          0.0071 
_pdbx_refine_tls.T[2][3]          0.0017 
_pdbx_refine_tls.L[1][1]          3.9961 
_pdbx_refine_tls.L[2][2]          2.4110 
_pdbx_refine_tls.L[3][3]          4.7496 
_pdbx_refine_tls.L[1][2]          -0.5571 
_pdbx_refine_tls.L[1][3]          1.8687 
_pdbx_refine_tls.L[2][3]          -0.3097 
_pdbx_refine_tls.S[1][1]          -0.0049 
_pdbx_refine_tls.S[2][2]          -0.0850 
_pdbx_refine_tls.S[3][3]          0.0900 
_pdbx_refine_tls.S[1][2]          -0.0089 
_pdbx_refine_tls.S[1][3]          0.2176 
_pdbx_refine_tls.S[2][3]          -0.0857 
_pdbx_refine_tls.S[2][1]          0.1699 
_pdbx_refine_tls.S[3][1]          -0.2308 
_pdbx_refine_tls.S[3][2]          -0.0922 
# 
_pdbx_refine_tls_group.pdbx_refine_id      'X-RAY DIFFRACTION' 
_pdbx_refine_tls_group.id                  1 
_pdbx_refine_tls_group.refine_tls_id       1 
_pdbx_refine_tls_group.beg_auth_asym_id    A 
_pdbx_refine_tls_group.beg_auth_seq_id     1 
_pdbx_refine_tls_group.end_auth_asym_id    A 
_pdbx_refine_tls_group.end_auth_seq_id     152 
_pdbx_refine_tls_group.selection_details   ? 
_pdbx_refine_tls_group.beg_label_asym_id   . 
_pdbx_refine_tls_group.beg_label_seq_id    . 
_pdbx_refine_tls_group.end_label_asym_id   . 
_pdbx_refine_tls_group.end_label_seq_id    . 
_pdbx_refine_tls_group.selection           ? 
# 
loop_
_pdbx_unobs_or_zero_occ_residues.id 
_pdbx_unobs_or_zero_occ_residues.PDB_model_num 
_pdbx_unobs_or_zero_occ_residues.polymer_flag 
_pdbx_unobs_or_zero_occ_residues.occupancy_flag 
_pdbx_unobs_or_zero_occ_residues.auth_asym_id 
_pdbx_unobs_or_zero_occ_residues.auth_comp_id 
_pdbx_unobs_or_zero_occ_residues.auth_seq_id 
_pdbx_unobs_or_zero_occ_residues.PDB_ins_code 
_pdbx_unobs_or_zero_occ_residues.label_asym_id 
_pdbx_unobs_or_zero_occ_residues.label_comp_id 
_pdbx_unobs_or_zero_occ_residues.label_seq_id 
1  1 Y 1 A GLU 51  ? A GLU 51  
2  1 Y 1 A ASP 52  ? A ASP 52  
3  1 Y 1 A ASN 53  ? A ASN 53  
4  1 Y 1 A THR 54  ? A THR 54  
5  1 Y 1 A ALA 55  ? A ALA 55  
6  1 Y 1 A GLY 56  ? A GLY 56  
7  1 Y 1 A CYS 57  ? A CYS 57  
8  1 Y 1 A THR 58  ? A THR 58  
9  1 Y 1 A SER 59  ? A SER 59  
10 1 Y 1 A ALA 60  ? A ALA 60  
11 1 Y 1 A GLY 61  ? A GLY 61  
12 1 Y 1 A PRO 62  ? A PRO 62  
13 1 Y 1 A SER 63  ? A SER 63  
14 1 Y 1 A PHE 64  ? A PHE 64  
15 1 Y 1 A ASN 65  ? A ASN 65  
16 1 Y 1 A PRO 66  ? A PRO 66  
17 1 Y 1 A LEU 67  ? A LEU 67  
18 1 Y 1 A SER 68  ? A SER 68  
19 1 Y 1 A ARG 69  ? A ARG 69  
20 1 Y 1 A LYS 70  ? A LYS 70  
21 1 Y 1 A SER 71  ? A SER 71  
22 1 Y 1 A GLY 72  ? A GLY 72  
23 1 Y 1 A GLY 73  ? A GLY 73  
24 1 Y 1 A PRO 74  ? A PRO 74  
25 1 Y 1 A LYS 75  ? A LYS 75  
26 1 Y 1 A ASP 76  ? A ASP 76  
27 1 Y 1 A GLU 77  ? A GLU 77  
28 1 Y 1 A GLU 78  ? A GLU 78  
29 1 Y 1 A ARG 79  ? A ARG 79  
30 1 Y 1 A SER 80  ? A SER 80  
31 1 Y 1 A GLU 132 ? A GLU 132 
32 1 Y 1 A GLU 133 ? A GLU 133 
33 1 Y 1 A SER 134 ? A SER 134 
34 1 Y 1 A THR 135 ? A THR 135 
35 1 Y 1 A LYS 136 ? A LYS 136 
36 1 Y 1 A THR 137 ? A THR 137 
37 1 Y 1 A GLY 138 ? A GLY 138 
38 1 Y 1 A GLN 153 ? A GLN 153 
# 
loop_
_chem_comp_atom.comp_id 
_chem_comp_atom.atom_id 
_chem_comp_atom.type_symbol 
_chem_comp_atom.pdbx_aromatic_flag 
_chem_comp_atom.pdbx_stereo_config 
_chem_comp_atom.pdbx_ordinal 
ALA N    N  N N 1   
ALA CA   C  N S 2   
ALA C    C  N N 3   
ALA O    O  N N 4   
ALA CB   C  N N 5   
ALA OXT  O  N N 6   
ALA H    H  N N 7   
ALA H2   H  N N 8   
ALA HA   H  N N 9   
ALA HB1  H  N N 10  
ALA HB2  H  N N 11  
ALA HB3  H  N N 12  
ALA HXT  H  N N 13  
ARG N    N  N N 14  
ARG CA   C  N S 15  
ARG C    C  N N 16  
ARG O    O  N N 17  
ARG CB   C  N N 18  
ARG CG   C  N N 19  
ARG CD   C  N N 20  
ARG NE   N  N N 21  
ARG CZ   C  N N 22  
ARG NH1  N  N N 23  
ARG NH2  N  N N 24  
ARG OXT  O  N N 25  
ARG H    H  N N 26  
ARG H2   H  N N 27  
ARG HA   H  N N 28  
ARG HB2  H  N N 29  
ARG HB3  H  N N 30  
ARG HG2  H  N N 31  
ARG HG3  H  N N 32  
ARG HD2  H  N N 33  
ARG HD3  H  N N 34  
ARG HE   H  N N 35  
ARG HH11 H  N N 36  
ARG HH12 H  N N 37  
ARG HH21 H  N N 38  
ARG HH22 H  N N 39  
ARG HXT  H  N N 40  
ASN N    N  N N 41  
ASN CA   C  N S 42  
ASN C    C  N N 43  
ASN O    O  N N 44  
ASN CB   C  N N 45  
ASN CG   C  N N 46  
ASN OD1  O  N N 47  
ASN ND2  N  N N 48  
ASN OXT  O  N N 49  
ASN H    H  N N 50  
ASN H2   H  N N 51  
ASN HA   H  N N 52  
ASN HB2  H  N N 53  
ASN HB3  H  N N 54  
ASN HD21 H  N N 55  
ASN HD22 H  N N 56  
ASN HXT  H  N N 57  
ASP N    N  N N 58  
ASP CA   C  N S 59  
ASP C    C  N N 60  
ASP O    O  N N 61  
ASP CB   C  N N 62  
ASP CG   C  N N 63  
ASP OD1  O  N N 64  
ASP OD2  O  N N 65  
ASP OXT  O  N N 66  
ASP H    H  N N 67  
ASP H2   H  N N 68  
ASP HA   H  N N 69  
ASP HB2  H  N N 70  
ASP HB3  H  N N 71  
ASP HD2  H  N N 72  
ASP HXT  H  N N 73  
CYS N    N  N N 74  
CYS CA   C  N R 75  
CYS C    C  N N 76  
CYS O    O  N N 77  
CYS CB   C  N N 78  
CYS SG   S  N N 79  
CYS OXT  O  N N 80  
CYS H    H  N N 81  
CYS H2   H  N N 82  
CYS HA   H  N N 83  
CYS HB2  H  N N 84  
CYS HB3  H  N N 85  
CYS HG   H  N N 86  
CYS HXT  H  N N 87  
GLN N    N  N N 88  
GLN CA   C  N S 89  
GLN C    C  N N 90  
GLN O    O  N N 91  
GLN CB   C  N N 92  
GLN CG   C  N N 93  
GLN CD   C  N N 94  
GLN OE1  O  N N 95  
GLN NE2  N  N N 96  
GLN OXT  O  N N 97  
GLN H    H  N N 98  
GLN H2   H  N N 99  
GLN HA   H  N N 100 
GLN HB2  H  N N 101 
GLN HB3  H  N N 102 
GLN HG2  H  N N 103 
GLN HG3  H  N N 104 
GLN HE21 H  N N 105 
GLN HE22 H  N N 106 
GLN HXT  H  N N 107 
GLU N    N  N N 108 
GLU CA   C  N S 109 
GLU C    C  N N 110 
GLU O    O  N N 111 
GLU CB   C  N N 112 
GLU CG   C  N N 113 
GLU CD   C  N N 114 
GLU OE1  O  N N 115 
GLU OE2  O  N N 116 
GLU OXT  O  N N 117 
GLU H    H  N N 118 
GLU H2   H  N N 119 
GLU HA   H  N N 120 
GLU HB2  H  N N 121 
GLU HB3  H  N N 122 
GLU HG2  H  N N 123 
GLU HG3  H  N N 124 
GLU HE2  H  N N 125 
GLU HXT  H  N N 126 
GLY N    N  N N 127 
GLY CA   C  N N 128 
GLY C    C  N N 129 
GLY O    O  N N 130 
GLY OXT  O  N N 131 
GLY H    H  N N 132 
GLY H2   H  N N 133 
GLY HA2  H  N N 134 
GLY HA3  H  N N 135 
GLY HXT  H  N N 136 
HIS N    N  N N 137 
HIS CA   C  N S 138 
HIS C    C  N N 139 
HIS O    O  N N 140 
HIS CB   C  N N 141 
HIS CG   C  Y N 142 
HIS ND1  N  Y N 143 
HIS CD2  C  Y N 144 
HIS CE1  C  Y N 145 
HIS NE2  N  Y N 146 
HIS OXT  O  N N 147 
HIS H    H  N N 148 
HIS H2   H  N N 149 
HIS HA   H  N N 150 
HIS HB2  H  N N 151 
HIS HB3  H  N N 152 
HIS HD1  H  N N 153 
HIS HD2  H  N N 154 
HIS HE1  H  N N 155 
HIS HE2  H  N N 156 
HIS HXT  H  N N 157 
HOH O    O  N N 158 
HOH H1   H  N N 159 
HOH H2   H  N N 160 
ILE N    N  N N 161 
ILE CA   C  N S 162 
ILE C    C  N N 163 
ILE O    O  N N 164 
ILE CB   C  N S 165 
ILE CG1  C  N N 166 
ILE CG2  C  N N 167 
ILE CD1  C  N N 168 
ILE OXT  O  N N 169 
ILE H    H  N N 170 
ILE H2   H  N N 171 
ILE HA   H  N N 172 
ILE HB   H  N N 173 
ILE HG12 H  N N 174 
ILE HG13 H  N N 175 
ILE HG21 H  N N 176 
ILE HG22 H  N N 177 
ILE HG23 H  N N 178 
ILE HD11 H  N N 179 
ILE HD12 H  N N 180 
ILE HD13 H  N N 181 
ILE HXT  H  N N 182 
LEU N    N  N N 183 
LEU CA   C  N S 184 
LEU C    C  N N 185 
LEU O    O  N N 186 
LEU CB   C  N N 187 
LEU CG   C  N N 188 
LEU CD1  C  N N 189 
LEU CD2  C  N N 190 
LEU OXT  O  N N 191 
LEU H    H  N N 192 
LEU H2   H  N N 193 
LEU HA   H  N N 194 
LEU HB2  H  N N 195 
LEU HB3  H  N N 196 
LEU HG   H  N N 197 
LEU HD11 H  N N 198 
LEU HD12 H  N N 199 
LEU HD13 H  N N 200 
LEU HD21 H  N N 201 
LEU HD22 H  N N 202 
LEU HD23 H  N N 203 
LEU HXT  H  N N 204 
LYS N    N  N N 205 
LYS CA   C  N S 206 
LYS C    C  N N 207 
LYS O    O  N N 208 
LYS CB   C  N N 209 
LYS CG   C  N N 210 
LYS CD   C  N N 211 
LYS CE   C  N N 212 
LYS NZ   N  N N 213 
LYS OXT  O  N N 214 
LYS H    H  N N 215 
LYS H2   H  N N 216 
LYS HA   H  N N 217 
LYS HB2  H  N N 218 
LYS HB3  H  N N 219 
LYS HG2  H  N N 220 
LYS HG3  H  N N 221 
LYS HD2  H  N N 222 
LYS HD3  H  N N 223 
LYS HE2  H  N N 224 
LYS HE3  H  N N 225 
LYS HZ1  H  N N 226 
LYS HZ2  H  N N 227 
LYS HZ3  H  N N 228 
LYS HXT  H  N N 229 
PHE N    N  N N 230 
PHE CA   C  N S 231 
PHE C    C  N N 232 
PHE O    O  N N 233 
PHE CB   C  N N 234 
PHE CG   C  Y N 235 
PHE CD1  C  Y N 236 
PHE CD2  C  Y N 237 
PHE CE1  C  Y N 238 
PHE CE2  C  Y N 239 
PHE CZ   C  Y N 240 
PHE OXT  O  N N 241 
PHE H    H  N N 242 
PHE H2   H  N N 243 
PHE HA   H  N N 244 
PHE HB2  H  N N 245 
PHE HB3  H  N N 246 
PHE HD1  H  N N 247 
PHE HD2  H  N N 248 
PHE HE1  H  N N 249 
PHE HE2  H  N N 250 
PHE HZ   H  N N 251 
PHE HXT  H  N N 252 
PRO N    N  N N 253 
PRO CA   C  N S 254 
PRO C    C  N N 255 
PRO O    O  N N 256 
PRO CB   C  N N 257 
PRO CG   C  N N 258 
PRO CD   C  N N 259 
PRO OXT  O  N N 260 
PRO H    H  N N 261 
PRO HA   H  N N 262 
PRO HB2  H  N N 263 
PRO HB3  H  N N 264 
PRO HG2  H  N N 265 
PRO HG3  H  N N 266 
PRO HD2  H  N N 267 
PRO HD3  H  N N 268 
PRO HXT  H  N N 269 
SER N    N  N N 270 
SER CA   C  N S 271 
SER C    C  N N 272 
SER O    O  N N 273 
SER CB   C  N N 274 
SER OG   O  N N 275 
SER OXT  O  N N 276 
SER H    H  N N 277 
SER H2   H  N N 278 
SER HA   H  N N 279 
SER HB2  H  N N 280 
SER HB3  H  N N 281 
SER HG   H  N N 282 
SER HXT  H  N N 283 
THR N    N  N N 284 
THR CA   C  N S 285 
THR C    C  N N 286 
THR O    O  N N 287 
THR CB   C  N R 288 
THR OG1  O  N N 289 
THR CG2  C  N N 290 
THR OXT  O  N N 291 
THR H    H  N N 292 
THR H2   H  N N 293 
THR HA   H  N N 294 
THR HB   H  N N 295 
THR HG1  H  N N 296 
THR HG21 H  N N 297 
THR HG22 H  N N 298 
THR HG23 H  N N 299 
THR HXT  H  N N 300 
TRP N    N  N N 301 
TRP CA   C  N S 302 
TRP C    C  N N 303 
TRP O    O  N N 304 
TRP CB   C  N N 305 
TRP CG   C  Y N 306 
TRP CD1  C  Y N 307 
TRP CD2  C  Y N 308 
TRP NE1  N  Y N 309 
TRP CE2  C  Y N 310 
TRP CE3  C  Y N 311 
TRP CZ2  C  Y N 312 
TRP CZ3  C  Y N 313 
TRP CH2  C  Y N 314 
TRP OXT  O  N N 315 
TRP H    H  N N 316 
TRP H2   H  N N 317 
TRP HA   H  N N 318 
TRP HB2  H  N N 319 
TRP HB3  H  N N 320 
TRP HD1  H  N N 321 
TRP HE1  H  N N 322 
TRP HE3  H  N N 323 
TRP HZ2  H  N N 324 
TRP HZ3  H  N N 325 
TRP HH2  H  N N 326 
TRP HXT  H  N N 327 
VAL N    N  N N 328 
VAL CA   C  N S 329 
VAL C    C  N N 330 
VAL O    O  N N 331 
VAL CB   C  N N 332 
VAL CG1  C  N N 333 
VAL CG2  C  N N 334 
VAL OXT  O  N N 335 
VAL H    H  N N 336 
VAL H2   H  N N 337 
VAL HA   H  N N 338 
VAL HB   H  N N 339 
VAL HG11 H  N N 340 
VAL HG12 H  N N 341 
VAL HG13 H  N N 342 
VAL HG21 H  N N 343 
VAL HG22 H  N N 344 
VAL HG23 H  N N 345 
VAL HXT  H  N N 346 
ZN  ZN   ZN N N 347 
# 
loop_
_chem_comp_bond.comp_id 
_chem_comp_bond.atom_id_1 
_chem_comp_bond.atom_id_2 
_chem_comp_bond.value_order 
_chem_comp_bond.pdbx_aromatic_flag 
_chem_comp_bond.pdbx_stereo_config 
_chem_comp_bond.pdbx_ordinal 
ALA N   CA   sing N N 1   
ALA N   H    sing N N 2   
ALA N   H2   sing N N 3   
ALA CA  C    sing N N 4   
ALA CA  CB   sing N N 5   
ALA CA  HA   sing N N 6   
ALA C   O    doub N N 7   
ALA C   OXT  sing N N 8   
ALA CB  HB1  sing N N 9   
ALA CB  HB2  sing N N 10  
ALA CB  HB3  sing N N 11  
ALA OXT HXT  sing N N 12  
ARG N   CA   sing N N 13  
ARG N   H    sing N N 14  
ARG N   H2   sing N N 15  
ARG CA  C    sing N N 16  
ARG CA  CB   sing N N 17  
ARG CA  HA   sing N N 18  
ARG C   O    doub N N 19  
ARG C   OXT  sing N N 20  
ARG CB  CG   sing N N 21  
ARG CB  HB2  sing N N 22  
ARG CB  HB3  sing N N 23  
ARG CG  CD   sing N N 24  
ARG CG  HG2  sing N N 25  
ARG CG  HG3  sing N N 26  
ARG CD  NE   sing N N 27  
ARG CD  HD2  sing N N 28  
ARG CD  HD3  sing N N 29  
ARG NE  CZ   sing N N 30  
ARG NE  HE   sing N N 31  
ARG CZ  NH1  sing N N 32  
ARG CZ  NH2  doub N N 33  
ARG NH1 HH11 sing N N 34  
ARG NH1 HH12 sing N N 35  
ARG NH2 HH21 sing N N 36  
ARG NH2 HH22 sing N N 37  
ARG OXT HXT  sing N N 38  
ASN N   CA   sing N N 39  
ASN N   H    sing N N 40  
ASN N   H2   sing N N 41  
ASN CA  C    sing N N 42  
ASN CA  CB   sing N N 43  
ASN CA  HA   sing N N 44  
ASN C   O    doub N N 45  
ASN C   OXT  sing N N 46  
ASN CB  CG   sing N N 47  
ASN CB  HB2  sing N N 48  
ASN CB  HB3  sing N N 49  
ASN CG  OD1  doub N N 50  
ASN CG  ND2  sing N N 51  
ASN ND2 HD21 sing N N 52  
ASN ND2 HD22 sing N N 53  
ASN OXT HXT  sing N N 54  
ASP N   CA   sing N N 55  
ASP N   H    sing N N 56  
ASP N   H2   sing N N 57  
ASP CA  C    sing N N 58  
ASP CA  CB   sing N N 59  
ASP CA  HA   sing N N 60  
ASP C   O    doub N N 61  
ASP C   OXT  sing N N 62  
ASP CB  CG   sing N N 63  
ASP CB  HB2  sing N N 64  
ASP CB  HB3  sing N N 65  
ASP CG  OD1  doub N N 66  
ASP CG  OD2  sing N N 67  
ASP OD2 HD2  sing N N 68  
ASP OXT HXT  sing N N 69  
CYS N   CA   sing N N 70  
CYS N   H    sing N N 71  
CYS N   H2   sing N N 72  
CYS CA  C    sing N N 73  
CYS CA  CB   sing N N 74  
CYS CA  HA   sing N N 75  
CYS C   O    doub N N 76  
CYS C   OXT  sing N N 77  
CYS CB  SG   sing N N 78  
CYS CB  HB2  sing N N 79  
CYS CB  HB3  sing N N 80  
CYS SG  HG   sing N N 81  
CYS OXT HXT  sing N N 82  
GLN N   CA   sing N N 83  
GLN N   H    sing N N 84  
GLN N   H2   sing N N 85  
GLN CA  C    sing N N 86  
GLN CA  CB   sing N N 87  
GLN CA  HA   sing N N 88  
GLN C   O    doub N N 89  
GLN C   OXT  sing N N 90  
GLN CB  CG   sing N N 91  
GLN CB  HB2  sing N N 92  
GLN CB  HB3  sing N N 93  
GLN CG  CD   sing N N 94  
GLN CG  HG2  sing N N 95  
GLN CG  HG3  sing N N 96  
GLN CD  OE1  doub N N 97  
GLN CD  NE2  sing N N 98  
GLN NE2 HE21 sing N N 99  
GLN NE2 HE22 sing N N 100 
GLN OXT HXT  sing N N 101 
GLU N   CA   sing N N 102 
GLU N   H    sing N N 103 
GLU N   H2   sing N N 104 
GLU CA  C    sing N N 105 
GLU CA  CB   sing N N 106 
GLU CA  HA   sing N N 107 
GLU C   O    doub N N 108 
GLU C   OXT  sing N N 109 
GLU CB  CG   sing N N 110 
GLU CB  HB2  sing N N 111 
GLU CB  HB3  sing N N 112 
GLU CG  CD   sing N N 113 
GLU CG  HG2  sing N N 114 
GLU CG  HG3  sing N N 115 
GLU CD  OE1  doub N N 116 
GLU CD  OE2  sing N N 117 
GLU OE2 HE2  sing N N 118 
GLU OXT HXT  sing N N 119 
GLY N   CA   sing N N 120 
GLY N   H    sing N N 121 
GLY N   H2   sing N N 122 
GLY CA  C    sing N N 123 
GLY CA  HA2  sing N N 124 
GLY CA  HA3  sing N N 125 
GLY C   O    doub N N 126 
GLY C   OXT  sing N N 127 
GLY OXT HXT  sing N N 128 
HIS N   CA   sing N N 129 
HIS N   H    sing N N 130 
HIS N   H2   sing N N 131 
HIS CA  C    sing N N 132 
HIS CA  CB   sing N N 133 
HIS CA  HA   sing N N 134 
HIS C   O    doub N N 135 
HIS C   OXT  sing N N 136 
HIS CB  CG   sing N N 137 
HIS CB  HB2  sing N N 138 
HIS CB  HB3  sing N N 139 
HIS CG  ND1  sing Y N 140 
HIS CG  CD2  doub Y N 141 
HIS ND1 CE1  doub Y N 142 
HIS ND1 HD1  sing N N 143 
HIS CD2 NE2  sing Y N 144 
HIS CD2 HD2  sing N N 145 
HIS CE1 NE2  sing Y N 146 
HIS CE1 HE1  sing N N 147 
HIS NE2 HE2  sing N N 148 
HIS OXT HXT  sing N N 149 
HOH O   H1   sing N N 150 
HOH O   H2   sing N N 151 
ILE N   CA   sing N N 152 
ILE N   H    sing N N 153 
ILE N   H2   sing N N 154 
ILE CA  C    sing N N 155 
ILE CA  CB   sing N N 156 
ILE CA  HA   sing N N 157 
ILE C   O    doub N N 158 
ILE C   OXT  sing N N 159 
ILE CB  CG1  sing N N 160 
ILE CB  CG2  sing N N 161 
ILE CB  HB   sing N N 162 
ILE CG1 CD1  sing N N 163 
ILE CG1 HG12 sing N N 164 
ILE CG1 HG13 sing N N 165 
ILE CG2 HG21 sing N N 166 
ILE CG2 HG22 sing N N 167 
ILE CG2 HG23 sing N N 168 
ILE CD1 HD11 sing N N 169 
ILE CD1 HD12 sing N N 170 
ILE CD1 HD13 sing N N 171 
ILE OXT HXT  sing N N 172 
LEU N   CA   sing N N 173 
LEU N   H    sing N N 174 
LEU N   H2   sing N N 175 
LEU CA  C    sing N N 176 
LEU CA  CB   sing N N 177 
LEU CA  HA   sing N N 178 
LEU C   O    doub N N 179 
LEU C   OXT  sing N N 180 
LEU CB  CG   sing N N 181 
LEU CB  HB2  sing N N 182 
LEU CB  HB3  sing N N 183 
LEU CG  CD1  sing N N 184 
LEU CG  CD2  sing N N 185 
LEU CG  HG   sing N N 186 
LEU CD1 HD11 sing N N 187 
LEU CD1 HD12 sing N N 188 
LEU CD1 HD13 sing N N 189 
LEU CD2 HD21 sing N N 190 
LEU CD2 HD22 sing N N 191 
LEU CD2 HD23 sing N N 192 
LEU OXT HXT  sing N N 193 
LYS N   CA   sing N N 194 
LYS N   H    sing N N 195 
LYS N   H2   sing N N 196 
LYS CA  C    sing N N 197 
LYS CA  CB   sing N N 198 
LYS CA  HA   sing N N 199 
LYS C   O    doub N N 200 
LYS C   OXT  sing N N 201 
LYS CB  CG   sing N N 202 
LYS CB  HB2  sing N N 203 
LYS CB  HB3  sing N N 204 
LYS CG  CD   sing N N 205 
LYS CG  HG2  sing N N 206 
LYS CG  HG3  sing N N 207 
LYS CD  CE   sing N N 208 
LYS CD  HD2  sing N N 209 
LYS CD  HD3  sing N N 210 
LYS CE  NZ   sing N N 211 
LYS CE  HE2  sing N N 212 
LYS CE  HE3  sing N N 213 
LYS NZ  HZ1  sing N N 214 
LYS NZ  HZ2  sing N N 215 
LYS NZ  HZ3  sing N N 216 
LYS OXT HXT  sing N N 217 
PHE N   CA   sing N N 218 
PHE N   H    sing N N 219 
PHE N   H2   sing N N 220 
PHE CA  C    sing N N 221 
PHE CA  CB   sing N N 222 
PHE CA  HA   sing N N 223 
PHE C   O    doub N N 224 
PHE C   OXT  sing N N 225 
PHE CB  CG   sing N N 226 
PHE CB  HB2  sing N N 227 
PHE CB  HB3  sing N N 228 
PHE CG  CD1  doub Y N 229 
PHE CG  CD2  sing Y N 230 
PHE CD1 CE1  sing Y N 231 
PHE CD1 HD1  sing N N 232 
PHE CD2 CE2  doub Y N 233 
PHE CD2 HD2  sing N N 234 
PHE CE1 CZ   doub Y N 235 
PHE CE1 HE1  sing N N 236 
PHE CE2 CZ   sing Y N 237 
PHE CE2 HE2  sing N N 238 
PHE CZ  HZ   sing N N 239 
PHE OXT HXT  sing N N 240 
PRO N   CA   sing N N 241 
PRO N   CD   sing N N 242 
PRO N   H    sing N N 243 
PRO CA  C    sing N N 244 
PRO CA  CB   sing N N 245 
PRO CA  HA   sing N N 246 
PRO C   O    doub N N 247 
PRO C   OXT  sing N N 248 
PRO CB  CG   sing N N 249 
PRO CB  HB2  sing N N 250 
PRO CB  HB3  sing N N 251 
PRO CG  CD   sing N N 252 
PRO CG  HG2  sing N N 253 
PRO CG  HG3  sing N N 254 
PRO CD  HD2  sing N N 255 
PRO CD  HD3  sing N N 256 
PRO OXT HXT  sing N N 257 
SER N   CA   sing N N 258 
SER N   H    sing N N 259 
SER N   H2   sing N N 260 
SER CA  C    sing N N 261 
SER CA  CB   sing N N 262 
SER CA  HA   sing N N 263 
SER C   O    doub N N 264 
SER C   OXT  sing N N 265 
SER CB  OG   sing N N 266 
SER CB  HB2  sing N N 267 
SER CB  HB3  sing N N 268 
SER OG  HG   sing N N 269 
SER OXT HXT  sing N N 270 
THR N   CA   sing N N 271 
THR N   H    sing N N 272 
THR N   H2   sing N N 273 
THR CA  C    sing N N 274 
THR CA  CB   sing N N 275 
THR CA  HA   sing N N 276 
THR C   O    doub N N 277 
THR C   OXT  sing N N 278 
THR CB  OG1  sing N N 279 
THR CB  CG2  sing N N 280 
THR CB  HB   sing N N 281 
THR OG1 HG1  sing N N 282 
THR CG2 HG21 sing N N 283 
THR CG2 HG22 sing N N 284 
THR CG2 HG23 sing N N 285 
THR OXT HXT  sing N N 286 
TRP N   CA   sing N N 287 
TRP N   H    sing N N 288 
TRP N   H2   sing N N 289 
TRP CA  C    sing N N 290 
TRP CA  CB   sing N N 291 
TRP CA  HA   sing N N 292 
TRP C   O    doub N N 293 
TRP C   OXT  sing N N 294 
TRP CB  CG   sing N N 295 
TRP CB  HB2  sing N N 296 
TRP CB  HB3  sing N N 297 
TRP CG  CD1  doub Y N 298 
TRP CG  CD2  sing Y N 299 
TRP CD1 NE1  sing Y N 300 
TRP CD1 HD1  sing N N 301 
TRP CD2 CE2  doub Y N 302 
TRP CD2 CE3  sing Y N 303 
TRP NE1 CE2  sing Y N 304 
TRP NE1 HE1  sing N N 305 
TRP CE2 CZ2  sing Y N 306 
TRP CE3 CZ3  doub Y N 307 
TRP CE3 HE3  sing N N 308 
TRP CZ2 CH2  doub Y N 309 
TRP CZ2 HZ2  sing N N 310 
TRP CZ3 CH2  sing Y N 311 
TRP CZ3 HZ3  sing N N 312 
TRP CH2 HH2  sing N N 313 
TRP OXT HXT  sing N N 314 
VAL N   CA   sing N N 315 
VAL N   H    sing N N 316 
VAL N   H2   sing N N 317 
VAL CA  C    sing N N 318 
VAL CA  CB   sing N N 319 
VAL CA  HA   sing N N 320 
VAL C   O    doub N N 321 
VAL C   OXT  sing N N 322 
VAL CB  CG1  sing N N 323 
VAL CB  CG2  sing N N 324 
VAL CB  HB   sing N N 325 
VAL CG1 HG11 sing N N 326 
VAL CG1 HG12 sing N N 327 
VAL CG1 HG13 sing N N 328 
VAL CG2 HG21 sing N N 329 
VAL CG2 HG22 sing N N 330 
VAL CG2 HG23 sing N N 331 
VAL OXT HXT  sing N N 332 
# 
_atom_sites.entry_id                    3HFF 
_atom_sites.fract_transf_matrix[1][1]   -0.00158688 
_atom_sites.fract_transf_matrix[1][2]   0.03123758 
_atom_sites.fract_transf_matrix[1][3]   0.00363617 
_atom_sites.fract_transf_matrix[2][1]   -0.02718921 
_atom_sites.fract_transf_matrix[2][2]   0.01351874 
_atom_sites.fract_transf_matrix[2][3]   0.00833951 
_atom_sites.fract_transf_matrix[3][1]   0.00170467 
_atom_sites.fract_transf_matrix[3][2]   -0.00069067 
_atom_sites.fract_transf_matrix[3][3]   0.00667732 
_atom_sites.fract_transf_vector[1]      0.165697 
_atom_sites.fract_transf_vector[2]      -0.508966 
_atom_sites.fract_transf_vector[3]      0.072442 
# 
loop_
_atom_type.symbol 
C  
N  
O  
S  
ZN 
# 
loop_
_atom_site.group_PDB 
_atom_site.id 
_atom_site.type_symbol 
_atom_site.label_atom_id 
_atom_site.label_alt_id 
_atom_site.label_comp_id 
_atom_site.label_asym_id 
_atom_site.label_entity_id 
_atom_site.label_seq_id 
_atom_site.pdbx_PDB_ins_code 
_atom_site.Cartn_x 
_atom_site.Cartn_y 
_atom_site.Cartn_z 
_atom_site.occupancy 
_atom_site.B_iso_or_equiv 
_atom_site.pdbx_formal_charge 
_atom_site.auth_seq_id 
_atom_site.auth_comp_id 
_atom_site.auth_asym_id 
_atom_site.auth_atom_id 
_atom_site.pdbx_PDB_model_num 
ATOM   1   N  N   . ALA A 1 1   ? -16.405 -3.815  -12.953 1.00 24.19 ? 1   ALA A N   1 
ATOM   2   C  CA  . ALA A 1 1   ? -15.417 -3.737  -11.799 1.00 24.49 ? 1   ALA A CA  1 
ATOM   3   C  C   . ALA A 1 1   ? -14.726 -2.385  -11.806 1.00 24.54 ? 1   ALA A C   1 
ATOM   4   O  O   . ALA A 1 1   ? -14.364 -1.903  -12.876 1.00 25.20 ? 1   ALA A O   1 
ATOM   5   C  CB  . ALA A 1 1   ? -14.357 -4.846  -11.893 1.00 23.64 ? 1   ALA A CB  1 
ATOM   6   N  N   . THR A 1 2   ? -14.532 -1.783  -10.625 1.00 24.38 ? 2   THR A N   1 
ATOM   7   C  CA  . THR A 1 2   ? -13.765 -0.525  -10.503 1.00 23.99 ? 2   THR A CA  1 
ATOM   8   C  C   . THR A 1 2   ? -12.323 -0.853  -10.237 1.00 22.99 ? 2   THR A C   1 
ATOM   9   O  O   . THR A 1 2   ? -12.062 -1.698  -9.419  1.00 23.30 ? 2   THR A O   1 
ATOM   10  C  CB  . THR A 1 2   ? -14.268 0.402   -9.344  1.00 24.38 ? 2   THR A CB  1 
ATOM   11  O  OG1 . THR A 1 2   ? -15.697 0.483   -9.362  1.00 25.04 ? 2   THR A OG1 1 
ATOM   12  C  CG2 . THR A 1 2   ? -13.655 1.809   -9.476  1.00 22.34 ? 2   THR A CG2 1 
ATOM   13  N  N   . LYS A 1 3   ? -11.408 -0.154  -10.908 1.00 23.00 ? 3   LYS A N   1 
ATOM   14  C  CA  . LYS A 1 3   ? -9.977  -0.450  -10.887 1.00 23.15 ? 3   LYS A CA  1 
ATOM   15  C  C   . LYS A 1 3   ? -9.145  0.823   -10.683 1.00 22.74 ? 3   LYS A C   1 
ATOM   16  O  O   . LYS A 1 3   ? -9.531  1.887   -11.132 1.00 21.54 ? 3   LYS A O   1 
ATOM   17  C  CB  . LYS A 1 3   ? -9.544  -1.094  -12.214 1.00 23.72 ? 3   LYS A CB  1 
ATOM   18  C  CG  . LYS A 1 3   ? -10.169 -2.480  -12.528 1.00 25.47 ? 3   LYS A CG  1 
ATOM   19  C  CD  . LYS A 1 3   ? -10.301 -2.714  -14.018 1.00 27.16 ? 3   LYS A CD  1 
ATOM   20  C  CE  . LYS A 1 3   ? -11.244 -1.662  -14.678 1.00 29.35 ? 3   LYS A CE  1 
ATOM   21  N  NZ  . LYS A 1 3   ? -11.907 -2.134  -15.922 1.00 29.78 ? 3   LYS A NZ  1 
ATOM   22  N  N   . ALA A 1 4   ? -7.993  0.688   -10.020 1.00 22.62 ? 4   ALA A N   1 
ATOM   23  C  CA  . ALA A 1 4   ? -7.059  1.785   -9.855  1.00 22.93 ? 4   ALA A CA  1 
ATOM   24  C  C   . ALA A 1 4   ? -5.635  1.274   -9.813  1.00 23.49 ? 4   ALA A C   1 
ATOM   25  O  O   . ALA A 1 4   ? -5.385  0.103   -9.564  1.00 23.80 ? 4   ALA A O   1 
ATOM   26  C  CB  . ALA A 1 4   ? -7.364  2.576   -8.600  1.00 22.65 ? 4   ALA A CB  1 
ATOM   27  N  N   . VAL A 1 5   ? -4.698  2.179   -10.031 1.00 24.44 ? 5   VAL A N   1 
ATOM   28  C  CA  . VAL A 1 5   ? -3.285  1.872   -9.953  1.00 24.99 ? 5   VAL A CA  1 
ATOM   29  C  C   . VAL A 1 5   ? -2.574  2.977   -9.131  1.00 24.80 ? 5   VAL A C   1 
ATOM   30  O  O   . VAL A 1 5   ? -2.993  4.146   -9.131  1.00 23.74 ? 5   VAL A O   1 
ATOM   31  C  CB  . VAL A 1 5   ? -2.700  1.700   -11.396 1.00 26.02 ? 5   VAL A CB  1 
ATOM   32  C  CG1 . VAL A 1 5   ? -1.196  2.011   -11.455 1.00 26.90 ? 5   VAL A CG1 1 
ATOM   33  C  CG2 . VAL A 1 5   ? -2.971  0.256   -11.945 1.00 25.33 ? 5   VAL A CG2 1 
ATOM   34  N  N   . ALA A 1 6   ? -1.539  2.567   -8.393  1.00 24.81 ? 6   ALA A N   1 
ATOM   35  C  CA  . ALA A 1 6   ? -0.594  3.486   -7.768  1.00 25.26 ? 6   ALA A CA  1 
ATOM   36  C  C   . ALA A 1 6   ? 0.785   3.152   -8.319  1.00 25.60 ? 6   ALA A C   1 
ATOM   37  O  O   . ALA A 1 6   ? 1.189   1.999   -8.319  1.00 26.34 ? 6   ALA A O   1 
ATOM   38  C  CB  . ALA A 1 6   ? -0.613  3.340   -6.228  1.00 23.85 ? 6   ALA A CB  1 
ATOM   39  N  N   . VAL A 1 7   ? 1.501   4.156   -8.787  1.00 26.50 ? 7   VAL A N   1 
ATOM   40  C  CA  . VAL A 1 7   ? 2.884   4.005   -9.152  1.00 27.48 ? 7   VAL A CA  1 
ATOM   41  C  C   . VAL A 1 7   ? 3.741   4.608   -8.059  1.00 28.50 ? 7   VAL A C   1 
ATOM   42  O  O   . VAL A 1 7   ? 3.791   5.838   -7.911  1.00 29.34 ? 7   VAL A O   1 
ATOM   43  C  CB  . VAL A 1 7   ? 3.208   4.745   -10.425 1.00 27.70 ? 7   VAL A CB  1 
ATOM   44  C  CG1 . VAL A 1 7   ? 4.719   4.635   -10.704 1.00 28.51 ? 7   VAL A CG1 1 
ATOM   45  C  CG2 . VAL A 1 7   ? 2.363   4.222   -11.577 1.00 27.61 ? 7   VAL A CG2 1 
ATOM   46  N  N   . LEU A 1 8   ? 4.422   3.757   -7.301  1.00 29.22 ? 8   LEU A N   1 
ATOM   47  C  CA  . LEU A 1 8   ? 5.215   4.212   -6.183  1.00 30.37 ? 8   LEU A CA  1 
ATOM   48  C  C   . LEU A 1 8   ? 6.563   4.649   -6.687  1.00 31.42 ? 8   LEU A C   1 
ATOM   49  O  O   . LEU A 1 8   ? 7.298   3.869   -7.300  1.00 31.76 ? 8   LEU A O   1 
ATOM   50  C  CB  . LEU A 1 8   ? 5.426   3.110   -5.148  1.00 30.69 ? 8   LEU A CB  1 
ATOM   51  C  CG  . LEU A 1 8   ? 4.199   2.474   -4.501  1.00 29.95 ? 8   LEU A CG  1 
ATOM   52  C  CD1 . LEU A 1 8   ? 4.664   1.287   -3.682  1.00 30.14 ? 8   LEU A CD1 1 
ATOM   53  C  CD2 . LEU A 1 8   ? 3.416   3.451   -3.647  1.00 30.95 ? 8   LEU A CD2 1 
ATOM   54  N  N   . LYS A 1 9   ? 6.887   5.902   -6.436  1.00 32.38 ? 9   LYS A N   1 
ATOM   55  C  CA  . LYS A 1 9   ? 8.239   6.367   -6.667  1.00 33.78 ? 9   LYS A CA  1 
ATOM   56  C  C   . LYS A 1 9   ? 8.768   6.990   -5.374  1.00 34.36 ? 9   LYS A C   1 
ATOM   57  O  O   . LYS A 1 9   ? 8.015   7.578   -4.582  1.00 34.34 ? 9   LYS A O   1 
ATOM   58  C  CB  . LYS A 1 9   ? 8.346   7.326   -7.872  1.00 33.98 ? 9   LYS A CB  1 
ATOM   59  C  CG  . LYS A 1 9   ? 7.180   8.296   -8.102  1.00 35.40 ? 9   LYS A CG  1 
ATOM   60  C  CD  . LYS A 1 9   ? 7.184   8.802   -9.553  1.00 36.94 ? 9   LYS A CD  1 
ATOM   61  C  CE  . LYS A 1 9   ? 5.820   9.306   -9.990  1.00 38.15 ? 9   LYS A CE  1 
ATOM   62  N  NZ  . LYS A 1 9   ? 5.433   10.535  -9.268  1.00 39.30 ? 9   LYS A NZ  1 
ATOM   63  N  N   . GLY A 1 10  ? 10.069  6.828   -5.164  1.00 34.96 ? 10  GLY A N   1 
ATOM   64  C  CA  . GLY A 1 10  ? 10.722  7.309   -3.969  1.00 35.31 ? 10  GLY A CA  1 
ATOM   65  C  C   . GLY A 1 10  ? 11.868  8.215   -4.321  1.00 35.62 ? 10  GLY A C   1 
ATOM   66  O  O   . GLY A 1 10  ? 12.043  8.614   -5.473  1.00 35.19 ? 10  GLY A O   1 
ATOM   67  N  N   . ASP A 1 11  ? 12.647  8.535   -3.295  1.00 36.21 ? 11  ASP A N   1 
ATOM   68  C  CA  . ASP A 1 11  ? 13.836  9.351   -3.435  1.00 36.02 ? 11  ASP A CA  1 
ATOM   69  C  C   . ASP A 1 11  ? 14.995  8.450   -3.840  1.00 36.70 ? 11  ASP A C   1 
ATOM   70  O  O   . ASP A 1 11  ? 15.822  8.827   -4.680  1.00 36.94 ? 11  ASP A O   1 
ATOM   71  C  CB  . ASP A 1 11  ? 14.146  10.034  -2.103  1.00 35.89 ? 11  ASP A CB  1 
ATOM   72  C  CG  . ASP A 1 11  ? 15.492  10.688  -2.096  1.00 34.26 ? 11  ASP A CG  1 
ATOM   73  O  OD1 . ASP A 1 11  ? 15.581  11.849  -2.530  1.00 33.02 ? 11  ASP A OD1 1 
ATOM   74  O  OD2 . ASP A 1 11  ? 16.460  10.039  -1.662  1.00 32.59 ? 11  ASP A OD2 1 
ATOM   75  N  N   . GLY A 1 12  ? 15.055  7.274   -3.209  1.00 37.03 ? 12  GLY A N   1 
ATOM   76  C  CA  . GLY A 1 12  ? 16.081  6.275   -3.474  1.00 37.18 ? 12  GLY A CA  1 
ATOM   77  C  C   . GLY A 1 12  ? 15.525  5.202   -4.390  1.00 37.48 ? 12  GLY A C   1 
ATOM   78  O  O   . GLY A 1 12  ? 14.677  5.493   -5.227  1.00 37.71 ? 12  GLY A O   1 
ATOM   79  N  N   . PRO A 1 13  ? 15.974  3.949   -4.220  1.00 37.65 ? 13  PRO A N   1 
ATOM   80  C  CA  . PRO A 1 13  ? 15.670  2.886   -5.181  1.00 37.56 ? 13  PRO A CA  1 
ATOM   81  C  C   . PRO A 1 13  ? 14.261  2.287   -5.086  1.00 37.32 ? 13  PRO A C   1 
ATOM   82  O  O   . PRO A 1 13  ? 13.883  1.479   -5.952  1.00 37.22 ? 13  PRO A O   1 
ATOM   83  C  CB  . PRO A 1 13  ? 16.707  1.819   -4.841  1.00 37.92 ? 13  PRO A CB  1 
ATOM   84  C  CG  . PRO A 1 13  ? 16.945  1.989   -3.349  1.00 38.06 ? 13  PRO A CG  1 
ATOM   85  C  CD  . PRO A 1 13  ? 16.717  3.449   -3.042  1.00 37.74 ? 13  PRO A CD  1 
ATOM   86  N  N   . VAL A 1 14  ? 13.499  2.665   -4.059  1.00 36.90 ? 14  VAL A N   1 
ATOM   87  C  CA  . VAL A 1 14  ? 12.163  2.109   -3.870  1.00 36.72 ? 14  VAL A CA  1 
ATOM   88  C  C   . VAL A 1 14  ? 11.188  2.556   -4.969  1.00 36.46 ? 14  VAL A C   1 
ATOM   89  O  O   . VAL A 1 14  ? 10.950  3.751   -5.145  1.00 36.51 ? 14  VAL A O   1 
ATOM   90  C  CB  . VAL A 1 14  ? 11.561  2.459   -2.479  1.00 36.92 ? 14  VAL A CB  1 
ATOM   91  C  CG1 . VAL A 1 14  ? 10.132  1.911   -2.368  1.00 35.82 ? 14  VAL A CG1 1 
ATOM   92  C  CG2 . VAL A 1 14  ? 12.441  1.905   -1.353  1.00 36.63 ? 14  VAL A CG2 1 
ATOM   93  N  N   . GLN A 1 15  ? 10.648  1.584   -5.706  1.00 35.99 ? 15  GLN A N   1 
ATOM   94  C  CA  . GLN A 1 15  ? 9.614   1.842   -6.704  1.00 35.87 ? 15  GLN A CA  1 
ATOM   95  C  C   . GLN A 1 15  ? 8.790   0.581   -6.935  1.00 34.95 ? 15  GLN A C   1 
ATOM   96  O  O   . GLN A 1 15  ? 9.221   -0.508  -6.577  1.00 34.90 ? 15  GLN A O   1 
ATOM   97  C  CB  . GLN A 1 15  ? 10.218  2.345   -8.027  1.00 35.93 ? 15  GLN A CB  1 
ATOM   98  C  CG  . GLN A 1 15  ? 10.656  1.253   -9.012  1.00 37.40 ? 15  GLN A CG  1 
ATOM   99  C  CD  . GLN A 1 15  ? 9.645   0.973   -10.157 1.00 39.08 ? 15  GLN A CD  1 
ATOM   100 O  OE1 . GLN A 1 15  ? 9.470   1.802   -11.058 1.00 41.35 ? 15  GLN A OE1 1 
ATOM   101 N  NE2 . GLN A 1 15  ? 9.021   -0.214  -10.144 1.00 38.25 ? 15  GLN A NE2 1 
ATOM   102 N  N   . GLY A 1 16  ? 7.604   0.749   -7.521  1.00 33.97 ? 16  GLY A N   1 
ATOM   103 C  CA  . GLY A 1 16  ? 6.717   -0.369  -7.815  1.00 33.16 ? 16  GLY A CA  1 
ATOM   104 C  C   . GLY A 1 16  ? 5.333   0.080   -8.243  1.00 32.61 ? 16  GLY A C   1 
ATOM   105 O  O   . GLY A 1 16  ? 4.972   1.250   -8.088  1.00 32.27 ? 16  GLY A O   1 
ATOM   106 N  N   . ILE A 1 17  ? 4.561   -0.875  -8.769  1.00 31.55 ? 17  ILE A N   1 
ATOM   107 C  CA  . ILE A 1 17  ? 3.217   -0.644  -9.313  1.00 30.46 ? 17  ILE A CA  1 
ATOM   108 C  C   . ILE A 1 17  ? 2.225   -1.418  -8.472  1.00 29.07 ? 17  ILE A C   1 
ATOM   109 O  O   . ILE A 1 17  ? 2.435   -2.585  -8.196  1.00 28.33 ? 17  ILE A O   1 
ATOM   110 C  CB  . ILE A 1 17  ? 3.087   -1.161  -10.769 1.00 30.96 ? 17  ILE A CB  1 
ATOM   111 C  CG1 . ILE A 1 17  ? 4.239   -0.632  -11.657 1.00 33.29 ? 17  ILE A CG1 1 
ATOM   112 C  CG2 . ILE A 1 17  ? 1.695   -0.834  -11.351 1.00 28.65 ? 17  ILE A CG2 1 
ATOM   113 C  CD1 . ILE A 1 17  ? 4.339   0.952   -11.780 1.00 36.45 ? 17  ILE A CD1 1 
ATOM   114 N  N   . ILE A 1 18  ? 1.148   -0.771  -8.057  1.00 27.72 ? 18  ILE A N   1 
ATOM   115 C  CA  . ILE A 1 18  ? 0.139   -1.457  -7.261  1.00 27.10 ? 18  ILE A CA  1 
ATOM   116 C  C   . ILE A 1 18  ? -1.213  -1.357  -7.931  1.00 26.48 ? 18  ILE A C   1 
ATOM   117 O  O   . ILE A 1 18  ? -1.666  -0.254  -8.259  1.00 26.82 ? 18  ILE A O   1 
ATOM   118 C  CB  . ILE A 1 18  ? 0.067   -0.900  -5.814  1.00 27.14 ? 18  ILE A CB  1 
ATOM   119 C  CG1 . ILE A 1 18  ? 1.453   -1.033  -5.134  1.00 27.36 ? 18  ILE A CG1 1 
ATOM   120 C  CG2 . ILE A 1 18  ? -1.048  -1.637  -5.000  1.00 25.12 ? 18  ILE A CG2 1 
ATOM   121 C  CD1 . ILE A 1 18  ? 1.938   -2.477  -4.986  1.00 29.23 ? 18  ILE A CD1 1 
ATOM   122 N  N   . ASN A 1 19  ? -1.863  -2.502  -8.114  1.00 25.63 ? 19  ASN A N   1 
ATOM   123 C  CA  . ASN A 1 19  ? -3.201  -2.557  -8.686  1.00 25.34 ? 19  ASN A CA  1 
ATOM   124 C  C   . ASN A 1 19  ? -4.284  -2.711  -7.626  1.00 25.64 ? 19  ASN A C   1 
ATOM   125 O  O   . ASN A 1 19  ? -4.041  -3.279  -6.559  1.00 25.60 ? 19  ASN A O   1 
ATOM   126 C  CB  . ASN A 1 19  ? -3.314  -3.712  -9.653  1.00 25.30 ? 19  ASN A CB  1 
ATOM   127 C  CG  . ASN A 1 19  ? -2.817  -3.363  -11.005 1.00 25.49 ? 19  ASN A CG  1 
ATOM   128 O  OD1 . ASN A 1 19  ? -1.612  -3.312  -11.213 1.00 26.69 ? 19  ASN A OD1 1 
ATOM   129 N  ND2 . ASN A 1 19  ? -3.743  -3.129  -11.960 1.00 20.89 ? 19  ASN A ND2 1 
ATOM   130 N  N   . PHE A 1 20  ? -5.479  -2.202  -7.925  1.00 25.04 ? 20  PHE A N   1 
ATOM   131 C  CA  . PHE A 1 20  ? -6.639  -2.341  -7.012  1.00 24.92 ? 20  PHE A CA  1 
ATOM   132 C  C   . PHE A 1 20  ? -7.824  -2.651  -7.868  1.00 24.62 ? 20  PHE A C   1 
ATOM   133 O  O   . PHE A 1 20  ? -8.037  -2.003  -8.871  1.00 24.64 ? 20  PHE A O   1 
ATOM   134 C  CB  . PHE A 1 20  ? -7.003  -1.056  -6.256  1.00 25.20 ? 20  PHE A CB  1 
ATOM   135 C  CG  . PHE A 1 20  ? -5.871  -0.429  -5.480  1.00 24.45 ? 20  PHE A CG  1 
ATOM   136 C  CD1 . PHE A 1 20  ? -4.862  0.256   -6.136  1.00 25.30 ? 20  PHE A CD1 1 
ATOM   137 C  CD2 . PHE A 1 20  ? -5.882  -0.443  -4.092  1.00 24.76 ? 20  PHE A CD2 1 
ATOM   138 C  CE1 . PHE A 1 20  ? -3.824  0.837   -5.421  1.00 27.74 ? 20  PHE A CE1 1 
ATOM   139 C  CE2 . PHE A 1 20  ? -4.870  0.140   -3.366  1.00 25.58 ? 20  PHE A CE2 1 
ATOM   140 C  CZ  . PHE A 1 20  ? -3.826  0.777   -4.028  1.00 26.92 ? 20  PHE A CZ  1 
ATOM   141 N  N   . GLU A 1 21  ? -8.592  -3.635  -7.461  1.00 25.45 ? 21  GLU A N   1 
ATOM   142 C  CA  . GLU A 1 21  ? -9.820  -4.001  -8.140  1.00 25.97 ? 21  GLU A CA  1 
ATOM   143 C  C   . GLU A 1 21  ? -10.869 -4.294  -7.091  1.00 25.85 ? 21  GLU A C   1 
ATOM   144 O  O   . GLU A 1 21  ? -10.564 -4.864  -6.061  1.00 25.88 ? 21  GLU A O   1 
ATOM   145 C  CB  . GLU A 1 21  ? -9.598  -5.248  -8.994  1.00 26.48 ? 21  GLU A CB  1 
ATOM   146 C  CG  . GLU A 1 21  ? -10.644 -5.479  -10.092 1.00 28.72 ? 21  GLU A CG  1 
ATOM   147 C  CD  . GLU A 1 21  ? -10.629 -6.895  -10.663 1.00 32.24 ? 21  GLU A CD  1 
ATOM   148 O  OE1 . GLU A 1 21  ? -9.982  -7.826  -10.082 1.00 36.17 ? 21  GLU A OE1 1 
ATOM   149 O  OE2 . GLU A 1 21  ? -11.306 -7.086  -11.687 1.00 34.23 ? 21  GLU A OE2 1 
ATOM   150 N  N   . GLN A 1 22  ? -12.107 -3.922  -7.381  1.00 26.45 ? 22  GLN A N   1 
ATOM   151 C  CA  . GLN A 1 22  ? -13.219 -4.140  -6.496  1.00 26.89 ? 22  GLN A CA  1 
ATOM   152 C  C   . GLN A 1 22  ? -14.420 -4.485  -7.392  1.00 27.59 ? 22  GLN A C   1 
ATOM   153 O  O   . GLN A 1 22  ? -14.825 -3.668  -8.206  1.00 26.88 ? 22  GLN A O   1 
ATOM   154 C  CB  . GLN A 1 22  ? -13.424 -2.853  -5.678  1.00 27.00 ? 22  GLN A CB  1 
ATOM   155 C  CG  . GLN A 1 22  ? -14.700 -2.770  -4.855  1.00 26.39 ? 22  GLN A CG  1 
ATOM   156 C  CD  . GLN A 1 22  ? -14.799 -1.474  -4.037  1.00 27.78 ? 22  GLN A CD  1 
ATOM   157 O  OE1 . GLN A 1 22  ? -14.334 -0.410  -4.467  1.00 27.57 ? 22  GLN A OE1 1 
ATOM   158 N  NE2 . GLN A 1 22  ? -15.439 -1.561  -2.861  1.00 27.54 ? 22  GLN A NE2 1 
ATOM   159 N  N   . LYS A 1 23  ? -14.971 -5.694  -7.252  1.00 28.77 ? 23  LYS A N   1 
ATOM   160 C  CA  . LYS A 1 23  ? -16.027 -6.167  -8.151  1.00 30.21 ? 23  LYS A CA  1 
ATOM   161 C  C   . LYS A 1 23  ? -17.403 -5.544  -7.783  1.00 31.00 ? 23  LYS A C   1 
ATOM   162 O  O   . LYS A 1 23  ? -18.138 -5.092  -8.660  1.00 31.35 ? 23  LYS A O   1 
ATOM   163 C  CB  . LYS A 1 23  ? -16.133 -7.705  -8.117  1.00 30.85 ? 23  LYS A CB  1 
ATOM   164 C  CG  . LYS A 1 23  ? -14.807 -8.506  -8.258  1.00 33.11 ? 23  LYS A CG  1 
ATOM   165 C  CD  . LYS A 1 23  ? -14.626 -9.124  -9.666  1.00 35.05 ? 23  LYS A CD  1 
ATOM   166 C  CE  . LYS A 1 23  ? -13.154 -9.540  -9.930  1.00 36.17 ? 23  LYS A CE  1 
ATOM   167 N  NZ  . LYS A 1 23  ? -12.849 -9.696  -11.412 1.00 36.52 ? 23  LYS A NZ  1 
ATOM   168 N  N   . GLU A 1 24  ? -17.746 -5.569  -6.492  1.00 31.47 ? 24  GLU A N   1 
ATOM   169 C  CA  . GLU A 1 24  ? -18.954 -4.956  -5.949  1.00 32.10 ? 24  GLU A CA  1 
ATOM   170 C  C   . GLU A 1 24  ? -18.549 -3.684  -5.212  1.00 32.44 ? 24  GLU A C   1 
ATOM   171 O  O   . GLU A 1 24  ? -17.506 -3.628  -4.580  1.00 31.75 ? 24  GLU A O   1 
ATOM   172 C  CB  . GLU A 1 24  ? -19.625 -5.859  -4.884  1.00 32.47 ? 24  GLU A CB  1 
ATOM   173 C  CG  . GLU A 1 24  ? -20.119 -7.277  -5.249  1.00 33.14 ? 24  GLU A CG  1 
ATOM   174 C  CD  . GLU A 1 24  ? -20.621 -8.046  -3.977  1.00 35.35 ? 24  GLU A CD  1 
ATOM   175 O  OE1 . GLU A 1 24  ? -21.812 -8.491  -3.940  1.00 34.53 ? 24  GLU A OE1 1 
ATOM   176 O  OE2 . GLU A 1 24  ? -19.820 -8.183  -3.003  1.00 33.72 ? 24  GLU A OE2 1 
ATOM   177 N  N   . SER A 1 25  ? -19.427 -2.699  -5.194  1.00 33.30 ? 25  SER A N   1 
ATOM   178 C  CA  . SER A 1 25  ? -19.159 -1.449  -4.481  1.00 34.08 ? 25  SER A CA  1 
ATOM   179 C  C   . SER A 1 25  ? -19.053 -1.612  -2.938  1.00 34.19 ? 25  SER A C   1 
ATOM   180 O  O   . SER A 1 25  ? -18.653 -0.682  -2.235  1.00 34.37 ? 25  SER A O   1 
ATOM   181 C  CB  . SER A 1 25  ? -20.250 -0.422  -4.835  1.00 34.62 ? 25  SER A CB  1 
ATOM   182 O  OG  . SER A 1 25  ? -19.672 0.795   -5.274  1.00 36.35 ? 25  SER A OG  1 
ATOM   183 N  N   . ASN A 1 26  ? -19.438 -2.769  -2.405  1.00 34.47 ? 26  ASN A N   1 
ATOM   184 C  CA  . ASN A 1 26  ? -19.261 -3.056  -0.962  1.00 34.54 ? 26  ASN A CA  1 
ATOM   185 C  C   . ASN A 1 26  ? -18.384 -4.283  -0.695  1.00 34.00 ? 26  ASN A C   1 
ATOM   186 O  O   . ASN A 1 26  ? -18.051 -4.584  0.464   1.00 34.16 ? 26  ASN A O   1 
ATOM   187 C  CB  . ASN A 1 26  ? -20.616 -3.182  -0.212  1.00 34.75 ? 26  ASN A CB  1 
ATOM   188 C  CG  . ASN A 1 26  ? -21.700 -3.891  -1.028  1.00 35.89 ? 26  ASN A CG  1 
ATOM   189 O  OD1 . ASN A 1 26  ? -21.597 -5.084  -1.344  1.00 37.63 ? 26  ASN A OD1 1 
ATOM   190 N  ND2 . ASN A 1 26  ? -22.762 -3.157  -1.350  1.00 35.62 ? 26  ASN A ND2 1 
ATOM   191 N  N   . GLY A 1 27  ? -17.990 -4.977  -1.758  1.00 32.83 ? 27  GLY A N   1 
ATOM   192 C  CA  . GLY A 1 27  ? -17.144 -6.138  -1.614  1.00 31.96 ? 27  GLY A CA  1 
ATOM   193 C  C   . GLY A 1 27  ? -15.714 -5.726  -1.326  1.00 31.07 ? 27  GLY A C   1 
ATOM   194 O  O   . GLY A 1 27  ? -15.398 -4.530  -1.294  1.00 30.35 ? 27  GLY A O   1 
ATOM   195 N  N   . PRO A 1 28  ? -14.835 -6.724  -1.117  1.00 30.39 ? 28  PRO A N   1 
ATOM   196 C  CA  . PRO A 1 28  ? -13.403 -6.463  -0.890  1.00 29.51 ? 28  PRO A CA  1 
ATOM   197 C  C   . PRO A 1 28  ? -12.750 -5.796  -2.079  1.00 28.38 ? 28  PRO A C   1 
ATOM   198 O  O   . PRO A 1 28  ? -13.238 -5.925  -3.187  1.00 28.58 ? 28  PRO A O   1 
ATOM   199 C  CB  . PRO A 1 28  ? -12.805 -7.859  -0.696  1.00 29.56 ? 28  PRO A CB  1 
ATOM   200 C  CG  . PRO A 1 28  ? -13.794 -8.798  -1.346  1.00 30.53 ? 28  PRO A CG  1 
ATOM   201 C  CD  . PRO A 1 28  ? -15.145 -8.169  -1.152  1.00 30.00 ? 28  PRO A CD  1 
ATOM   202 N  N   . VAL A 1 29  ? -11.676 -5.076  -1.816  1.00 27.56 ? 29  VAL A N   1 
ATOM   203 C  CA  . VAL A 1 29  ? -10.811 -4.520  -2.831  1.00 27.65 ? 29  VAL A CA  1 
ATOM   204 C  C   . VAL A 1 29  ? -9.602  -5.419  -2.867  1.00 27.48 ? 29  VAL A C   1 
ATOM   205 O  O   . VAL A 1 29  ? -8.923  -5.550  -1.852  1.00 28.45 ? 29  VAL A O   1 
ATOM   206 C  CB  . VAL A 1 29  ? -10.337 -3.108  -2.461  1.00 27.07 ? 29  VAL A CB  1 
ATOM   207 C  CG1 . VAL A 1 29  ? -9.211  -2.684  -3.340  1.00 27.83 ? 29  VAL A CG1 1 
ATOM   208 C  CG2 . VAL A 1 29  ? -11.494 -2.091  -2.553  1.00 27.49 ? 29  VAL A CG2 1 
ATOM   209 N  N   . LYS A 1 30  ? -9.345  -6.053  -4.005  1.00 26.80 ? 30  LYS A N   1 
ATOM   210 C  CA  . LYS A 1 30  ? -8.115  -6.824  -4.183  1.00 26.63 ? 30  LYS A CA  1 
ATOM   211 C  C   . LYS A 1 30  ? -6.974  -5.864  -4.471  1.00 25.75 ? 30  LYS A C   1 
ATOM   212 O  O   . LYS A 1 30  ? -7.171  -4.851  -5.160  1.00 25.29 ? 30  LYS A O   1 
ATOM   213 C  CB  . LYS A 1 30  ? -8.243  -7.848  -5.312  1.00 27.13 ? 30  LYS A CB  1 
ATOM   214 C  CG  . LYS A 1 30  ? -9.098  -9.090  -4.978  1.00 29.40 ? 30  LYS A CG  1 
ATOM   215 C  CD  . LYS A 1 30  ? -8.899  -10.204 -6.063  1.00 32.05 ? 30  LYS A CD  1 
ATOM   216 C  CE  . LYS A 1 30  ? -9.895  -11.398 -5.892  1.00 32.60 ? 30  LYS A CE  1 
ATOM   217 N  NZ  . LYS A 1 30  ? -9.465  -12.370 -4.840  1.00 32.05 ? 30  LYS A NZ  1 
ATOM   218 N  N   . VAL A 1 31  ? -5.802  -6.167  -3.916  1.00 24.47 ? 31  VAL A N   1 
ATOM   219 C  CA  . VAL A 1 31  ? -4.622  -5.316  -4.041  1.00 23.82 ? 31  VAL A CA  1 
ATOM   220 C  C   . VAL A 1 31  ? -3.408  -6.165  -4.413  1.00 23.97 ? 31  VAL A C   1 
ATOM   221 O  O   . VAL A 1 31  ? -3.098  -7.122  -3.725  1.00 24.02 ? 31  VAL A O   1 
ATOM   222 C  CB  . VAL A 1 31  ? -4.330  -4.558  -2.721  1.00 24.33 ? 31  VAL A CB  1 
ATOM   223 C  CG1 . VAL A 1 31  ? -3.097  -3.665  -2.881  1.00 22.39 ? 31  VAL A CG1 1 
ATOM   224 C  CG2 . VAL A 1 31  ? -5.560  -3.728  -2.293  1.00 22.78 ? 31  VAL A CG2 1 
ATOM   225 N  N   . TRP A 1 32  ? -2.711  -5.836  -5.491  1.00 23.43 ? 32  TRP A N   1 
ATOM   226 C  CA  . TRP A 1 32  ? -1.515  -6.601  -5.821  1.00 22.80 ? 32  TRP A CA  1 
ATOM   227 C  C   . TRP A 1 32  ? -0.459  -5.754  -6.517  1.00 23.29 ? 32  TRP A C   1 
ATOM   228 O  O   . TRP A 1 32  ? -0.732  -4.629  -6.960  1.00 23.54 ? 32  TRP A O   1 
ATOM   229 C  CB  . TRP A 1 32  ? -1.868  -7.833  -6.659  1.00 22.48 ? 32  TRP A CB  1 
ATOM   230 C  CG  . TRP A 1 32  ? -2.305  -7.554  -8.091  1.00 20.54 ? 32  TRP A CG  1 
ATOM   231 C  CD1 . TRP A 1 32  ? -1.551  -7.708  -9.210  1.00 20.69 ? 32  TRP A CD1 1 
ATOM   232 C  CD2 . TRP A 1 32  ? -3.587  -7.098  -8.541  1.00 19.72 ? 32  TRP A CD2 1 
ATOM   233 N  NE1 . TRP A 1 32  ? -2.265  -7.367  -10.323 1.00 18.79 ? 32  TRP A NE1 1 
ATOM   234 C  CE2 . TRP A 1 32  ? -3.531  -7.008  -9.944  1.00 19.07 ? 32  TRP A CE2 1 
ATOM   235 C  CE3 . TRP A 1 32  ? -4.784  -6.757  -7.894  1.00 21.02 ? 32  TRP A CE3 1 
ATOM   236 C  CZ2 . TRP A 1 32  ? -4.626  -6.587  -10.726 1.00 15.96 ? 32  TRP A CZ2 1 
ATOM   237 C  CZ3 . TRP A 1 32  ? -5.870  -6.341  -8.674  1.00 19.72 ? 32  TRP A CZ3 1 
ATOM   238 C  CH2 . TRP A 1 32  ? -5.785  -6.277  -10.078 1.00 15.53 ? 32  TRP A CH2 1 
ATOM   239 N  N   . GLY A 1 33  ? 0.749   -6.296  -6.575  1.00 22.62 ? 33  GLY A N   1 
ATOM   240 C  CA  . GLY A 1 33  ? 1.853   -5.657  -7.255  1.00 23.44 ? 33  GLY A CA  1 
ATOM   241 C  C   . GLY A 1 33  ? 3.155   -6.159  -6.680  1.00 24.45 ? 33  GLY A C   1 
ATOM   242 O  O   . GLY A 1 33  ? 3.184   -7.096  -5.884  1.00 24.26 ? 33  GLY A O   1 
ATOM   243 N  N   . SER A 1 34  ? 4.243   -5.542  -7.089  1.00 25.66 ? 34  SER A N   1 
ATOM   244 C  CA  . SER A 1 34  ? 5.510   -5.742  -6.426  1.00 26.90 ? 34  SER A CA  1 
ATOM   245 C  C   . SER A 1 34  ? 6.191   -4.396  -6.208  1.00 27.24 ? 34  SER A C   1 
ATOM   246 O  O   . SER A 1 34  ? 5.949   -3.435  -6.942  1.00 27.16 ? 34  SER A O   1 
ATOM   247 C  CB  . SER A 1 34  ? 6.403   -6.697  -7.218  1.00 27.33 ? 34  SER A CB  1 
ATOM   248 O  OG  . SER A 1 34  ? 6.369   -6.402  -8.602  1.00 29.79 ? 34  SER A OG  1 
ATOM   249 N  N   . ILE A 1 35  ? 7.016   -4.347  -5.169  1.00 27.32 ? 35  ILE A N   1 
ATOM   250 C  CA  . ILE A 1 35  ? 7.771   -3.173  -4.809  1.00 27.59 ? 35  ILE A CA  1 
ATOM   251 C  C   . ILE A 1 35  ? 9.211   -3.639  -4.682  1.00 27.91 ? 35  ILE A C   1 
ATOM   252 O  O   . ILE A 1 35  ? 9.446   -4.672  -4.084  1.00 28.23 ? 35  ILE A O   1 
ATOM   253 C  CB  . ILE A 1 35  ? 7.306   -2.582  -3.461  1.00 27.06 ? 35  ILE A CB  1 
ATOM   254 C  CG1 . ILE A 1 35  ? 5.786   -2.457  -3.446  1.00 26.80 ? 35  ILE A CG1 1 
ATOM   255 C  CG2 . ILE A 1 35  ? 7.967   -1.226  -3.222  1.00 26.81 ? 35  ILE A CG2 1 
ATOM   256 C  CD1 . ILE A 1 35  ? 5.253   -1.485  -2.401  1.00 26.40 ? 35  ILE A CD1 1 
ATOM   257 N  N   . LYS A 1 36  ? 10.146  -2.857  -5.215  1.00 27.73 ? 36  LYS A N   1 
ATOM   258 C  CA  . LYS A 1 36  ? 11.537  -3.252  -5.339  1.00 28.48 ? 36  LYS A CA  1 
ATOM   259 C  C   . LYS A 1 36  ? 12.415  -2.227  -4.630  1.00 28.91 ? 36  LYS A C   1 
ATOM   260 O  O   . LYS A 1 36  ? 11.960  -1.114  -4.341  1.00 28.92 ? 36  LYS A O   1 
ATOM   261 C  CB  . LYS A 1 36  ? 11.910  -3.315  -6.826  1.00 28.68 ? 36  LYS A CB  1 
ATOM   262 C  CG  . LYS A 1 36  ? 10.947  -4.211  -7.682  1.00 29.90 ? 36  LYS A CG  1 
ATOM   263 C  CD  . LYS A 1 36  ? 10.630  -3.613  -9.078  1.00 32.35 ? 36  LYS A CD  1 
ATOM   264 C  CE  . LYS A 1 36  ? 9.238   -3.983  -9.613  1.00 32.57 ? 36  LYS A CE  1 
ATOM   265 N  NZ  . LYS A 1 36  ? 9.109   -3.705  -11.091 1.00 32.47 ? 36  LYS A NZ  1 
ATOM   266 N  N   . GLY A 1 37  ? 13.674  -2.593  -4.372  1.00 29.33 ? 37  GLY A N   1 
ATOM   267 C  CA  . GLY A 1 37  ? 14.645  -1.691  -3.743  1.00 29.05 ? 37  GLY A CA  1 
ATOM   268 C  C   . GLY A 1 37  ? 14.380  -1.433  -2.258  1.00 29.12 ? 37  GLY A C   1 
ATOM   269 O  O   . GLY A 1 37  ? 14.795  -0.403  -1.722  1.00 28.77 ? 37  GLY A O   1 
ATOM   270 N  N   . LEU A 1 38  ? 13.685  -2.369  -1.599  1.00 28.78 ? 38  LEU A N   1 
ATOM   271 C  CA  . LEU A 1 38  ? 13.429  -2.306  -0.148  1.00 28.31 ? 38  LEU A CA  1 
ATOM   272 C  C   . LEU A 1 38  ? 14.508  -3.066  0.656   1.00 27.98 ? 38  LEU A C   1 
ATOM   273 O  O   . LEU A 1 38  ? 15.294  -3.849  0.095   1.00 28.55 ? 38  LEU A O   1 
ATOM   274 C  CB  . LEU A 1 38  ? 12.038  -2.876  0.146   1.00 28.02 ? 38  LEU A CB  1 
ATOM   275 C  CG  . LEU A 1 38  ? 10.841  -2.087  -0.409  1.00 27.12 ? 38  LEU A CG  1 
ATOM   276 C  CD1 . LEU A 1 38  ? 9.579   -2.978  -0.470  1.00 27.10 ? 38  LEU A CD1 1 
ATOM   277 C  CD2 . LEU A 1 38  ? 10.543  -0.817  0.402   1.00 25.56 ? 38  LEU A CD2 1 
ATOM   278 N  N   . THR A 1 39  ? 14.566  -2.807  1.961   1.00 27.24 ? 39  THR A N   1 
ATOM   279 C  CA  . THR A 1 39  ? 15.387  -3.588  2.873   1.00 26.51 ? 39  THR A CA  1 
ATOM   280 C  C   . THR A 1 39  ? 14.581  -4.843  3.283   1.00 26.37 ? 39  THR A C   1 
ATOM   281 O  O   . THR A 1 39  ? 13.357  -4.809  3.323   1.00 25.78 ? 39  THR A O   1 
ATOM   282 C  CB  . THR A 1 39  ? 15.773  -2.768  4.126   1.00 26.70 ? 39  THR A CB  1 
ATOM   283 O  OG1 . THR A 1 39  ? 14.596  -2.450  4.881   1.00 26.58 ? 39  THR A OG1 1 
ATOM   284 C  CG2 . THR A 1 39  ? 16.478  -1.467  3.738   1.00 26.47 ? 39  THR A CG2 1 
ATOM   285 N  N   . GLU A 1 40  ? 15.265  -5.943  3.571   1.00 26.00 ? 40  GLU A N   1 
ATOM   286 C  CA  . GLU A 1 40  ? 14.587  -7.201  3.891   1.00 26.53 ? 40  GLU A CA  1 
ATOM   287 C  C   . GLU A 1 40  ? 13.734  -7.010  5.121   1.00 26.00 ? 40  GLU A C   1 
ATOM   288 O  O   . GLU A 1 40  ? 14.212  -6.422  6.100   1.00 26.51 ? 40  GLU A O   1 
ATOM   289 C  CB  . GLU A 1 40  ? 15.578  -8.368  4.158   1.00 26.67 ? 40  GLU A CB  1 
ATOM   290 C  CG  . GLU A 1 40  ? 14.863  -9.741  4.296   1.00 27.54 ? 40  GLU A CG  1 
ATOM   291 C  CD  . GLU A 1 40  ? 15.803  -10.898 4.660   1.00 30.94 ? 40  GLU A CD  1 
ATOM   292 O  OE1 . GLU A 1 40  ? 16.898  -10.662 5.229   1.00 33.80 ? 40  GLU A OE1 1 
ATOM   293 O  OE2 . GLU A 1 40  ? 15.435  -12.067 4.397   1.00 32.48 ? 40  GLU A OE2 1 
ATOM   294 N  N   . GLY A 1 41  ? 12.500  -7.516  5.076   1.00 24.81 ? 41  GLY A N   1 
ATOM   295 C  CA  . GLY A 1 41  ? 11.617  -7.495  6.239   1.00 24.74 ? 41  GLY A CA  1 
ATOM   296 C  C   . GLY A 1 41  ? 10.310  -6.770  5.987   1.00 24.29 ? 41  GLY A C   1 
ATOM   297 O  O   . GLY A 1 41  ? 9.951   -6.513  4.839   1.00 24.73 ? 41  GLY A O   1 
ATOM   298 N  N   . LEU A 1 42  ? 9.593   -6.457  7.060   1.00 23.45 ? 42  LEU A N   1 
ATOM   299 C  CA  . LEU A 1 42  ? 8.282   -5.851  6.965   1.00 23.79 ? 42  LEU A CA  1 
ATOM   300 C  C   . LEU A 1 42  ? 8.386   -4.346  6.766   1.00 23.81 ? 42  LEU A C   1 
ATOM   301 O  O   . LEU A 1 42  ? 9.241   -3.727  7.369   1.00 23.82 ? 42  LEU A O   1 
ATOM   302 C  CB  . LEU A 1 42  ? 7.477   -6.122  8.226   1.00 24.05 ? 42  LEU A CB  1 
ATOM   303 C  CG  . LEU A 1 42  ? 7.012   -7.542  8.526   1.00 24.27 ? 42  LEU A CG  1 
ATOM   304 C  CD1 . LEU A 1 42  ? 6.262   -7.514  9.866   1.00 23.22 ? 42  LEU A CD1 1 
ATOM   305 C  CD2 . LEU A 1 42  ? 6.151   -8.120  7.422   1.00 22.38 ? 42  LEU A CD2 1 
ATOM   306 N  N   . HIS A 1 43  ? 7.495   -3.775  5.949   1.00 24.05 ? 43  HIS A N   1 
ATOM   307 C  CA  . HIS A 1 43  ? 7.447   -2.308  5.698   1.00 24.27 ? 43  HIS A CA  1 
ATOM   308 C  C   . HIS A 1 43  ? 6.019   -1.793  5.724   1.00 23.89 ? 43  HIS A C   1 
ATOM   309 O  O   . HIS A 1 43  ? 5.162   -2.313  5.004   1.00 24.79 ? 43  HIS A O   1 
ATOM   310 C  CB  . HIS A 1 43  ? 8.094   -1.970  4.354   1.00 24.55 ? 43  HIS A CB  1 
ATOM   311 C  CG  . HIS A 1 43  ? 9.581   -2.105  4.363   1.00 24.37 ? 43  HIS A CG  1 
ATOM   312 N  ND1 . HIS A 1 43  ? 10.417  -1.041  4.599   1.00 28.22 ? 43  HIS A ND1 1 
ATOM   313 C  CD2 . HIS A 1 43  ? 10.384  -3.181  4.179   1.00 26.25 ? 43  HIS A CD2 1 
ATOM   314 C  CE1 . HIS A 1 43  ? 11.677  -1.453  4.561   1.00 27.47 ? 43  HIS A CE1 1 
ATOM   315 N  NE2 . HIS A 1 43  ? 11.685  -2.748  4.309   1.00 25.47 ? 43  HIS A NE2 1 
ATOM   316 N  N   . GLY A 1 44  ? 5.763   -0.786  6.566   1.00 23.32 ? 44  GLY A N   1 
ATOM   317 C  CA  . GLY A 1 44  ? 4.443   -0.178  6.686   1.00 22.43 ? 44  GLY A CA  1 
ATOM   318 C  C   . GLY A 1 44  ? 3.831   0.200   5.343   1.00 23.09 ? 44  GLY A C   1 
ATOM   319 O  O   . GLY A 1 44  ? 4.482   0.850   4.507   1.00 20.89 ? 44  GLY A O   1 
ATOM   320 N  N   . PHE A 1 45  ? 2.560   -0.195  5.146   1.00 23.11 ? 45  PHE A N   1 
ATOM   321 C  CA  . PHE A 1 45  ? 1.861   -0.023  3.863   1.00 23.72 ? 45  PHE A CA  1 
ATOM   322 C  C   . PHE A 1 45  ? 0.561   0.715   4.132   1.00 25.05 ? 45  PHE A C   1 
ATOM   323 O  O   . PHE A 1 45  ? -0.418  0.110   4.579   1.00 25.05 ? 45  PHE A O   1 
ATOM   324 C  CB  . PHE A 1 45  ? 1.562   -1.397  3.254   1.00 23.54 ? 45  PHE A CB  1 
ATOM   325 C  CG  . PHE A 1 45  ? 1.263   -1.396  1.776   1.00 22.33 ? 45  PHE A CG  1 
ATOM   326 C  CD1 . PHE A 1 45  ? 1.907   -0.533  0.906   1.00 22.49 ? 45  PHE A CD1 1 
ATOM   327 C  CD2 . PHE A 1 45  ? 0.401   -2.345  1.249   1.00 21.45 ? 45  PHE A CD2 1 
ATOM   328 C  CE1 . PHE A 1 45  ? 1.667   -0.582  -0.439  1.00 23.21 ? 45  PHE A CE1 1 
ATOM   329 C  CE2 . PHE A 1 45  ? 0.138   -2.389  -0.094  1.00 23.62 ? 45  PHE A CE2 1 
ATOM   330 C  CZ  . PHE A 1 45  ? 0.795   -1.508  -0.948  1.00 24.46 ? 45  PHE A CZ  1 
ATOM   331 N  N   . HIS A 1 46  ? 0.568   2.030   3.885   1.00 26.24 ? 46  HIS A N   1 
ATOM   332 C  CA  . HIS A 1 46  ? -0.520  2.876   4.280   1.00 26.88 ? 46  HIS A CA  1 
ATOM   333 C  C   . HIS A 1 46  ? -1.191  3.549   3.097   1.00 28.75 ? 46  HIS A C   1 
ATOM   334 O  O   . HIS A 1 46  ? -0.643  3.613   2.011   1.00 27.97 ? 46  HIS A O   1 
ATOM   335 C  CB  . HIS A 1 46  ? -0.015  3.971   5.216   1.00 27.20 ? 46  HIS A CB  1 
ATOM   336 C  CG  . HIS A 1 46  ? 0.450   3.469   6.544   1.00 25.28 ? 46  HIS A CG  1 
ATOM   337 N  ND1 . HIS A 1 46  ? 1.137   4.266   7.426   1.00 21.05 ? 46  HIS A ND1 1 
ATOM   338 C  CD2 . HIS A 1 46  ? 0.300   2.265   7.150   1.00 23.68 ? 46  HIS A CD2 1 
ATOM   339 C  CE1 . HIS A 1 46  ? 1.426   3.564   8.509   1.00 23.23 ? 46  HIS A CE1 1 
ATOM   340 N  NE2 . HIS A 1 46  ? 0.915   2.352   8.374   1.00 24.61 ? 46  HIS A NE2 1 
ATOM   341 N  N   . VAL A 1 47  ? -2.395  4.045   3.359   1.00 30.80 ? 47  VAL A N   1 
ATOM   342 C  CA  . VAL A 1 47  ? -3.095  4.971   2.488   1.00 32.24 ? 47  VAL A CA  1 
ATOM   343 C  C   . VAL A 1 47  ? -3.260  6.279   3.285   1.00 32.96 ? 47  VAL A C   1 
ATOM   344 O  O   . VAL A 1 47  ? -4.024  6.323   4.241   1.00 31.99 ? 47  VAL A O   1 
ATOM   345 C  CB  . VAL A 1 47  ? -4.491  4.414   2.077   1.00 32.44 ? 47  VAL A CB  1 
ATOM   346 C  CG1 . VAL A 1 47  ? -5.292  5.460   1.312   1.00 32.17 ? 47  VAL A CG1 1 
ATOM   347 C  CG2 . VAL A 1 47  ? -4.351  3.156   1.238   1.00 31.72 ? 47  VAL A CG2 1 
ATOM   348 N  N   . HIS A 1 48  ? -2.522  7.321   2.887   1.00 34.77 ? 48  HIS A N   1 
ATOM   349 C  CA  . HIS A 1 48  ? -2.579  8.631   3.562   1.00 36.54 ? 48  HIS A CA  1 
ATOM   350 C  C   . HIS A 1 48  ? -3.776  9.426   3.014   1.00 37.51 ? 48  HIS A C   1 
ATOM   351 O  O   . HIS A 1 48  ? -4.615  8.866   2.302   1.00 37.14 ? 48  HIS A O   1 
ATOM   352 C  CB  . HIS A 1 48  ? -1.251  9.393   3.378   1.00 36.55 ? 48  HIS A CB  1 
ATOM   353 C  CG  . HIS A 1 48  ? -1.057  10.529  4.345   1.00 38.98 ? 48  HIS A CG  1 
ATOM   354 N  ND1 . HIS A 1 48  ? -0.923  10.343  5.706   1.00 39.56 ? 48  HIS A ND1 1 
ATOM   355 C  CD2 . HIS A 1 48  ? -0.962  11.868  4.141   1.00 39.20 ? 48  HIS A CD2 1 
ATOM   356 C  CE1 . HIS A 1 48  ? -0.766  11.513  6.296   1.00 39.22 ? 48  HIS A CE1 1 
ATOM   357 N  NE2 . HIS A 1 48  ? -0.785  12.454  5.368   1.00 39.57 ? 48  HIS A NE2 1 
ATOM   358 N  N   . GLU A 1 49  ? -3.865  10.711  3.370   1.00 39.10 ? 49  GLU A N   1 
ATOM   359 C  CA  . GLU A 1 49  ? -4.926  11.609  2.885   1.00 39.80 ? 49  GLU A CA  1 
ATOM   360 C  C   . GLU A 1 49  ? -4.426  12.708  1.926   1.00 40.21 ? 49  GLU A C   1 
ATOM   361 O  O   . GLU A 1 49  ? -4.979  12.847  0.828   1.00 40.10 ? 49  GLU A O   1 
ATOM   362 C  CB  . GLU A 1 49  ? -5.658  12.210  4.064   1.00 39.65 ? 49  GLU A CB  1 
ATOM   363 C  CG  . GLU A 1 49  ? -6.791  13.143  3.685   1.00 41.80 ? 49  GLU A CG  1 
ATOM   364 C  CD  . GLU A 1 49  ? -8.116  12.441  3.445   1.00 43.48 ? 49  GLU A CD  1 
ATOM   365 O  OE1 . GLU A 1 49  ? -8.106  11.295  2.939   1.00 44.31 ? 49  GLU A OE1 1 
ATOM   366 O  OE2 . GLU A 1 49  ? -9.172  13.055  3.773   1.00 44.49 ? 49  GLU A OE2 1 
ATOM   367 N  N   . GLU A 1 50  ? -3.411  13.484  2.330   1.00 40.72 ? 50  GLU A N   1 
ATOM   368 C  CA  . GLU A 1 50  ? -2.740  14.459  1.424   1.00 41.23 ? 50  GLU A CA  1 
ATOM   369 C  C   . GLU A 1 50  ? -3.640  14.928  0.270   1.00 41.32 ? 50  GLU A C   1 
ATOM   370 O  O   . GLU A 1 50  ? -4.608  15.680  0.468   1.00 42.21 ? 50  GLU A O   1 
ATOM   371 C  CB  . GLU A 1 50  ? -1.369  13.905  0.906   1.00 41.44 ? 50  GLU A CB  1 
ATOM   372 C  CG  . GLU A 1 50  ? -1.068  13.974  -0.653  1.00 42.07 ? 50  GLU A CG  1 
ATOM   373 C  CD  . GLU A 1 50  ? -0.957  15.399  -1.272  1.00 43.44 ? 50  GLU A CD  1 
ATOM   374 O  OE1 . GLU A 1 50  ? -0.445  16.335  -0.613  1.00 43.30 ? 50  GLU A OE1 1 
ATOM   375 O  OE2 . GLU A 1 50  ? -1.374  15.584  -2.448  1.00 43.32 ? 50  GLU A OE2 1 
ATOM   376 N  N   . VAL A 1 81  ? -4.260  8.391   8.049   1.00 38.62 ? 81  VAL A N   1 
ATOM   377 C  CA  . VAL A 1 81  ? -3.758  7.091   7.582   1.00 38.38 ? 81  VAL A CA  1 
ATOM   378 C  C   . VAL A 1 81  ? -4.839  6.024   7.567   1.00 38.50 ? 81  VAL A C   1 
ATOM   379 O  O   . VAL A 1 81  ? -5.748  6.039   8.409   1.00 38.61 ? 81  VAL A O   1 
ATOM   380 C  CB  . VAL A 1 81  ? -2.646  6.550   8.491   1.00 38.35 ? 81  VAL A CB  1 
ATOM   381 C  CG1 . VAL A 1 81  ? -3.018  6.753   9.954   1.00 39.03 ? 81  VAL A CG1 1 
ATOM   382 C  CG2 . VAL A 1 81  ? -2.361  5.053   8.202   1.00 37.66 ? 81  VAL A CG2 1 
ATOM   383 N  N   . GLY A 1 82  ? -4.710  5.108   6.600   1.00 38.17 ? 82  GLY A N   1 
ATOM   384 C  CA  . GLY A 1 82  ? -5.400  3.815   6.579   1.00 37.70 ? 82  GLY A CA  1 
ATOM   385 C  C   . GLY A 1 82  ? -4.323  2.746   6.412   1.00 37.61 ? 82  GLY A C   1 
ATOM   386 O  O   . GLY A 1 82  ? -3.358  2.913   5.640   1.00 37.92 ? 82  GLY A O   1 
ATOM   387 N  N   . SER A 1 83  ? -4.464  1.654   7.157   1.00 37.11 ? 83  SER A N   1 
ATOM   388 C  CA  . SER A 1 83  ? -3.467  0.598   7.182   1.00 36.18 ? 83  SER A CA  1 
ATOM   389 C  C   . SER A 1 83  ? -3.891  -0.540  6.270   1.00 35.11 ? 83  SER A C   1 
ATOM   390 O  O   . SER A 1 83  ? -4.994  -1.062  6.392   1.00 35.06 ? 83  SER A O   1 
ATOM   391 C  CB  . SER A 1 83  ? -3.262  0.074   8.603   1.00 36.36 ? 83  SER A CB  1 
ATOM   392 O  OG  . SER A 1 83  ? -1.922  -0.382  8.787   1.00 37.16 ? 83  SER A OG  1 
ATOM   393 N  N   . LEU A 1 84  ? -3.017  -0.897  5.333   1.00 33.69 ? 84  LEU A N   1 
ATOM   394 C  CA  . LEU A 1 84  ? -3.140  -2.177  4.623   1.00 32.92 ? 84  LEU A CA  1 
ATOM   395 C  C   . LEU A 1 84  ? -2.129  -3.180  5.227   1.00 31.89 ? 84  LEU A C   1 
ATOM   396 O  O   . LEU A 1 84  ? -1.578  -4.034  4.526   1.00 33.32 ? 84  LEU A O   1 
ATOM   397 C  CB  . LEU A 1 84  ? -2.904  -1.976  3.118   1.00 32.55 ? 84  LEU A CB  1 
ATOM   398 C  CG  . LEU A 1 84  ? -3.849  -1.027  2.385   1.00 31.69 ? 84  LEU A CG  1 
ATOM   399 C  CD1 . LEU A 1 84  ? -3.288  -0.736  0.992   1.00 31.77 ? 84  LEU A CD1 1 
ATOM   400 C  CD2 . LEU A 1 84  ? -5.237  -1.588  2.315   1.00 28.43 ? 84  LEU A CD2 1 
ATOM   401 N  N   . GLY A 1 85  ? -1.868  -3.049  6.523   1.00 30.32 ? 85  GLY A N   1 
ATOM   402 C  CA  . GLY A 1 85  ? -0.859  -3.847  7.196   1.00 29.31 ? 85  GLY A CA  1 
ATOM   403 C  C   . GLY A 1 85  ? 0.580   -3.516  6.826   1.00 28.70 ? 85  GLY A C   1 
ATOM   404 O  O   . GLY A 1 85  ? 1.035   -2.364  6.942   1.00 27.46 ? 85  GLY A O   1 
ATOM   405 N  N   . ASN A 1 86  ? 1.310   -4.548  6.413   1.00 27.52 ? 86  ASN A N   1 
ATOM   406 C  CA  . ASN A 1 86  ? 2.684   -4.404  6.006   1.00 26.94 ? 86  ASN A CA  1 
ATOM   407 C  C   . ASN A 1 86  ? 2.844   -5.149  4.715   1.00 27.55 ? 86  ASN A C   1 
ATOM   408 O  O   . ASN A 1 86  ? 2.066   -6.091  4.434   1.00 27.66 ? 86  ASN A O   1 
ATOM   409 C  CB  . ASN A 1 86  ? 3.601   -5.056  7.032   1.00 26.80 ? 86  ASN A CB  1 
ATOM   410 C  CG  . ASN A 1 86  ? 3.839   -4.202  8.250   1.00 24.58 ? 86  ASN A CG  1 
ATOM   411 O  OD1 . ASN A 1 86  ? 4.769   -3.395  8.268   1.00 26.84 ? 86  ASN A OD1 1 
ATOM   412 N  ND2 . ASN A 1 86  ? 3.053   -4.412  9.288   1.00 18.91 ? 86  ASN A ND2 1 
ATOM   413 N  N   . VAL A 1 87  ? 3.864   -4.769  3.955   1.00 26.75 ? 87  VAL A N   1 
ATOM   414 C  CA  . VAL A 1 87  ? 4.389   -5.655  2.925   1.00 26.58 ? 87  VAL A CA  1 
ATOM   415 C  C   . VAL A 1 87  ? 5.740   -6.189  3.367   1.00 27.08 ? 87  VAL A C   1 
ATOM   416 O  O   . VAL A 1 87  ? 6.423   -5.563  4.178   1.00 27.30 ? 87  VAL A O   1 
ATOM   417 C  CB  . VAL A 1 87  ? 4.478   -4.980  1.585   1.00 25.98 ? 87  VAL A CB  1 
ATOM   418 C  CG1 . VAL A 1 87  ? 3.081   -4.690  1.098   1.00 26.54 ? 87  VAL A CG1 1 
ATOM   419 C  CG2 . VAL A 1 87  ? 5.303   -3.678  1.686   1.00 27.99 ? 87  VAL A CG2 1 
ATOM   420 N  N   . THR A 1 88  ? 6.104   -7.356  2.836   1.00 27.56 ? 88  THR A N   1 
ATOM   421 C  CA  . THR A 1 88  ? 7.289   -8.078  3.230   1.00 28.24 ? 88  THR A CA  1 
ATOM   422 C  C   . THR A 1 88  ? 8.295   -8.160  2.086   1.00 28.52 ? 88  THR A C   1 
ATOM   423 O  O   . THR A 1 88  ? 8.020   -8.769  1.062   1.00 27.94 ? 88  THR A O   1 
ATOM   424 C  CB  . THR A 1 88  ? 6.936   -9.521  3.638   1.00 28.73 ? 88  THR A CB  1 
ATOM   425 O  OG1 . THR A 1 88  ? 5.784   -9.515  4.507   1.00 28.77 ? 88  THR A OG1 1 
ATOM   426 C  CG2 . THR A 1 88  ? 8.174   -10.214 4.310   1.00 27.67 ? 88  THR A CG2 1 
ATOM   427 N  N   . ALA A 1 89  ? 9.455   -7.538  2.277   1.00 28.79 ? 89  ALA A N   1 
ATOM   428 C  CA  . ALA A 1 89  ? 10.525  -7.588  1.295   1.00 28.92 ? 89  ALA A CA  1 
ATOM   429 C  C   . ALA A 1 89  ? 11.392  -8.828  1.546   1.00 29.67 ? 89  ALA A C   1 
ATOM   430 O  O   . ALA A 1 89  ? 11.599  -9.244  2.704   1.00 29.31 ? 89  ALA A O   1 
ATOM   431 C  CB  . ALA A 1 89  ? 11.356  -6.330  1.352   1.00 28.38 ? 89  ALA A CB  1 
ATOM   432 N  N   . ASP A 1 90  ? 11.873  -9.408  0.445   1.00 30.12 ? 90  ASP A N   1 
ATOM   433 C  CA  . ASP A 1 90  ? 12.716  -10.587 0.461   1.00 30.63 ? 90  ASP A CA  1 
ATOM   434 C  C   . ASP A 1 90  ? 14.181  -10.177 0.538   1.00 30.84 ? 90  ASP A C   1 
ATOM   435 O  O   . ASP A 1 90  ? 14.482  -8.995  0.691   1.00 30.66 ? 90  ASP A O   1 
ATOM   436 C  CB  . ASP A 1 90  ? 12.462  -11.425 -0.807  1.00 30.86 ? 90  ASP A CB  1 
ATOM   437 C  CG  . ASP A 1 90  ? 13.125  -10.844 -2.064  1.00 31.41 ? 90  ASP A CG  1 
ATOM   438 O  OD1 . ASP A 1 90  ? 13.602  -9.687  -2.048  1.00 32.93 ? 90  ASP A OD1 1 
ATOM   439 O  OD2 . ASP A 1 90  ? 13.175  -11.570 -3.085  1.00 31.92 ? 90  ASP A OD2 1 
ATOM   440 N  N   . LYS A 1 91  ? 15.082  -11.152 0.379   1.00 30.98 ? 91  LYS A N   1 
ATOM   441 C  CA  . LYS A 1 91  ? 16.511  -10.909 0.481   1.00 31.19 ? 91  LYS A CA  1 
ATOM   442 C  C   . LYS A 1 91  ? 17.079  -9.870  -0.485  1.00 31.12 ? 91  LYS A C   1 
ATOM   443 O  O   . LYS A 1 91  ? 17.982  -9.131  -0.096  1.00 31.27 ? 91  LYS A O   1 
ATOM   444 C  CB  . LYS A 1 91  ? 17.314  -12.216 0.351   1.00 31.62 ? 91  LYS A CB  1 
ATOM   445 C  CG  . LYS A 1 91  ? 17.508  -12.973 1.675   1.00 32.53 ? 91  LYS A CG  1 
ATOM   446 C  CD  . LYS A 1 91  ? 18.450  -12.244 2.646   1.00 33.94 ? 91  LYS A CD  1 
ATOM   447 C  CE  . LYS A 1 91  ? 18.679  -13.040 3.946   1.00 34.26 ? 91  LYS A CE  1 
ATOM   448 N  NZ  . LYS A 1 91  ? 19.093  -12.162 5.089   1.00 33.76 ? 91  LYS A NZ  1 
ATOM   449 N  N   . ASP A 1 92  ? 16.590  -9.800  -1.722  1.00 30.76 ? 92  ASP A N   1 
ATOM   450 C  CA  . ASP A 1 92  ? 17.132  -8.812  -2.665  1.00 30.87 ? 92  ASP A CA  1 
ATOM   451 C  C   . ASP A 1 92  ? 16.176  -7.625  -2.909  1.00 30.61 ? 92  ASP A C   1 
ATOM   452 O  O   . ASP A 1 92  ? 16.259  -6.936  -3.929  1.00 30.52 ? 92  ASP A O   1 
ATOM   453 C  CB  . ASP A 1 92  ? 17.606  -9.476  -3.966  1.00 31.23 ? 92  ASP A CB  1 
ATOM   454 C  CG  . ASP A 1 92  ? 16.584  -10.437 -4.536  1.00 32.24 ? 92  ASP A CG  1 
ATOM   455 O  OD1 . ASP A 1 92  ? 15.454  -9.977  -4.826  1.00 33.38 ? 92  ASP A OD1 1 
ATOM   456 O  OD2 . ASP A 1 92  ? 16.906  -11.646 -4.659  1.00 31.59 ? 92  ASP A OD2 1 
ATOM   457 N  N   . GLY A 1 93  ? 15.297  -7.382  -1.943  1.00 30.12 ? 93  GLY A N   1 
ATOM   458 C  CA  . GLY A 1 93  ? 14.551  -6.125  -1.870  1.00 30.11 ? 93  GLY A CA  1 
ATOM   459 C  C   . GLY A 1 93  ? 13.180  -6.109  -2.518  1.00 29.91 ? 93  GLY A C   1 
ATOM   460 O  O   . GLY A 1 93  ? 12.566  -5.039  -2.660  1.00 29.84 ? 93  GLY A O   1 
ATOM   461 N  N   . VAL A 1 94  ? 12.666  -7.283  -2.874  1.00 29.78 ? 94  VAL A N   1 
ATOM   462 C  CA  . VAL A 1 94  ? 11.395  -7.359  -3.606  1.00 29.24 ? 94  VAL A CA  1 
ATOM   463 C  C   . VAL A 1 94  ? 10.275  -7.889  -2.742  1.00 28.79 ? 94  VAL A C   1 
ATOM   464 O  O   . VAL A 1 94  ? 10.401  -8.938  -2.107  1.00 27.82 ? 94  VAL A O   1 
ATOM   465 C  CB  . VAL A 1 94  ? 11.511  -8.225  -4.882  1.00 29.59 ? 94  VAL A CB  1 
ATOM   466 C  CG1 . VAL A 1 94  ? 10.142  -8.271  -5.633  1.00 28.01 ? 94  VAL A CG1 1 
ATOM   467 C  CG2 . VAL A 1 94  ? 12.639  -7.671  -5.759  1.00 28.94 ? 94  VAL A CG2 1 
ATOM   468 N  N   . ALA A 1 95  ? 9.168   -7.143  -2.741  1.00 28.60 ? 95  ALA A N   1 
ATOM   469 C  CA  . ALA A 1 95  ? 8.005   -7.479  -1.942  1.00 28.17 ? 95  ALA A CA  1 
ATOM   470 C  C   . ALA A 1 95  ? 6.851   -7.702  -2.884  1.00 27.96 ? 95  ALA A C   1 
ATOM   471 O  O   . ALA A 1 95  ? 6.423   -6.770  -3.577  1.00 28.85 ? 95  ALA A O   1 
ATOM   472 C  CB  . ALA A 1 95  ? 7.691   -6.348  -0.979  1.00 27.47 ? 95  ALA A CB  1 
ATOM   473 N  N   . ASP A 1 96  ? 6.343   -8.926  -2.929  1.00 28.03 ? 96  ASP A N   1 
ATOM   474 C  CA  . ASP A 1 96  ? 5.139   -9.228  -3.718  1.00 27.87 ? 96  ASP A CA  1 
ATOM   475 C  C   . ASP A 1 96  ? 3.958   -9.015  -2.827  1.00 27.55 ? 96  ASP A C   1 
ATOM   476 O  O   . ASP A 1 96  ? 3.914   -9.527  -1.707  1.00 28.15 ? 96  ASP A O   1 
ATOM   477 C  CB  . ASP A 1 96  ? 5.133   -10.653 -4.244  1.00 27.32 ? 96  ASP A CB  1 
ATOM   478 C  CG  . ASP A 1 96  ? 6.267   -10.912 -5.188  1.00 29.39 ? 96  ASP A CG  1 
ATOM   479 O  OD1 . ASP A 1 96  ? 6.956   -9.930  -5.574  1.00 27.91 ? 96  ASP A OD1 1 
ATOM   480 O  OD2 . ASP A 1 96  ? 6.479   -12.102 -5.558  1.00 32.67 ? 96  ASP A OD2 1 
ATOM   481 N  N   . VAL A 1 97  ? 3.014   -8.251  -3.334  1.00 27.92 ? 97  VAL A N   1 
ATOM   482 C  CA  . VAL A 1 97  ? 1.845   -7.828  -2.594  1.00 28.73 ? 97  VAL A CA  1 
ATOM   483 C  C   . VAL A 1 97  ? 0.599   -8.515  -3.171  1.00 28.98 ? 97  VAL A C   1 
ATOM   484 O  O   . VAL A 1 97  ? 0.282   -8.388  -4.359  1.00 28.58 ? 97  VAL A O   1 
ATOM   485 C  CB  . VAL A 1 97  ? 1.683   -6.303  -2.700  1.00 28.57 ? 97  VAL A CB  1 
ATOM   486 C  CG1 . VAL A 1 97  ? 0.621   -5.835  -1.718  1.00 30.53 ? 97  VAL A CG1 1 
ATOM   487 C  CG2 . VAL A 1 97  ? 3.040   -5.619  -2.423  1.00 29.36 ? 97  VAL A CG2 1 
ATOM   488 N  N   . SER A 1 98  ? -0.067  -9.309  -2.349  1.00 29.53 ? 98  SER A N   1 
ATOM   489 C  CA  . SER A 1 98  ? -1.352  -9.827  -2.712  1.00 30.32 ? 98  SER A CA  1 
ATOM   490 C  C   . SER A 1 98  ? -2.200  -9.751  -1.455  1.00 31.48 ? 98  SER A C   1 
ATOM   491 O  O   . SER A 1 98  ? -1.894  -10.380 -0.456  1.00 31.93 ? 98  SER A O   1 
ATOM   492 C  CB  . SER A 1 98  ? -1.224  -11.242 -3.217  1.00 30.81 ? 98  SER A CB  1 
ATOM   493 O  OG  . SER A 1 98  ? -2.516  -11.821 -3.306  1.00 32.27 ? 98  SER A OG  1 
ATOM   494 N  N   . ILE A 1 99  ? -3.246  -8.952  -1.504  1.00 32.35 ? 99  ILE A N   1 
ATOM   495 C  CA  . ILE A 1 99  ? -3.998  -8.570  -0.322  1.00 33.94 ? 99  ILE A CA  1 
ATOM   496 C  C   . ILE A 1 99  ? -5.471  -8.531  -0.712  1.00 34.56 ? 99  ILE A C   1 
ATOM   497 O  O   . ILE A 1 99  ? -5.816  -8.287  -1.876  1.00 33.86 ? 99  ILE A O   1 
ATOM   498 C  CB  . ILE A 1 99  ? -3.554  -7.168  0.155   1.00 34.16 ? 99  ILE A CB  1 
ATOM   499 C  CG1 . ILE A 1 99  ? -2.173  -7.204  0.810   1.00 34.50 ? 99  ILE A CG1 1 
ATOM   500 C  CG2 . ILE A 1 99  ? -4.559  -6.538  1.116   1.00 36.26 ? 99  ILE A CG2 1 
ATOM   501 C  CD1 . ILE A 1 99  ? -1.587  -5.761  1.056   1.00 34.74 ? 99  ILE A CD1 1 
ATOM   502 N  N   . GLU A 1 100 ? -6.338  -8.808  0.249   1.00 35.86 ? 100 GLU A N   1 
ATOM   503 C  CA  . GLU A 1 100 ? -7.781  -8.624  0.068   1.00 36.66 ? 100 GLU A CA  1 
ATOM   504 C  C   . GLU A 1 100 ? -8.312  -7.900  1.304   1.00 36.43 ? 100 GLU A C   1 
ATOM   505 O  O   . GLU A 1 100 ? -8.222  -8.438  2.406   1.00 37.09 ? 100 GLU A O   1 
ATOM   506 C  CB  . GLU A 1 100 ? -8.469  -9.981  -0.144  1.00 37.42 ? 100 GLU A CB  1 
ATOM   507 C  CG  . GLU A 1 100 ? -9.996  -9.934  -0.129  1.00 39.61 ? 100 GLU A CG  1 
ATOM   508 C  CD  . GLU A 1 100 ? -10.621 -10.551 -1.371  1.00 44.40 ? 100 GLU A CD  1 
ATOM   509 O  OE1 . GLU A 1 100 ? -11.016 -11.746 -1.313  1.00 47.09 ? 100 GLU A OE1 1 
ATOM   510 O  OE2 . GLU A 1 100 ? -10.723 -9.837  -2.407  1.00 47.32 ? 100 GLU A OE2 1 
ATOM   511 N  N   . ASP A 1 101 ? -8.847  -6.695  1.115   1.00 35.91 ? 101 ASP A N   1 
ATOM   512 C  CA  . ASP A 1 101 ? -9.165  -5.772  2.201   1.00 35.82 ? 101 ASP A CA  1 
ATOM   513 C  C   . ASP A 1 101 ? -10.627 -5.298  2.056   1.00 35.42 ? 101 ASP A C   1 
ATOM   514 O  O   . ASP A 1 101 ? -10.982 -4.639  1.059   1.00 34.68 ? 101 ASP A O   1 
ATOM   515 C  CB  . ASP A 1 101 ? -8.207  -4.574  2.123   1.00 36.68 ? 101 ASP A CB  1 
ATOM   516 C  CG  . ASP A 1 101 ? -8.114  -3.764  3.449   1.00 39.45 ? 101 ASP A CG  1 
ATOM   517 O  OD1 . ASP A 1 101 ? -7.702  -4.335  4.490   1.00 44.03 ? 101 ASP A OD1 1 
ATOM   518 O  OD2 . ASP A 1 101 ? -8.405  -2.541  3.445   1.00 40.78 ? 101 ASP A OD2 1 
ATOM   519 N  N   . SER A 1 102 ? -11.466 -5.640  3.034   1.00 34.01 ? 102 SER A N   1 
ATOM   520 C  CA  . SER A 1 102 ? -12.878 -5.269  3.021   1.00 33.59 ? 102 SER A CA  1 
ATOM   521 C  C   . SER A 1 102 ? -13.151 -3.949  3.775   1.00 32.83 ? 102 SER A C   1 
ATOM   522 O  O   . SER A 1 102 ? -14.310 -3.552  3.950   1.00 32.39 ? 102 SER A O   1 
ATOM   523 C  CB  . SER A 1 102 ? -13.709 -6.388  3.647   1.00 33.84 ? 102 SER A CB  1 
ATOM   524 O  OG  . SER A 1 102 ? -13.172 -7.658  3.332   1.00 35.35 ? 102 SER A OG  1 
ATOM   525 N  N   . VAL A 1 103 ? -12.085 -3.285  4.230   1.00 31.88 ? 103 VAL A N   1 
ATOM   526 C  CA  . VAL A 1 103 ? -12.216 -1.991  4.907   1.00 31.30 ? 103 VAL A CA  1 
ATOM   527 C  C   . VAL A 1 103 ? -12.153 -0.880  3.859   1.00 30.05 ? 103 VAL A C   1 
ATOM   528 O  O   . VAL A 1 103 ? -13.068 -0.091  3.774   1.00 30.17 ? 103 VAL A O   1 
ATOM   529 C  CB  . VAL A 1 103 ? -11.139 -1.766  6.002   1.00 31.23 ? 103 VAL A CB  1 
ATOM   530 C  CG1 . VAL A 1 103 ? -11.429 -0.464  6.758   1.00 31.87 ? 103 VAL A CG1 1 
ATOM   531 C  CG2 . VAL A 1 103 ? -11.103 -2.957  6.981   1.00 31.25 ? 103 VAL A CG2 1 
ATOM   532 N  N   . ILE A 1 104 ? -11.083 -0.843  3.059   1.00 28.64 ? 104 ILE A N   1 
ATOM   533 C  CA  . ILE A 1 104 ? -10.962 0.125   1.967   1.00 27.40 ? 104 ILE A CA  1 
ATOM   534 C  C   . ILE A 1 104 ? -11.971 -0.116  0.847   1.00 26.47 ? 104 ILE A C   1 
ATOM   535 O  O   . ILE A 1 104 ? -12.438 -1.250  0.636   1.00 26.28 ? 104 ILE A O   1 
ATOM   536 C  CB  . ILE A 1 104 ? -9.567  0.141   1.336   1.00 27.42 ? 104 ILE A CB  1 
ATOM   537 C  CG1 . ILE A 1 104 ? -9.220  -1.241  0.739   1.00 27.32 ? 104 ILE A CG1 1 
ATOM   538 C  CG2 . ILE A 1 104 ? -8.558  0.548   2.368   1.00 27.44 ? 104 ILE A CG2 1 
ATOM   539 C  CD1 . ILE A 1 104 ? -8.070  -1.231  -0.188  1.00 24.24 ? 104 ILE A CD1 1 
ATOM   540 N  N   . SER A 1 105 ? -12.296 0.974   0.146   1.00 24.26 ? 105 SER A N   1 
ATOM   541 C  CA  . SER A 1 105 ? -13.223 0.955   -0.956  1.00 22.93 ? 105 SER A CA  1 
ATOM   542 C  C   . SER A 1 105 ? -12.717 1.970   -1.954  1.00 22.35 ? 105 SER A C   1 
ATOM   543 O  O   . SER A 1 105 ? -12.017 2.886   -1.575  1.00 21.78 ? 105 SER A O   1 
ATOM   544 C  CB  . SER A 1 105 ? -14.650 1.349   -0.477  1.00 23.24 ? 105 SER A CB  1 
ATOM   545 O  OG  . SER A 1 105 ? -15.606 1.165   -1.506  1.00 20.64 ? 105 SER A OG  1 
ATOM   546 N  N   . LEU A 1 106 ? -13.085 1.801   -3.222  1.00 22.03 ? 106 LEU A N   1 
ATOM   547 C  CA  . LEU A 1 106 ? -12.714 2.737   -4.279  1.00 22.03 ? 106 LEU A CA  1 
ATOM   548 C  C   . LEU A 1 106 ? -13.851 3.726   -4.561  1.00 22.40 ? 106 LEU A C   1 
ATOM   549 O  O   . LEU A 1 106 ? -13.620 4.728   -5.236  1.00 21.97 ? 106 LEU A O   1 
ATOM   550 C  CB  . LEU A 1 106 ? -12.352 2.000   -5.567  1.00 21.74 ? 106 LEU A CB  1 
ATOM   551 C  CG  . LEU A 1 106 ? -11.246 0.954   -5.440  1.00 21.59 ? 106 LEU A CG  1 
ATOM   552 C  CD1 . LEU A 1 106 ? -11.055 0.199   -6.779  1.00 22.00 ? 106 LEU A CD1 1 
ATOM   553 C  CD2 . LEU A 1 106 ? -9.943  1.597   -4.968  1.00 20.43 ? 106 LEU A CD2 1 
ATOM   554 N  N   . SER A 1 107 ? -15.050 3.444   -4.035  1.00 22.63 ? 107 SER A N   1 
ATOM   555 C  CA  . SER A 1 107 ? -16.205 4.342   -4.144  1.00 23.26 ? 107 SER A CA  1 
ATOM   556 C  C   . SER A 1 107 ? -16.766 4.696   -2.771  1.00 23.13 ? 107 SER A C   1 
ATOM   557 O  O   . SER A 1 107 ? -16.237 4.274   -1.747  1.00 22.87 ? 107 SER A O   1 
ATOM   558 C  CB  . SER A 1 107 ? -17.289 3.715   -5.032  1.00 23.93 ? 107 SER A CB  1 
ATOM   559 O  OG  . SER A 1 107 ? -17.206 2.288   -5.017  1.00 25.40 ? 107 SER A OG  1 
ATOM   560 N  N   . GLY A 1 108 ? -17.830 5.492   -2.750  1.00 23.05 ? 108 GLY A N   1 
ATOM   561 C  CA  . GLY A 1 108 ? -18.472 5.873   -1.494  1.00 22.93 ? 108 GLY A CA  1 
ATOM   562 C  C   . GLY A 1 108 ? -17.752 7.012   -0.787  1.00 22.89 ? 108 GLY A C   1 
ATOM   563 O  O   . GLY A 1 108 ? -16.756 7.521   -1.291  1.00 22.55 ? 108 GLY A O   1 
ATOM   564 N  N   . ASP A 1 109 ? -18.251 7.403   0.392   1.00 23.32 ? 109 ASP A N   1 
ATOM   565 C  CA  . ASP A 1 109 ? -17.778 8.630   1.069   1.00 23.24 ? 109 ASP A CA  1 
ATOM   566 C  C   . ASP A 1 109 ? -16.298 8.519   1.472   1.00 22.93 ? 109 ASP A C   1 
ATOM   567 O  O   . ASP A 1 109 ? -15.594 9.516   1.525   1.00 22.46 ? 109 ASP A O   1 
ATOM   568 C  CB  . ASP A 1 109 ? -18.678 9.008   2.269   1.00 23.56 ? 109 ASP A CB  1 
ATOM   569 C  CG  . ASP A 1 109 ? -20.133 9.249   1.861   1.00 24.21 ? 109 ASP A CG  1 
ATOM   570 O  OD1 . ASP A 1 109 ? -20.898 9.971   2.567   1.00 27.24 ? 109 ASP A OD1 1 
ATOM   571 O  OD2 . ASP A 1 109 ? -20.516 8.703   0.809   1.00 25.76 ? 109 ASP A OD2 1 
ATOM   572 N  N   . HIS A 1 110 ? -15.814 7.305   1.687   1.00 22.75 ? 110 HIS A N   1 
ATOM   573 C  CA  . HIS A 1 110 ? -14.437 7.124   2.077   1.00 23.10 ? 110 HIS A CA  1 
ATOM   574 C  C   . HIS A 1 110 ? -13.709 6.324   1.041   1.00 23.21 ? 110 HIS A C   1 
ATOM   575 O  O   . HIS A 1 110 ? -13.016 5.364   1.362   1.00 23.94 ? 110 HIS A O   1 
ATOM   576 C  CB  . HIS A 1 110 ? -14.364 6.469   3.455   1.00 23.17 ? 110 HIS A CB  1 
ATOM   577 C  CG  . HIS A 1 110 ? -15.103 7.234   4.505   1.00 23.45 ? 110 HIS A CG  1 
ATOM   578 N  ND1 . HIS A 1 110 ? -14.578 8.355   5.109   1.00 24.16 ? 110 HIS A ND1 1 
ATOM   579 C  CD2 . HIS A 1 110 ? -16.343 7.071   5.020   1.00 23.47 ? 110 HIS A CD2 1 
ATOM   580 C  CE1 . HIS A 1 110 ? -15.457 8.838   5.969   1.00 25.46 ? 110 HIS A CE1 1 
ATOM   581 N  NE2 . HIS A 1 110 ? -16.536 8.077   5.936   1.00 24.47 ? 110 HIS A NE2 1 
ATOM   582 N  N   . ALA A 1 111 ? -13.849 6.748   -0.209  1.00 23.10 ? 111 ALA A N   1 
ATOM   583 C  CA  . ALA A 1 111 ? -13.144 6.115   -1.311  1.00 23.33 ? 111 ALA A CA  1 
ATOM   584 C  C   . ALA A 1 111 ? -11.638 6.443   -1.256  1.00 23.31 ? 111 ALA A C   1 
ATOM   585 O  O   . ALA A 1 111 ? -11.272 7.573   -0.956  1.00 22.89 ? 111 ALA A O   1 
ATOM   586 C  CB  . ALA A 1 111 ? -13.728 6.605   -2.598  1.00 23.12 ? 111 ALA A CB  1 
ATOM   587 N  N   . ILE A 1 112 ? -10.771 5.489   -1.588  1.00 23.56 ? 112 ILE A N   1 
ATOM   588 C  CA  . ILE A 1 112 ? -9.317  5.760   -1.605  1.00 24.03 ? 112 ILE A CA  1 
ATOM   589 C  C   . ILE A 1 112 ? -8.772  6.363   -2.923  1.00 23.87 ? 112 ILE A C   1 
ATOM   590 O  O   . ILE A 1 112 ? -7.604  6.694   -2.998  1.00 23.63 ? 112 ILE A O   1 
ATOM   591 C  CB  . ILE A 1 112 ? -8.481  4.526   -1.191  1.00 24.04 ? 112 ILE A CB  1 
ATOM   592 C  CG1 . ILE A 1 112 ? -8.635  3.375   -2.180  1.00 26.70 ? 112 ILE A CG1 1 
ATOM   593 C  CG2 . ILE A 1 112 ? -8.871  4.051   0.207   1.00 24.12 ? 112 ILE A CG2 1 
ATOM   594 C  CD1 . ILE A 1 112 ? -7.682  2.165   -1.865  1.00 28.90 ? 112 ILE A CD1 1 
ATOM   595 N  N   . ILE A 1 113 ? -9.602  6.495   -3.957  1.00 24.00 ? 113 ILE A N   1 
ATOM   596 C  CA  . ILE A 1 113 ? -9.156  7.136   -5.207  1.00 23.95 ? 113 ILE A CA  1 
ATOM   597 C  C   . ILE A 1 113 ? -8.833  8.589   -4.947  1.00 24.80 ? 113 ILE A C   1 
ATOM   598 O  O   . ILE A 1 113 ? -9.650  9.324   -4.366  1.00 25.08 ? 113 ILE A O   1 
ATOM   599 C  CB  . ILE A 1 113 ? -10.205 7.085   -6.306  1.00 23.76 ? 113 ILE A CB  1 
ATOM   600 C  CG1 . ILE A 1 113 ? -10.507 5.632   -6.664  1.00 23.57 ? 113 ILE A CG1 1 
ATOM   601 C  CG2 . ILE A 1 113 ? -9.745  7.872   -7.543  1.00 21.83 ? 113 ILE A CG2 1 
ATOM   602 C  CD1 . ILE A 1 113 ? -9.334  4.880   -7.128  1.00 24.43 ? 113 ILE A CD1 1 
ATOM   603 N  N   . GLY A 1 114 ? -7.647  9.008   -5.388  1.00 25.41 ? 114 GLY A N   1 
ATOM   604 C  CA  . GLY A 1 114 ? -7.176  10.347  -5.135  1.00 25.77 ? 114 GLY A CA  1 
ATOM   605 C  C   . GLY A 1 114 ? -6.440  10.474  -3.814  1.00 26.79 ? 114 GLY A C   1 
ATOM   606 O  O   . GLY A 1 114 ? -5.986  11.581  -3.475  1.00 26.93 ? 114 GLY A O   1 
ATOM   607 N  N   . ARG A 1 115 ? -6.341  9.379   -3.049  1.00 26.86 ? 115 ARG A N   1 
ATOM   608 C  CA  . ARG A 1 115 ? -5.438  9.327   -1.898  1.00 27.84 ? 115 ARG A CA  1 
ATOM   609 C  C   . ARG A 1 115 ? -4.033  8.799   -2.325  1.00 27.78 ? 115 ARG A C   1 
ATOM   610 O  O   . ARG A 1 115 ? -3.871  8.304   -3.445  1.00 27.79 ? 115 ARG A O   1 
ATOM   611 C  CB  . ARG A 1 115 ? -6.039  8.470   -0.777  1.00 28.06 ? 115 ARG A CB  1 
ATOM   612 C  CG  . ARG A 1 115 ? -7.432  8.899   -0.352  1.00 30.23 ? 115 ARG A CG  1 
ATOM   613 C  CD  . ARG A 1 115 ? -7.905  8.133   0.881   1.00 33.56 ? 115 ARG A CD  1 
ATOM   614 N  NE  . ARG A 1 115 ? -9.166  8.672   1.399   1.00 37.24 ? 115 ARG A NE  1 
ATOM   615 C  CZ  . ARG A 1 115 ? -9.920  8.123   2.364   1.00 39.24 ? 115 ARG A CZ  1 
ATOM   616 N  NH1 . ARG A 1 115 ? -9.556  6.991   2.967   1.00 38.98 ? 115 ARG A NH1 1 
ATOM   617 N  NH2 . ARG A 1 115 ? -11.055 8.729   2.739   1.00 40.34 ? 115 ARG A NH2 1 
ATOM   618 N  N   . THR A 1 116 ? -3.038  8.921   -1.433  1.00 27.56 ? 116 THR A N   1 
ATOM   619 C  CA  . THR A 1 116 ? -1.663  8.508   -1.716  1.00 27.46 ? 116 THR A CA  1 
ATOM   620 C  C   . THR A 1 116 ? -1.271  7.217   -0.990  1.00 27.31 ? 116 THR A C   1 
ATOM   621 O  O   . THR A 1 116 ? -1.366  7.116   0.235   1.00 27.21 ? 116 THR A O   1 
ATOM   622 C  CB  . THR A 1 116 ? -0.630  9.609   -1.360  1.00 27.67 ? 116 THR A CB  1 
ATOM   623 O  OG1 . THR A 1 116 ? -0.844  10.760  -2.183  1.00 29.41 ? 116 THR A OG1 1 
ATOM   624 C  CG2 . THR A 1 116 ? 0.816   9.120   -1.587  1.00 26.45 ? 116 THR A CG2 1 
ATOM   625 N  N   . LEU A 1 117 ? -0.823  6.236   -1.770  1.00 27.29 ? 117 LEU A N   1 
ATOM   626 C  CA  . LEU A 1 117 ? -0.351  4.957   -1.233  1.00 27.56 ? 117 LEU A CA  1 
ATOM   627 C  C   . LEU A 1 117 ? 1.105   5.175   -0.835  1.00 27.76 ? 117 LEU A C   1 
ATOM   628 O  O   . LEU A 1 117 ? 1.843   5.851   -1.567  1.00 27.69 ? 117 LEU A O   1 
ATOM   629 C  CB  . LEU A 1 117 ? -0.434  3.861   -2.283  1.00 27.26 ? 117 LEU A CB  1 
ATOM   630 C  CG  . LEU A 1 117 ? -0.217  2.441   -1.794  1.00 27.51 ? 117 LEU A CG  1 
ATOM   631 C  CD1 . LEU A 1 117 ? -1.478  1.957   -1.017  1.00 24.63 ? 117 LEU A CD1 1 
ATOM   632 C  CD2 . LEU A 1 117 ? 0.147   1.597   -3.026  1.00 24.74 ? 117 LEU A CD2 1 
ATOM   633 N  N   . VAL A 1 118 ? 1.484   4.636   0.331   1.00 27.24 ? 118 VAL A N   1 
ATOM   634 C  CA  . VAL A 1 118 ? 2.788   4.867   0.946   1.00 26.94 ? 118 VAL A CA  1 
ATOM   635 C  C   . VAL A 1 118 ? 3.346   3.557   1.471   1.00 26.64 ? 118 VAL A C   1 
ATOM   636 O  O   . VAL A 1 118 ? 2.637   2.814   2.140   1.00 27.04 ? 118 VAL A O   1 
ATOM   637 C  CB  . VAL A 1 118 ? 2.682   5.876   2.126   1.00 27.35 ? 118 VAL A CB  1 
ATOM   638 C  CG1 . VAL A 1 118 ? 4.080   6.281   2.660   1.00 27.64 ? 118 VAL A CG1 1 
ATOM   639 C  CG2 . VAL A 1 118 ? 1.908   7.127   1.698   1.00 27.18 ? 118 VAL A CG2 1 
ATOM   640 N  N   . VAL A 1 119 ? 4.611   3.272   1.129   1.00 26.45 ? 119 VAL A N   1 
ATOM   641 C  CA  . VAL A 1 119 ? 5.408   2.192   1.726   1.00 25.43 ? 119 VAL A CA  1 
ATOM   642 C  C   . VAL A 1 119 ? 6.474   2.859   2.649   1.00 25.11 ? 119 VAL A C   1 
ATOM   643 O  O   . VAL A 1 119 ? 7.237   3.733   2.224   1.00 23.72 ? 119 VAL A O   1 
ATOM   644 C  CB  . VAL A 1 119 ? 6.061   1.274   0.655   1.00 25.56 ? 119 VAL A CB  1 
ATOM   645 C  CG1 . VAL A 1 119 ? 6.831   2.085   -0.390  1.00 26.99 ? 119 VAL A CG1 1 
ATOM   646 C  CG2 . VAL A 1 119 ? 6.984   0.258   1.305   1.00 25.68 ? 119 VAL A CG2 1 
ATOM   647 N  N   . HIS A 1 120 ? 6.469   2.453   3.915   1.00 24.14 ? 120 HIS A N   1 
ATOM   648 C  CA  . HIS A 1 120 ? 7.254   3.088   4.953   1.00 23.93 ? 120 HIS A CA  1 
ATOM   649 C  C   . HIS A 1 120 ? 8.545   2.336   5.191   1.00 24.43 ? 120 HIS A C   1 
ATOM   650 O  O   . HIS A 1 120 ? 8.627   1.121   4.932   1.00 24.34 ? 120 HIS A O   1 
ATOM   651 C  CB  . HIS A 1 120 ? 6.498   3.113   6.273   1.00 23.24 ? 120 HIS A CB  1 
ATOM   652 C  CG  . HIS A 1 120 ? 5.505   4.220   6.399   1.00 21.11 ? 120 HIS A CG  1 
ATOM   653 N  ND1 . HIS A 1 120 ? 5.877   5.530   6.602   1.00 20.68 ? 120 HIS A ND1 1 
ATOM   654 C  CD2 . HIS A 1 120 ? 4.153   4.205   6.406   1.00 18.34 ? 120 HIS A CD2 1 
ATOM   655 C  CE1 . HIS A 1 120 ? 4.795   6.281   6.698   1.00 20.23 ? 120 HIS A CE1 1 
ATOM   656 N  NE2 . HIS A 1 120 ? 3.735   5.498   6.610   1.00 18.20 ? 120 HIS A NE2 1 
ATOM   657 N  N   . GLU A 1 121 ? 9.507   3.083   5.743   1.00 24.75 ? 121 GLU A N   1 
ATOM   658 C  CA  . GLU A 1 121 ? 10.858  2.620   6.160   1.00 25.61 ? 121 GLU A CA  1 
ATOM   659 C  C   . GLU A 1 121 ? 10.901  1.446   7.151   1.00 25.43 ? 121 GLU A C   1 
ATOM   660 O  O   . GLU A 1 121 ? 11.759  0.568   7.025   1.00 24.61 ? 121 GLU A O   1 
ATOM   661 C  CB  . GLU A 1 121 ? 11.593  3.804   6.785   1.00 26.06 ? 121 GLU A CB  1 
ATOM   662 C  CG  . GLU A 1 121 ? 12.947  3.502   7.410   1.00 27.25 ? 121 GLU A CG  1 
ATOM   663 C  CD  . GLU A 1 121 ? 13.532  4.727   8.102   1.00 31.02 ? 121 GLU A CD  1 
ATOM   664 O  OE1 . GLU A 1 121 ? 12.736  5.566   8.620   1.00 29.50 ? 121 GLU A OE1 1 
ATOM   665 O  OE2 . GLU A 1 121 ? 14.793  4.859   8.139   1.00 34.08 ? 121 GLU A OE2 1 
ATOM   666 N  N   . LYS A 1 122 ? 9.994   1.467   8.127   1.00 25.40 ? 122 LYS A N   1 
ATOM   667 C  CA  . LYS A 1 122 ? 9.935   0.446   9.184   1.00 26.01 ? 122 LYS A CA  1 
ATOM   668 C  C   . LYS A 1 122 ? 8.589   -0.286  9.114   1.00 25.79 ? 122 LYS A C   1 
ATOM   669 O  O   . LYS A 1 122 ? 7.725   0.089   8.324   1.00 26.13 ? 122 LYS A O   1 
ATOM   670 C  CB  . LYS A 1 122 ? 10.128  1.105   10.558  1.00 25.97 ? 122 LYS A CB  1 
ATOM   671 C  CG  . LYS A 1 122 ? 11.426  1.956   10.704  1.00 26.65 ? 122 LYS A CG  1 
ATOM   672 N  N   . ALA A 1 123 ? 8.409   -1.331  9.918   1.00 25.60 ? 123 ALA A N   1 
ATOM   673 C  CA  . ALA A 1 123 ? 7.135   -2.044  9.949   1.00 25.15 ? 123 ALA A CA  1 
ATOM   674 C  C   . ALA A 1 123 ? 6.067   -1.200  10.614  1.00 25.31 ? 123 ALA A C   1 
ATOM   675 O  O   . ALA A 1 123 ? 6.374   -0.391  11.466  1.00 24.40 ? 123 ALA A O   1 
ATOM   676 C  CB  . ALA A 1 123 ? 7.272   -3.344  10.667  1.00 25.03 ? 123 ALA A CB  1 
ATOM   677 N  N   . ASP A 1 124 ? 4.814   -1.378  10.201  1.00 25.89 ? 124 ASP A N   1 
ATOM   678 C  CA  . ASP A 1 124 ? 3.679   -1.000  11.055  1.00 26.66 ? 124 ASP A CA  1 
ATOM   679 C  C   . ASP A 1 124 ? 3.523   -2.142  12.067  1.00 26.33 ? 124 ASP A C   1 
ATOM   680 O  O   . ASP A 1 124 ? 3.218   -3.284  11.683  1.00 24.95 ? 124 ASP A O   1 
ATOM   681 C  CB  . ASP A 1 124 ? 2.367   -0.829  10.255  1.00 26.90 ? 124 ASP A CB  1 
ATOM   682 C  CG  . ASP A 1 124 ? 1.240   -0.197  11.098  1.00 28.42 ? 124 ASP A CG  1 
ATOM   683 O  OD1 . ASP A 1 124 ? 1.368   -0.180  12.355  1.00 27.13 ? 124 ASP A OD1 1 
ATOM   684 O  OD2 . ASP A 1 124 ? 0.245   0.310   10.507  1.00 28.22 ? 124 ASP A OD2 1 
ATOM   685 N  N   . ASP A 1 125 ? 3.729   -1.848  13.352  1.00 25.81 ? 125 ASP A N   1 
ATOM   686 C  CA  . ASP A 1 125 ? 3.669   -2.914  14.359  1.00 26.02 ? 125 ASP A CA  1 
ATOM   687 C  C   . ASP A 1 125 ? 2.233   -3.238  14.738  1.00 25.49 ? 125 ASP A C   1 
ATOM   688 O  O   . ASP A 1 125 ? 2.001   -4.168  15.507  1.00 25.21 ? 125 ASP A O   1 
ATOM   689 C  CB  . ASP A 1 125 ? 4.521   -2.592  15.595  1.00 25.93 ? 125 ASP A CB  1 
ATOM   690 C  CG  . ASP A 1 125 ? 4.051   -1.360  16.348  1.00 27.02 ? 125 ASP A CG  1 
ATOM   691 O  OD1 . ASP A 1 125 ? 2.971   -0.814  16.017  1.00 29.34 ? 125 ASP A OD1 1 
ATOM   692 O  OD2 . ASP A 1 125 ? 4.780   -0.919  17.273  1.00 26.26 ? 125 ASP A OD2 1 
ATOM   693 N  N   . LEU A 1 126 ? 1.296   -2.446  14.200  1.00 25.22 ? 126 LEU A N   1 
ATOM   694 C  CA  . LEU A 1 126 ? -0.155  -2.664  14.312  1.00 25.18 ? 126 LEU A CA  1 
ATOM   695 C  C   . LEU A 1 126 ? -0.623  -2.678  15.736  1.00 24.48 ? 126 LEU A C   1 
ATOM   696 O  O   . LEU A 1 126 ? -1.542  -3.405  16.090  1.00 24.96 ? 126 LEU A O   1 
ATOM   697 C  CB  . LEU A 1 126 ? -0.558  -3.957  13.615  1.00 25.48 ? 126 LEU A CB  1 
ATOM   698 C  CG  . LEU A 1 126 ? -0.129  -4.043  12.153  1.00 27.00 ? 126 LEU A CG  1 
ATOM   699 C  CD1 . LEU A 1 126 ? -0.385  -5.462  11.619  1.00 28.88 ? 126 LEU A CD1 1 
ATOM   700 C  CD2 . LEU A 1 126 ? -0.814  -2.955  11.299  1.00 26.87 ? 126 LEU A CD2 1 
ATOM   701 N  N   . GLY A 1 127 ? 0.033   -1.873  16.563  1.00 24.34 ? 127 GLY A N   1 
ATOM   702 C  CA  . GLY A 1 127 ? -0.317  -1.740  17.962  1.00 23.88 ? 127 GLY A CA  1 
ATOM   703 C  C   . GLY A 1 127 ? 0.206   -2.877  18.805  1.00 23.74 ? 127 GLY A C   1 
ATOM   704 O  O   . GLY A 1 127 ? -0.196  -3.033  19.947  1.00 23.42 ? 127 GLY A O   1 
ATOM   705 N  N   . LYS A 1 128 ? 1.112   -3.665  18.252  1.00 23.63 ? 128 LYS A N   1 
ATOM   706 C  CA  . LYS A 1 128 ? 1.611   -4.860  18.928  1.00 23.47 ? 128 LYS A CA  1 
ATOM   707 C  C   . LYS A 1 128 ? 3.138   -4.868  18.924  1.00 22.47 ? 128 LYS A C   1 
ATOM   708 O  O   . LYS A 1 128 ? 3.770   -5.906  18.739  1.00 22.11 ? 128 LYS A O   1 
ATOM   709 C  CB  . LYS A 1 128 ? 1.045   -6.106  18.231  1.00 23.67 ? 128 LYS A CB  1 
ATOM   710 C  CG  . LYS A 1 128 ? -0.004  -6.856  19.025  1.00 24.46 ? 128 LYS A CG  1 
ATOM   711 C  CD  . LYS A 1 128 ? -1.418  -6.427  18.705  1.00 24.98 ? 128 LYS A CD  1 
ATOM   712 C  CE  . LYS A 1 128 ? -2.412  -7.504  19.155  1.00 26.29 ? 128 LYS A CE  1 
ATOM   713 N  NZ  . LYS A 1 128 ? -3.565  -7.592  18.205  1.00 26.47 ? 128 LYS A NZ  1 
ATOM   714 N  N   . GLY A 1 129 ? 3.723   -3.696  19.134  1.00 21.71 ? 129 GLY A N   1 
ATOM   715 C  CA  . GLY A 1 129 ? 5.167   -3.555  19.104  1.00 21.88 ? 129 GLY A CA  1 
ATOM   716 C  C   . GLY A 1 129 ? 5.861   -4.039  20.368  1.00 21.95 ? 129 GLY A C   1 
ATOM   717 O  O   . GLY A 1 129 ? 7.074   -4.099  20.408  1.00 22.18 ? 129 GLY A O   1 
ATOM   718 N  N   . GLY A 1 130 ? 5.105   -4.392  21.401  1.00 21.99 ? 130 GLY A N   1 
ATOM   719 C  CA  . GLY A 1 130 ? 5.704   -4.898  22.626  1.00 22.55 ? 130 GLY A CA  1 
ATOM   720 C  C   . GLY A 1 130 ? 5.955   -3.775  23.593  1.00 23.07 ? 130 GLY A C   1 
ATOM   721 O  O   . GLY A 1 130 ? 6.389   -4.001  24.712  1.00 22.94 ? 130 GLY A O   1 
ATOM   722 N  N   . ASN A 1 131 ? 5.641   -2.556  23.169  1.00 23.86 ? 131 ASN A N   1 
ATOM   723 C  CA  . ASN A 1 131 ? 5.912   -1.385  23.971  1.00 24.31 ? 131 ASN A CA  1 
ATOM   724 C  C   . ASN A 1 131 ? 4.959   -0.244  23.642  1.00 24.22 ? 131 ASN A C   1 
ATOM   725 O  O   . ASN A 1 131 ? 3.746   -0.414  23.694  1.00 24.19 ? 131 ASN A O   1 
ATOM   726 C  CB  . ASN A 1 131 ? 7.341   -0.947  23.729  1.00 24.64 ? 131 ASN A CB  1 
ATOM   727 C  CG  . ASN A 1 131 ? 7.717   0.247   24.557  1.00 26.61 ? 131 ASN A CG  1 
ATOM   728 O  OD1 . ASN A 1 131 ? 7.660   1.384   24.059  1.00 29.12 ? 131 ASN A OD1 1 
ATOM   729 N  ND2 . ASN A 1 131 ? 8.068   0.016   25.846  1.00 25.28 ? 131 ASN A ND2 1 
ATOM   730 N  N   . ASN A 1 139 ? 6.232   6.761   13.921  1.00 36.47 ? 139 ASN A N   1 
ATOM   731 C  CA  . ASN A 1 139 ? 5.334   5.625   14.101  1.00 36.63 ? 139 ASN A CA  1 
ATOM   732 C  C   . ASN A 1 139 ? 5.820   4.431   13.245  1.00 36.04 ? 139 ASN A C   1 
ATOM   733 O  O   . ASN A 1 139 ? 6.265   3.423   13.811  1.00 36.09 ? 139 ASN A O   1 
ATOM   734 C  CB  . ASN A 1 139 ? 3.886   6.035   13.765  1.00 37.12 ? 139 ASN A CB  1 
ATOM   735 C  CG  . ASN A 1 139 ? 2.853   5.545   14.809  1.00 37.75 ? 139 ASN A CG  1 
ATOM   736 O  OD1 . ASN A 1 139 ? 3.021   5.750   16.012  1.00 37.27 ? 139 ASN A OD1 1 
ATOM   737 N  ND2 . ASN A 1 139 ? 1.756   4.940   14.329  1.00 37.56 ? 139 ASN A ND2 1 
ATOM   738 N  N   . ALA A 1 140 ? 5.781   4.563   11.907  1.00 35.09 ? 140 ALA A N   1 
ATOM   739 C  CA  . ALA A 1 140 ? 6.384   3.545   10.981  1.00 34.76 ? 140 ALA A CA  1 
ATOM   740 C  C   . ALA A 1 140 ? 7.624   4.063   10.179  1.00 33.99 ? 140 ALA A C   1 
ATOM   741 O  O   . ALA A 1 140 ? 7.980   3.539   9.104   1.00 33.58 ? 140 ALA A O   1 
ATOM   742 C  CB  . ALA A 1 140 ? 5.304   2.945   10.023  1.00 33.97 ? 140 ALA A CB  1 
ATOM   743 N  N   . GLY A 1 141 ? 8.293   5.076   10.720  1.00 33.48 ? 141 GLY A N   1 
ATOM   744 C  CA  . GLY A 1 141 ? 9.507   5.616   10.104  1.00 32.95 ? 141 GLY A CA  1 
ATOM   745 C  C   . GLY A 1 141 ? 9.208   6.438   8.870   1.00 32.59 ? 141 GLY A C   1 
ATOM   746 O  O   . GLY A 1 141 ? 8.047   6.757   8.581   1.00 32.90 ? 141 GLY A O   1 
ATOM   747 N  N   . SER A 1 142 ? 10.262  6.779   8.133   1.00 31.85 ? 142 SER A N   1 
ATOM   748 C  CA  . SER A 1 142 ? 10.142  7.628   6.946   1.00 31.18 ? 142 SER A CA  1 
ATOM   749 C  C   . SER A 1 142 ? 9.233   6.983   5.906   1.00 30.40 ? 142 SER A C   1 
ATOM   750 O  O   . SER A 1 142 ? 9.039   5.770   5.912   1.00 30.48 ? 142 SER A O   1 
ATOM   751 C  CB  . SER A 1 142 ? 11.513  7.882   6.300   1.00 30.98 ? 142 SER A CB  1 
ATOM   752 O  OG  . SER A 1 142 ? 12.571  7.688   7.219   1.00 32.43 ? 142 SER A OG  1 
ATOM   753 N  N   . ARG A 1 143 ? 8.671   7.826   5.038   1.00 29.42 ? 143 ARG A N   1 
ATOM   754 C  CA  . ARG A 1 143 ? 7.955   7.416   3.835   1.00 28.87 ? 143 ARG A CA  1 
ATOM   755 C  C   . ARG A 1 143 ? 9.025   7.169   2.772   1.00 28.33 ? 143 ARG A C   1 
ATOM   756 O  O   . ARG A 1 143 ? 9.766   8.105   2.408   1.00 28.07 ? 143 ARG A O   1 
ATOM   757 C  CB  . ARG A 1 143 ? 7.010   8.538   3.392   1.00 28.82 ? 143 ARG A CB  1 
ATOM   758 C  CG  . ARG A 1 143 ? 5.969   8.979   4.438   1.00 29.50 ? 143 ARG A CG  1 
ATOM   759 C  CD  . ARG A 1 143 ? 5.414   10.379  4.083   1.00 32.80 ? 143 ARG A CD  1 
ATOM   760 N  NE  . ARG A 1 143 ? 3.994   10.595  4.408   1.00 34.28 ? 143 ARG A NE  1 
ATOM   761 C  CZ  . ARG A 1 143 ? 3.020   10.880  3.528   1.00 36.03 ? 143 ARG A CZ  1 
ATOM   762 N  NH1 . ARG A 1 143 ? 3.245   11.001  2.211   1.00 34.39 ? 143 ARG A NH1 1 
ATOM   763 N  NH2 . ARG A 1 143 ? 1.788   11.066  3.973   1.00 36.66 ? 143 ARG A NH2 1 
ATOM   764 N  N   . LEU A 1 144 ? 9.157   5.925   2.302   1.00 27.47 ? 144 LEU A N   1 
ATOM   765 C  CA  . LEU A 1 144 ? 10.240  5.579   1.374   1.00 26.96 ? 144 LEU A CA  1 
ATOM   766 C  C   . LEU A 1 144 ? 9.821   5.765   -0.072  1.00 26.63 ? 144 LEU A C   1 
ATOM   767 O  O   . LEU A 1 144 ? 10.610  6.221   -0.884  1.00 26.50 ? 144 LEU A O   1 
ATOM   768 C  CB  . LEU A 1 144 ? 10.729  4.141   1.574   1.00 26.98 ? 144 LEU A CB  1 
ATOM   769 C  CG  . LEU A 1 144 ? 11.477  3.813   2.860   1.00 27.55 ? 144 LEU A CG  1 
ATOM   770 C  CD1 . LEU A 1 144 ? 12.237  2.517   2.678   1.00 26.42 ? 144 LEU A CD1 1 
ATOM   771 C  CD2 . LEU A 1 144 ? 12.431  4.941   3.275   1.00 30.84 ? 144 LEU A CD2 1 
ATOM   772 N  N   . ALA A 1 145 ? 8.587   5.389   -0.395  1.00 26.47 ? 145 ALA A N   1 
ATOM   773 C  CA  . ALA A 1 145 ? 8.051   5.610   -1.735  1.00 26.43 ? 145 ALA A CA  1 
ATOM   774 C  C   . ALA A 1 145 ? 6.521   5.760   -1.708  1.00 26.27 ? 145 ALA A C   1 
ATOM   775 O  O   . ALA A 1 145 ? 5.827   5.088   -0.929  1.00 26.30 ? 145 ALA A O   1 
ATOM   776 C  CB  . ALA A 1 145 ? 8.472   4.472   -2.645  1.00 26.73 ? 145 ALA A CB  1 
ATOM   777 N  N   . CYS A 1 146 ? 6.002   6.632   -2.564  1.00 25.90 ? 146 CYS A N   1 
ATOM   778 C  CA  . CYS A 1 146 ? 4.602   7.045   -2.493  1.00 26.75 ? 146 CYS A CA  1 
ATOM   779 C  C   . CYS A 1 146 ? 3.985   7.204   -3.894  1.00 26.78 ? 146 CYS A C   1 
ATOM   780 O  O   . CYS A 1 146 ? 4.692   7.429   -4.899  1.00 25.64 ? 146 CYS A O   1 
ATOM   781 C  CB  . CYS A 1 146 ? 4.448   8.358   -1.667  1.00 27.03 ? 146 CYS A CB  1 
ATOM   782 S  SG  A CYS A 1 146 ? 4.111   9.662   -2.790  0.50 27.75 ? 146 CYS A SG  1 
ATOM   783 S  SG  B CYS A 1 146 ? 4.734   7.957   0.034   0.50 28.56 ? 146 CYS A SG  1 
ATOM   784 N  N   . GLY A 1 147 ? 2.659   7.078   -3.947  1.00 26.89 ? 147 GLY A N   1 
ATOM   785 C  CA  . GLY A 1 147 ? 1.940   7.073   -5.221  1.00 27.17 ? 147 GLY A CA  1 
ATOM   786 C  C   . GLY A 1 147 ? 0.472   7.356   -5.037  1.00 27.24 ? 147 GLY A C   1 
ATOM   787 O  O   . GLY A 1 147 ? -0.143  6.866   -4.102  1.00 28.36 ? 147 GLY A O   1 
ATOM   788 N  N   . VAL A 1 148 ? -0.092  8.148   -5.937  1.00 27.72 ? 148 VAL A N   1 
ATOM   789 C  CA  . VAL A 1 148 ? -1.529  8.523   -5.886  1.00 27.98 ? 148 VAL A CA  1 
ATOM   790 C  C   . VAL A 1 148 ? -2.354  7.373   -6.437  1.00 27.20 ? 148 VAL A C   1 
ATOM   791 O  O   . VAL A 1 148 ? -1.943  6.743   -7.413  1.00 26.79 ? 148 VAL A O   1 
ATOM   792 C  CB  . VAL A 1 148 ? -1.814  9.863   -6.642  1.00 27.74 ? 148 VAL A CB  1 
ATOM   793 C  CG1 . VAL A 1 148 ? -3.257  9.947   -7.139  1.00 28.74 ? 148 VAL A CG1 1 
ATOM   794 C  CG2 . VAL A 1 148 ? -1.505  11.054  -5.728  1.00 29.40 ? 148 VAL A CG2 1 
ATOM   795 N  N   . ILE A 1 149 ? -3.485  7.073   -5.790  1.00 26.92 ? 149 ILE A N   1 
ATOM   796 C  CA  . ILE A 1 149 ? -4.326  5.972   -6.239  1.00 26.64 ? 149 ILE A CA  1 
ATOM   797 C  C   . ILE A 1 149 ? -5.306  6.551   -7.257  1.00 26.85 ? 149 ILE A C   1 
ATOM   798 O  O   . ILE A 1 149 ? -6.281  7.215   -6.888  1.00 27.20 ? 149 ILE A O   1 
ATOM   799 C  CB  . ILE A 1 149 ? -5.040  5.247   -5.090  1.00 26.12 ? 149 ILE A CB  1 
ATOM   800 C  CG1 . ILE A 1 149 ? -4.029  4.707   -4.068  1.00 26.98 ? 149 ILE A CG1 1 
ATOM   801 C  CG2 . ILE A 1 149 ? -5.855  4.076   -5.644  1.00 25.88 ? 149 ILE A CG2 1 
ATOM   802 C  CD1 . ILE A 1 149 ? -4.627  4.189   -2.735  1.00 23.03 ? 149 ILE A CD1 1 
ATOM   803 N  N   . GLY A 1 150 ? -5.033  6.296   -8.535  1.00 27.00 ? 150 GLY A N   1 
ATOM   804 C  CA  . GLY A 1 150 ? -5.824  6.854   -9.645  1.00 27.11 ? 150 GLY A CA  1 
ATOM   805 C  C   . GLY A 1 150 ? -6.664  5.783   -10.299 1.00 27.38 ? 150 GLY A C   1 
ATOM   806 O  O   . GLY A 1 150 ? -6.259  4.613   -10.359 1.00 26.10 ? 150 GLY A O   1 
ATOM   807 N  N   . ILE A 1 151 ? -7.838  6.177   -10.785 1.00 28.45 ? 151 ILE A N   1 
ATOM   808 C  CA  . ILE A 1 151 ? -8.703  5.258   -11.538 1.00 29.24 ? 151 ILE A CA  1 
ATOM   809 C  C   . ILE A 1 151 ? -8.016  4.839   -12.852 1.00 30.32 ? 151 ILE A C   1 
ATOM   810 O  O   . ILE A 1 151 ? -7.367  5.654   -13.517 1.00 30.14 ? 151 ILE A O   1 
ATOM   811 C  CB  . ILE A 1 151 ? -10.150 5.833   -11.746 1.00 29.43 ? 151 ILE A CB  1 
ATOM   812 C  CG1 . ILE A 1 151 ? -10.961 5.655   -10.465 1.00 28.79 ? 151 ILE A CG1 1 
ATOM   813 C  CG2 . ILE A 1 151 ? -10.905 5.102   -12.868 1.00 29.23 ? 151 ILE A CG2 1 
ATOM   814 C  CD1 . ILE A 1 151 ? -11.443 4.202   -10.227 1.00 28.00 ? 151 ILE A CD1 1 
ATOM   815 N  N   . ALA A 1 152 ? -8.105  3.538   -13.147 1.00 31.73 ? 152 ALA A N   1 
ATOM   816 C  CA  . ALA A 1 152 ? -7.576  2.925   -14.373 1.00 32.94 ? 152 ALA A CA  1 
ATOM   817 C  C   . ALA A 1 152 ? -8.743  2.365   -15.185 1.00 34.01 ? 152 ALA A C   1 
ATOM   818 O  O   . ALA A 1 152 ? -9.530  1.571   -14.643 1.00 35.12 ? 152 ALA A O   1 
ATOM   819 C  CB  . ALA A 1 152 ? -6.628  1.804   -14.024 1.00 32.31 ? 152 ALA A CB  1 
HETATM 820 ZN ZN  . ZN  B 2 .   ? 1.893   6.042   6.969   1.00 37.83 ? 154 ZN  A ZN  1 
HETATM 821 ZN ZN  . ZN  C 2 .   ? 13.771  -11.777 -4.784  1.00 62.86 ? 155 ZN  A ZN  1 
HETATM 822 ZN ZN  . ZN  D 2 .   ? -15.397 -2.778  -14.649 1.00 41.79 ? 156 ZN  A ZN  1 
HETATM 823 ZN ZN  . ZN  E 2 .   ? -17.976 9.454   6.445   1.00 60.74 ? 158 ZN  A ZN  1 
HETATM 824 ZN ZN  . ZN  F 2 .   ? 3.863   0.483   18.352  1.00 76.61 ? 159 ZN  A ZN  1 
HETATM 825 O  O   . HOH G 3 .   ? -1.418  18.397  -1.648  1.00 27.09 ? 201 HOH A O   1 
HETATM 826 O  O   . HOH G 3 .   ? -0.259  2.651   12.074  1.00 41.03 ? 202 HOH A O   1 
HETATM 827 O  O   . HOH G 3 .   ? 13.837  7.231   9.613   1.00 33.47 ? 203 HOH A O   1 
HETATM 828 O  O   . HOH G 3 .   ? -18.132 -6.136  -14.651 1.00 23.45 ? 204 HOH A O   1 
HETATM 829 O  O   . HOH G 3 .   ? 16.223  -4.857  8.034   1.00 37.77 ? 205 HOH A O   1 
HETATM 830 O  O   . HOH G 3 .   ? -16.823 -3.740  -15.941 1.00 21.06 ? 206 HOH A O   1 
HETATM 831 O  O   . HOH G 3 .   ? 12.110  -13.883 -3.762  1.00 29.98 ? 207 HOH A O   1 
HETATM 832 O  O   . HOH G 3 .   ? 15.357  -13.505 -4.951  1.00 21.60 ? 208 HOH A O   1 
HETATM 833 O  O   . HOH G 3 .   ? -13.576 -4.042  -15.321 1.00 9.73  ? 209 HOH A O   1 
HETATM 834 O  O   . HOH G 3 .   ? -6.511  -2.808  -11.087 1.00 29.54 ? 210 HOH A O   1 
HETATM 835 O  O   . HOH G 3 .   ? 1.922   6.777   8.964   1.00 18.75 ? 211 HOH A O   1 
HETATM 836 O  O   . HOH G 3 .   ? 1.009   7.513   5.224   1.00 9.31  ? 212 HOH A O   1 
HETATM 837 O  O   . HOH G 3 .   ? -13.817 -6.824  -15.555 1.00 26.37 ? 213 HOH A O   1 
HETATM 838 O  O   . HOH G 3 .   ? 5.879   -0.755  20.774  1.00 35.42 ? 214 HOH A O   1 
HETATM 839 O  O   . HOH G 3 .   ? 7.230   -0.923  16.939  1.00 18.26 ? 215 HOH A O   1 
HETATM 840 O  O   . HOH G 3 .   ? 2.361   -0.863  19.917  1.00 16.32 ? 216 HOH A O   1 
HETATM 841 O  O   . HOH G 3 .   ? 2.253   -5.244  22.219  1.00 10.05 ? 217 HOH A O   1 
HETATM 842 O  O   . HOH G 3 .   ? 8.375   -11.130 -2.010  1.00 30.84 ? 218 HOH A O   1 
HETATM 843 O  O   . HOH G 3 .   ? 2.056   0.797   17.861  1.00 29.20 ? 219 HOH A O   1 
HETATM 844 O  O   . HOH G 3 .   ? 17.146  13.504  0.036   1.00 43.20 ? 220 HOH A O   1 
HETATM 845 O  O   . HOH G 3 .   ? 15.517  2.668   9.407   1.00 46.22 ? 221 HOH A O   1 
HETATM 846 O  O   . HOH G 3 .   ? -17.051 11.793  5.166   1.00 18.11 ? 222 HOH A O   1 
HETATM 847 O  O   . HOH G 3 .   ? -12.692 -0.684  -17.995 1.00 28.73 ? 223 HOH A O   1 
HETATM 848 O  O   . HOH G 3 .   ? -12.401 3.382   1.842   1.00 29.27 ? 224 HOH A O   1 
HETATM 849 O  O   . HOH G 3 .   ? 0.200   6.711   -9.126  1.00 23.66 ? 225 HOH A O   1 
HETATM 850 O  O   . HOH G 3 .   ? -4.739  -9.729  -4.397  1.00 29.69 ? 226 HOH A O   1 
HETATM 851 O  O   . HOH G 3 .   ? -12.689 9.560   -0.183  1.00 17.38 ? 227 HOH A O   1 
HETATM 852 O  O   . HOH G 3 .   ? -15.451 -6.377  -4.785  1.00 22.07 ? 228 HOH A O   1 
# 
